data_6DE7
#
_entry.id   6DE7
#
_cell.length_a   128.655
_cell.length_b   128.655
_cell.length_c   312.918
_cell.angle_alpha   90.00
_cell.angle_beta   90.00
_cell.angle_gamma   120.00
#
_symmetry.space_group_name_H-M   'P 63'
#
loop_
_entity.id
_entity.type
_entity.pdbx_description
1 polymer 'Envelope glycoprotein gp160'
2 polymer '35O22 heavy chain'
3 polymer '35O22 light chain'
4 polymer 'Envelope glycoprotein gp160'
5 polymer 'PGT122 Heavy chain'
6 polymer 'PGT122 Light Chain'
7 branched beta-D-mannopyranose-(1-4)-2-acetamido-2-deoxy-beta-D-glucopyranose-(1-4)-2-acetamido-2-deoxy-beta-D-glucopyranose
8 branched alpha-D-mannopyranose-(1-3)-[alpha-D-mannopyranose-(1-6)]alpha-D-mannopyranose-(1-6)-[alpha-D-mannopyranose-(1-3)]beta-D-mannopyranose-(1-4)-2-acetamido-2-deoxy-beta-D-glucopyranose-(1-4)-2-acetamido-2-deoxy-beta-D-glucopyranose
9 branched alpha-D-mannopyranose-(1-3)-beta-D-mannopyranose-(1-4)-2-acetamido-2-deoxy-beta-D-glucopyranose-(1-4)-2-acetamido-2-deoxy-beta-D-glucopyranose
10 branched 2-acetamido-2-deoxy-beta-D-glucopyranose-(1-4)-2-acetamido-2-deoxy-beta-D-glucopyranose
11 branched alpha-D-mannopyranose-(1-2)-alpha-D-mannopyranose-(1-3)-[alpha-D-mannopyranose-(1-6)]beta-D-mannopyranose-(1-4)-2-acetamido-2-deoxy-beta-D-glucopyranose-(1-4)-2-acetamido-2-deoxy-beta-D-glucopyranose
12 branched alpha-D-mannopyranose-(1-3)-[alpha-D-mannopyranose-(1-6)]beta-D-mannopyranose-(1-4)-2-acetamido-2-deoxy-beta-D-glucopyranose-(1-4)-2-acetamido-2-deoxy-beta-D-glucopyranose
13 branched alpha-D-mannopyranose-(1-2)-alpha-D-mannopyranose-(1-2)-alpha-D-mannopyranose-(1-3)-[alpha-D-mannopyranose-(1-3)-[alpha-D-mannopyranose-(1-6)]alpha-D-mannopyranose-(1-6)]beta-D-mannopyranose-(1-4)-2-acetamido-2-deoxy-beta-D-glucopyranose-(1-4)-2-acetamido-2-deoxy-beta-D-glucopyranose
14 non-polymer 2-acetamido-2-deoxy-beta-D-glucopyranose
15 non-polymer 'SULFATE ION'
#
loop_
_entity_poly.entity_id
_entity_poly.type
_entity_poly.pdbx_seq_one_letter_code
_entity_poly.pdbx_strand_id
1 'polypeptide(L)'
;AVGIGAVFLGFLGAAGSTMGAASMTLTVQARNLLSGIVQQQSNLLRAPEAQQHLLKLTVWGIKQLQARVLAVERYLRDQQ
LLGIWGCSGKLICCTNVPWNSSWSNRNLSEIWDNMTWLQWDKEISNYTQIIYGLLEESQNQQEKNEQDLLALD
;
B
2 'polypeptide(L)'
;QGQLVQSGAELKKPGASVKISCKTSGYRFNFYHINWIRQTAGRGPEWMGWISPYSGDKNLAPAFQDRVIMTTDTEVPVTS
FTSTGAAYMEIRNLKFDDTGTYFCAKGLLRDGSSTWLPYLWGQGTLLTVSSASTKGPSVFPLAPSSKSTSGGTAALGCLV
KDYFPEPVTVSWNSGALTSGVHTFPAVLQSSGLYSLSSVVTVPSSSLGTQTYICNVNHKPSNTKVDKRVEPKSCDKGLEV
LFQ
;
D
3 'polypeptide(L)'
;QSVLTQSASVSGSLGQSVTISCTGPNSVCCSHKSISWYQWPPGRAPTLIIYEDNERAPGISPRFSGYKSYWSAYLTISDL
RPEDETTYYCCSYTHNSGCVFGTGTKVSVLGQSKANPSVTLFPPSSEELQANKATLVCLISDFYPGAVTVAWKADSSPVK
AGVETTTPSKQSNNKYAASSYLSLTPEQWKSHRSYSCQVTHEGSTVEKTVAPTECS
;
E
4 'polypeptide(L)'
;AENLWVTVYYGVPVWKDAETTLFCASDAKAYETEKHNVWATHACVPTDPNPQEIHLENVTEEFNMWKNNMVEQMHTDIIS
LWCQSLKPCVKLTPLCVTLQCTNVTNNITDDMRGELKNCSFNMTTELRDKKQKVYSLFYRLDVVQINENQGNRSNNSNKE
YRLINCNTSAITQACPKVSFEPIPIHYCAPAGFAILKCKDKKFNGTGPCPSVSTVQCTHGIKPVVSTQLLLNGSLAEEEV
MIRSENITNNAKNILVQFNTPVQINCTRPNNNTRKSIRIGPGQAFYATGDIIGDIRQAHCNVSKATWNETLGKVVKQLRK
HFGNNTIIRFANSSGGDLEVTTHSFNCGGEFFYCNTSGLFNSTWISNTSVQGSNSTGSNDSITLPCRIKQIINMWQGCGI
GQAMYAPPIQGVIRCVSNITGLILTRDGGSTNSTTETFRPGGGDMRDNWRSELYKYKVVKIEPLGVAPTRCKRRVVGRRR
RRR
;
G
5 'polypeptide(L)'
;QVHLQESGPGLVKPSETLSLTCNVSGTLVRDNYWSWIRQPLGKQPEWIGYVHDSGDTNYNPSLKSRVHLSLDKSKNLVSL
RLTGVTAADSAIYYCATTKHGRRIYGVVAFKEWFTYFYMDVWGKGTSVTVSSASTKGPSVFPLAPSSKSTSGGTAALGCL
VKDYFPEPVTVSWNSGALTSGVHTFPAVLQSSGLYSLSSVVTVPSSSLGTQTYICNVNHKPSNTKVDKRVEPKSC
;
H
6 'polypeptide(L)'
;APTFVSVAPGQTARITCGEESLGSRSVIWYQQRPGQAPSLIIYNNNDRPSGIPDRFSGSPGSTFGTTATLTITSVEAGDE
ADYYCHIWDSRRPTNWVFGEGTTLIVLSQPKAAPSVTLFPPSSEELQANKATLVCLISDFYPGAVTVAWKADSSPVKAGV
ETTTPSKQSNNKYAASSYLSLTPEQWKSHKSYSCQVTHEGSTVEKTVAPTECS
;
L
#
# COMPACT_ATOMS: atom_id res chain seq x y z
N VAL A 7 25.82 -10.37 36.89
CA VAL A 7 25.55 -9.92 35.54
C VAL A 7 25.15 -8.45 35.56
N PHE A 8 25.01 -7.86 34.36
CA PHE A 8 24.48 -6.52 34.19
C PHE A 8 23.30 -6.62 33.23
N LEU A 9 22.10 -6.79 33.78
CA LEU A 9 20.89 -6.85 32.97
C LEU A 9 20.56 -5.51 32.31
N GLY A 10 21.21 -4.43 32.75
CA GLY A 10 20.99 -3.13 32.15
C GLY A 10 19.96 -2.30 32.88
N PHE A 11 19.67 -1.15 32.28
CA PHE A 11 18.70 -0.23 32.86
C PHE A 11 17.34 -0.89 32.99
N LEU A 12 16.76 -0.80 34.19
CA LEU A 12 15.42 -1.34 34.45
C LEU A 12 15.32 -2.82 34.09
N GLY A 13 16.44 -3.53 34.15
CA GLY A 13 16.41 -4.95 33.85
C GLY A 13 15.45 -5.70 34.76
N ALA A 14 15.55 -5.45 36.06
CA ALA A 14 14.72 -6.16 37.05
C ALA A 14 13.46 -5.39 37.40
N ALA A 15 12.69 -5.01 36.39
CA ALA A 15 11.42 -4.34 36.61
C ALA A 15 10.27 -5.30 36.81
N GLY A 16 10.37 -6.52 36.30
CA GLY A 16 9.42 -7.57 36.56
C GLY A 16 9.87 -8.60 37.59
N SER A 17 10.96 -8.34 38.30
CA SER A 17 11.52 -9.28 39.25
C SER A 17 11.09 -8.94 40.67
N THR A 18 11.23 -9.93 41.55
CA THR A 18 10.91 -9.75 42.95
C THR A 18 11.75 -8.65 43.57
N MET A 19 11.23 -8.04 44.63
CA MET A 19 11.93 -6.94 45.27
C MET A 19 13.30 -7.38 45.78
N GLY A 20 13.44 -8.64 46.19
CA GLY A 20 14.73 -9.13 46.63
C GLY A 20 15.73 -9.28 45.50
N ALA A 21 15.25 -9.67 44.32
CA ALA A 21 16.13 -9.81 43.16
C ALA A 21 16.44 -8.47 42.53
N ALA A 22 15.54 -7.50 42.64
CA ALA A 22 15.78 -6.15 42.11
C ALA A 22 16.58 -5.29 43.07
N SER A 23 16.71 -5.70 44.34
CA SER A 23 17.55 -4.99 45.29
C SER A 23 19.04 -5.11 44.96
N MET A 24 19.39 -5.90 43.95
CA MET A 24 20.79 -6.03 43.52
C MET A 24 21.17 -5.00 42.47
N THR A 25 20.20 -4.43 41.76
CA THR A 25 20.45 -3.58 40.60
C THR A 25 20.12 -2.12 40.89
N LEU A 26 20.38 -1.65 42.11
CA LEU A 26 20.07 -0.28 42.47
C LEU A 26 21.14 0.71 42.03
N THR A 27 22.37 0.25 41.79
CA THR A 27 23.44 1.13 41.32
C THR A 27 23.39 1.33 39.81
N VAL A 28 22.55 0.59 39.10
CA VAL A 28 22.43 0.74 37.65
C VAL A 28 21.34 1.76 37.30
N GLN A 29 20.17 1.64 37.93
CA GLN A 29 19.10 2.60 37.68
C GLN A 29 19.47 3.99 38.18
N ALA A 30 20.34 4.09 39.17
CA ALA A 30 20.81 5.39 39.64
C ALA A 30 21.85 5.98 38.72
N ARG A 31 22.57 5.15 37.96
CA ARG A 31 23.61 5.65 37.06
C ARG A 31 22.99 6.41 35.89
N ASN A 32 22.00 5.80 35.23
CA ASN A 32 21.36 6.38 34.05
C ASN A 32 20.17 7.26 34.42
N LEU A 33 20.20 7.92 35.58
CA LEU A 33 19.08 8.72 36.05
C LEU A 33 19.32 10.21 35.91
N LEU A 34 20.51 10.64 35.50
CA LEU A 34 20.80 12.05 35.32
C LEU A 34 21.15 12.39 33.87
N SER A 35 22.17 11.73 33.30
CA SER A 35 22.60 12.05 31.93
C SER A 35 23.17 10.76 31.33
N GLY A 36 22.27 9.85 30.97
CA GLY A 36 22.67 8.60 30.35
C GLY A 36 23.31 7.64 31.34
N LEU A 55 23.97 24.94 17.99
CA LEU A 55 22.53 24.84 18.12
C LEU A 55 21.92 26.24 17.98
N LYS A 56 21.58 26.61 16.75
CA LYS A 56 21.19 27.98 16.44
C LYS A 56 19.79 28.29 16.94
N LEU A 57 19.36 29.53 16.70
CA LEU A 57 18.00 29.98 16.97
C LEU A 57 17.00 29.01 16.35
N THR A 58 16.32 28.23 17.19
CA THR A 58 15.39 27.21 16.69
C THR A 58 14.32 26.98 17.75
N VAL A 59 13.52 25.94 17.54
CA VAL A 59 12.54 25.50 18.52
C VAL A 59 12.97 24.23 19.24
N TRP A 60 13.92 23.47 18.70
CA TRP A 60 14.41 22.28 19.37
C TRP A 60 15.31 22.62 20.54
N GLY A 61 16.02 23.76 20.47
CA GLY A 61 16.89 24.13 21.57
C GLY A 61 16.14 24.22 22.89
N ILE A 62 15.03 24.96 22.91
CA ILE A 62 14.18 25.01 24.09
C ILE A 62 13.54 23.64 24.31
N LYS A 63 13.17 22.95 23.23
CA LYS A 63 12.60 21.61 23.36
C LYS A 63 13.49 20.71 24.19
N GLN A 64 14.81 20.81 23.98
CA GLN A 64 15.76 20.03 24.77
C GLN A 64 16.07 20.67 26.11
N LEU A 65 16.03 22.00 26.18
CA LEU A 65 16.47 22.68 27.39
C LEU A 65 15.47 22.48 28.53
N GLN A 66 14.18 22.71 28.25
CA GLN A 66 13.18 22.53 29.30
C GLN A 66 13.12 21.08 29.77
N ALA A 67 13.45 20.14 28.88
CA ALA A 67 13.57 18.75 29.31
C ALA A 67 14.86 18.55 30.10
N ARG A 68 15.93 19.23 29.70
CA ARG A 68 17.22 19.09 30.38
C ARG A 68 17.22 19.76 31.75
N VAL A 69 16.26 20.65 32.01
CA VAL A 69 16.10 21.17 33.37
C VAL A 69 15.12 20.34 34.17
N LEU A 70 14.09 19.79 33.52
CA LEU A 70 13.17 18.89 34.23
C LEU A 70 13.91 17.66 34.75
N ALA A 71 14.90 17.19 34.01
CA ALA A 71 15.77 16.13 34.50
C ALA A 71 16.38 16.52 35.85
N VAL A 72 16.90 17.74 35.95
CA VAL A 72 17.56 18.17 37.17
C VAL A 72 16.55 18.36 38.30
N GLU A 73 15.39 18.92 37.99
CA GLU A 73 14.36 19.09 39.01
C GLU A 73 13.90 17.75 39.55
N ARG A 74 13.70 16.77 38.66
CA ARG A 74 13.25 15.45 39.06
C ARG A 74 14.33 14.71 39.85
N TYR A 75 15.60 15.03 39.63
CA TYR A 75 16.67 14.41 40.39
C TYR A 75 16.78 15.02 41.79
N LEU A 76 16.85 16.36 41.86
CA LEU A 76 17.04 17.01 43.15
C LEU A 76 15.79 16.95 44.02
N ARG A 77 14.61 16.84 43.41
CA ARG A 77 13.42 16.57 44.22
C ARG A 77 13.64 15.35 45.09
N ASP A 78 14.18 14.28 44.49
CA ASP A 78 14.48 13.07 45.24
C ASP A 78 15.63 13.30 46.22
N GLN A 79 16.66 14.04 45.78
CA GLN A 79 17.87 14.17 46.59
C GLN A 79 17.62 14.99 47.85
N GLN A 80 16.80 16.03 47.77
CA GLN A 80 16.54 16.83 48.96
C GLN A 80 15.80 16.01 50.01
N LEU A 81 14.87 15.16 49.56
CA LEU A 81 14.20 14.25 50.49
C LEU A 81 15.19 13.26 51.08
N LEU A 82 16.06 12.71 50.23
CA LEU A 82 17.07 11.77 50.72
C LEU A 82 18.04 12.44 51.68
N GLY A 83 18.22 13.75 51.57
CA GLY A 83 19.10 14.47 52.46
C GLY A 83 18.44 14.82 53.78
N ILE A 84 17.23 15.37 53.71
CA ILE A 84 16.52 15.74 54.94
C ILE A 84 16.09 14.50 55.70
N TRP A 85 16.10 13.33 55.06
CA TRP A 85 16.02 12.08 55.79
C TRP A 85 17.41 11.69 56.28
N GLY A 86 17.46 10.66 57.11
CA GLY A 86 18.71 10.31 57.76
C GLY A 86 19.80 9.79 56.85
N CYS A 87 19.53 9.62 55.56
CA CYS A 87 20.43 8.84 54.69
C CYS A 87 20.75 9.59 53.40
N SER A 88 21.92 10.22 53.38
CA SER A 88 22.50 10.77 52.16
C SER A 88 23.41 9.77 51.47
N GLY A 89 23.38 8.49 51.88
CA GLY A 89 24.24 7.49 51.27
C GLY A 89 23.86 7.18 49.84
N LYS A 90 22.58 7.39 49.48
CA LYS A 90 22.09 7.37 48.11
C LYS A 90 22.00 5.96 47.52
N LEU A 91 22.02 4.90 48.33
CA LEU A 91 21.86 3.56 47.79
C LEU A 91 20.72 2.83 48.49
N ILE A 92 20.96 2.37 49.73
CA ILE A 92 19.96 1.69 50.53
C ILE A 92 20.15 2.16 51.97
N CYS A 93 19.09 2.02 52.77
CA CYS A 93 19.18 2.59 54.10
C CYS A 93 18.07 2.08 54.99
N CYS A 94 18.35 2.05 56.29
CA CYS A 94 17.38 1.70 57.32
C CYS A 94 17.06 2.92 58.16
N THR A 95 15.91 2.87 58.83
CA THR A 95 15.41 4.03 59.57
C THR A 95 14.76 3.59 60.86
N ASN A 96 14.73 4.52 61.81
CA ASN A 96 14.16 4.30 63.14
C ASN A 96 12.70 4.71 63.18
N VAL A 97 11.90 4.20 62.25
CA VAL A 97 10.46 4.42 62.21
C VAL A 97 9.79 3.05 62.20
N PRO A 98 8.95 2.71 63.17
CA PRO A 98 8.35 1.39 63.18
C PRO A 98 7.40 1.20 62.02
N TRP A 99 7.53 0.08 61.32
CA TRP A 99 6.63 -0.23 60.20
C TRP A 99 5.23 -0.44 60.74
N ASN A 100 4.35 0.55 60.53
CA ASN A 100 2.99 0.49 61.02
C ASN A 100 2.21 -0.59 60.26
N SER A 101 1.79 -1.64 60.98
CA SER A 101 1.14 -2.79 60.33
C SER A 101 -0.01 -2.34 59.44
N SER A 102 -0.78 -1.35 59.87
CA SER A 102 -1.95 -0.87 59.14
C SER A 102 -1.66 -0.56 57.68
N TRP A 103 -0.37 -0.51 57.30
CA TRP A 103 -0.01 -0.12 55.95
C TRP A 103 -0.10 -1.29 54.97
N SER A 104 0.27 -2.51 55.39
CA SER A 104 0.29 -3.62 54.45
C SER A 104 -0.27 -4.92 55.01
N ASN A 105 0.23 -5.34 56.18
CA ASN A 105 -0.12 -6.65 56.76
C ASN A 105 0.40 -7.80 55.90
N ARG A 106 1.59 -7.63 55.35
CA ARG A 106 2.24 -8.66 54.53
C ARG A 106 3.57 -9.04 55.16
N ASN A 107 4.14 -10.13 54.66
CA ASN A 107 5.26 -10.79 55.33
C ASN A 107 6.57 -10.54 54.61
N LEU A 108 7.66 -10.68 55.37
CA LEU A 108 8.99 -10.38 54.85
C LEU A 108 9.35 -11.31 53.69
N SER A 109 9.05 -12.60 53.82
CA SER A 109 9.35 -13.54 52.76
C SER A 109 8.21 -13.65 51.75
N GLU A 110 7.15 -12.85 51.90
CA GLU A 110 6.04 -12.82 50.96
C GLU A 110 6.01 -11.54 50.13
N ILE A 111 6.92 -10.60 50.37
CA ILE A 111 7.11 -9.45 49.51
C ILE A 111 8.47 -9.48 48.82
N TRP A 112 9.52 -9.85 49.54
CA TRP A 112 10.86 -9.85 48.97
C TRP A 112 11.12 -11.05 48.08
N ASP A 113 10.21 -12.02 48.04
CA ASP A 113 10.34 -13.17 47.16
C ASP A 113 9.06 -13.46 46.39
N ASN A 114 8.06 -12.57 46.46
CA ASN A 114 6.79 -12.85 45.81
C ASN A 114 6.06 -11.58 45.37
N MET A 115 6.77 -10.49 45.13
CA MET A 115 6.10 -9.25 44.73
C MET A 115 7.11 -8.35 44.02
N THR A 116 6.60 -7.59 43.06
CA THR A 116 7.41 -6.69 42.25
C THR A 116 7.30 -5.27 42.76
N TRP A 117 8.36 -4.49 42.55
CA TRP A 117 8.42 -3.14 43.07
C TRP A 117 7.21 -2.32 42.64
N LEU A 118 6.81 -2.45 41.38
CA LEU A 118 5.66 -1.69 40.89
C LEU A 118 4.40 -2.08 41.66
N GLN A 119 4.13 -3.37 41.76
CA GLN A 119 3.00 -3.84 42.56
C GLN A 119 3.08 -3.28 43.97
N TRP A 120 4.27 -3.29 44.56
CA TRP A 120 4.44 -2.81 45.93
C TRP A 120 4.07 -1.34 46.04
N ASP A 121 4.64 -0.49 45.18
CA ASP A 121 4.25 0.91 45.17
C ASP A 121 2.76 1.07 44.92
N LYS A 122 2.18 0.16 44.14
CA LYS A 122 0.74 0.21 43.90
C LYS A 122 -0.05 0.02 45.19
N GLU A 123 0.48 -0.78 46.12
CA GLU A 123 -0.17 -0.96 47.41
C GLU A 123 0.03 0.27 48.30
N ILE A 124 1.26 0.77 48.37
CA ILE A 124 1.62 1.77 49.37
C ILE A 124 1.49 3.20 48.85
N SER A 125 1.00 3.40 47.63
CA SER A 125 0.85 4.75 47.10
C SER A 125 0.01 5.63 48.01
N ASN A 126 -0.96 5.03 48.71
CA ASN A 126 -1.86 5.81 49.56
C ASN A 126 -1.12 6.50 50.70
N TYR A 127 -0.18 5.80 51.34
CA TYR A 127 0.44 6.26 52.58
C TYR A 127 1.81 6.89 52.37
N THR A 128 2.30 6.95 51.12
CA THR A 128 3.66 7.41 50.87
C THR A 128 3.92 8.76 51.52
N GLN A 129 3.02 9.73 51.31
CA GLN A 129 3.24 11.07 51.86
C GLN A 129 3.31 11.03 53.37
N ILE A 130 2.48 10.20 54.01
CA ILE A 130 2.51 10.06 55.46
C ILE A 130 3.89 9.63 55.92
N ILE A 131 4.43 8.58 55.29
CA ILE A 131 5.74 8.06 55.68
C ILE A 131 6.79 9.16 55.60
N TYR A 132 6.72 9.99 54.55
CA TYR A 132 7.72 11.04 54.38
C TYR A 132 7.69 12.01 55.56
N GLY A 133 6.49 12.33 56.06
CA GLY A 133 6.41 13.16 57.26
C GLY A 133 7.13 12.54 58.44
N LEU A 134 6.93 11.24 58.65
CA LEU A 134 7.54 10.56 59.78
C LEU A 134 9.04 10.48 59.65
N LEU A 135 9.57 10.30 58.43
CA LEU A 135 11.01 10.24 58.23
C LEU A 135 11.65 11.58 58.52
N GLU A 136 11.07 12.66 58.00
CA GLU A 136 11.60 14.00 58.27
C GLU A 136 11.63 14.28 59.76
N GLU A 137 10.56 13.92 60.47
CA GLU A 137 10.54 14.12 61.92
C GLU A 137 11.63 13.31 62.60
N SER A 138 11.69 12.00 62.33
CA SER A 138 12.67 11.15 62.99
C SER A 138 14.09 11.66 62.76
N GLN A 139 14.37 12.18 61.57
CA GLN A 139 15.74 12.59 61.26
C GLN A 139 16.10 13.89 61.97
N ASN A 140 15.26 14.92 61.84
CA ASN A 140 15.51 16.16 62.58
C ASN A 140 15.63 15.86 64.07
N GLN A 141 14.81 14.93 64.56
CA GLN A 141 14.86 14.55 65.97
C GLN A 141 16.18 13.88 66.31
N GLN A 142 16.67 12.99 65.45
CA GLN A 142 17.93 12.33 65.74
C GLN A 142 19.09 13.33 65.76
N GLU A 143 19.13 14.24 64.79
CA GLU A 143 20.24 15.18 64.71
C GLU A 143 20.25 16.13 65.90
N LYS A 144 19.08 16.67 66.25
CA LYS A 144 19.00 17.49 67.46
C LYS A 144 19.47 16.71 68.68
N ASN A 145 19.16 15.41 68.72
CA ASN A 145 19.52 14.59 69.87
C ASN A 145 21.01 14.31 69.91
N GLU A 146 21.65 14.17 68.75
CA GLU A 146 23.07 13.87 68.72
C GLU A 146 23.93 15.09 69.05
N GLN A 147 23.43 16.30 68.77
CA GLN A 147 24.17 17.49 69.16
C GLN A 147 24.33 17.57 70.67
N ASP A 148 23.36 17.06 71.42
CA ASP A 148 23.44 17.10 72.88
C ASP A 148 24.48 16.12 73.41
N LEU A 149 24.68 14.99 72.72
CA LEU A 149 25.75 14.07 73.10
C LEU A 149 27.12 14.65 72.75
N LEU A 150 27.21 15.36 71.62
CA LEU A 150 28.48 15.94 71.22
C LEU A 150 28.88 17.14 72.07
N ALA A 151 27.91 17.81 72.69
CA ALA A 151 28.20 19.04 73.42
C ALA A 151 28.68 18.79 74.84
N LEU A 152 28.34 17.65 75.44
CA LEU A 152 28.78 17.36 76.80
C LEU A 152 30.24 16.93 76.87
N ASP A 153 30.79 16.40 75.78
CA ASP A 153 32.19 16.00 75.74
C ASP A 153 33.03 17.11 75.11
N GLN B 1 -5.41 -16.16 45.94
CA GLN B 1 -5.43 -14.92 45.11
C GLN B 1 -5.98 -15.23 43.71
N GLY B 2 -5.82 -16.48 43.29
CA GLY B 2 -6.26 -16.92 41.97
C GLY B 2 -7.52 -17.76 42.04
N GLN B 3 -7.61 -18.73 41.12
CA GLN B 3 -8.77 -19.59 41.02
C GLN B 3 -8.49 -20.72 40.03
N LEU B 4 -8.23 -21.93 40.53
CA LEU B 4 -7.88 -23.06 39.70
C LEU B 4 -9.11 -23.92 39.46
N VAL B 5 -9.44 -24.12 38.18
CA VAL B 5 -10.57 -24.94 37.77
C VAL B 5 -10.05 -26.04 36.85
N GLN B 6 -10.54 -27.25 37.04
CA GLN B 6 -10.06 -28.42 36.31
C GLN B 6 -11.14 -28.98 35.40
N SER B 7 -10.72 -29.88 34.52
CA SER B 7 -11.63 -30.57 33.63
C SER B 7 -12.45 -31.59 34.42
N GLY B 8 -13.33 -32.31 33.70
CA GLY B 8 -14.28 -33.19 34.33
C GLY B 8 -13.75 -34.58 34.59
N ALA B 9 -14.58 -35.39 35.25
CA ALA B 9 -14.24 -36.76 35.61
C ALA B 9 -14.55 -37.69 34.46
N GLU B 10 -13.57 -38.51 34.08
CA GLU B 10 -13.71 -39.44 32.97
C GLU B 10 -13.47 -40.87 33.42
N LEU B 11 -14.14 -41.80 32.76
CA LEU B 11 -13.89 -43.23 32.91
C LEU B 11 -13.07 -43.68 31.70
N LYS B 12 -11.84 -44.15 31.95
CA LYS B 12 -10.98 -44.65 30.90
C LYS B 12 -10.46 -46.02 31.28
N LYS B 13 -10.54 -46.96 30.34
CA LYS B 13 -10.12 -48.32 30.59
C LYS B 13 -8.60 -48.40 30.70
N PRO B 14 -8.09 -49.34 31.50
CA PRO B 14 -6.63 -49.42 31.69
C PRO B 14 -5.89 -49.52 30.37
N GLY B 15 -4.63 -49.09 30.37
CA GLY B 15 -3.83 -49.06 29.17
C GLY B 15 -3.98 -47.75 28.42
N ALA B 16 -5.21 -47.39 28.09
CA ALA B 16 -5.50 -46.15 27.39
C ALA B 16 -4.91 -44.96 28.14
N SER B 17 -4.89 -43.79 27.49
CA SER B 17 -4.31 -42.59 28.06
C SER B 17 -5.40 -41.57 28.38
N VAL B 18 -5.04 -40.58 29.20
CA VAL B 18 -5.96 -39.53 29.59
C VAL B 18 -5.18 -38.24 29.77
N LYS B 19 -5.84 -37.12 29.56
CA LYS B 19 -5.22 -35.80 29.65
C LYS B 19 -6.10 -34.89 30.49
N ILE B 20 -5.58 -34.45 31.63
CA ILE B 20 -6.32 -33.60 32.57
C ILE B 20 -5.86 -32.16 32.36
N SER B 21 -6.82 -31.25 32.26
CA SER B 21 -6.54 -29.82 32.10
C SER B 21 -6.78 -29.10 33.42
N CYS B 22 -6.14 -27.93 33.54
CA CYS B 22 -6.22 -27.13 34.77
C CYS B 22 -6.12 -25.67 34.32
N LYS B 23 -7.27 -25.00 34.23
CA LYS B 23 -7.32 -23.62 33.76
C LYS B 23 -7.27 -22.66 34.94
N THR B 24 -6.55 -21.56 34.76
CA THR B 24 -6.27 -20.62 35.83
C THR B 24 -7.01 -19.30 35.58
N SER B 25 -6.95 -18.43 36.58
CA SER B 25 -7.54 -17.10 36.50
C SER B 25 -7.26 -16.31 37.77
N GLY B 26 -6.70 -15.12 37.62
CA GLY B 26 -6.50 -14.22 38.73
C GLY B 26 -5.06 -13.98 39.16
N TYR B 27 -4.07 -14.30 38.33
CA TYR B 27 -2.68 -14.07 38.68
C TYR B 27 -1.81 -14.38 37.48
N ARG B 28 -0.54 -13.99 37.58
CA ARG B 28 0.43 -14.23 36.51
C ARG B 28 0.72 -15.72 36.44
N PHE B 29 0.13 -16.38 35.44
CA PHE B 29 0.29 -17.83 35.29
C PHE B 29 1.76 -18.24 35.31
N ASN B 30 2.63 -17.43 34.72
CA ASN B 30 4.03 -17.80 34.56
C ASN B 30 4.86 -17.55 35.82
N PHE B 31 4.29 -16.91 36.85
CA PHE B 31 5.08 -16.52 38.02
C PHE B 31 5.21 -17.63 39.06
N TYR B 32 4.44 -18.71 38.93
CA TYR B 32 4.49 -19.78 39.93
C TYR B 32 4.41 -21.13 39.23
N HIS B 33 4.97 -22.15 39.88
CA HIS B 33 4.96 -23.49 39.32
C HIS B 33 3.57 -24.11 39.43
N ILE B 34 3.37 -25.18 38.67
CA ILE B 34 2.16 -25.97 38.73
C ILE B 34 2.55 -27.39 39.13
N ASN B 35 2.14 -27.81 40.31
CA ASN B 35 2.41 -29.15 40.80
C ASN B 35 1.18 -30.03 40.54
N TRP B 36 1.44 -31.32 40.33
CA TRP B 36 0.39 -32.31 40.13
C TRP B 36 0.52 -33.39 41.18
N ILE B 37 -0.50 -33.54 42.02
CA ILE B 37 -0.51 -34.51 43.10
C ILE B 37 -1.79 -35.32 42.99
N ARG B 38 -1.67 -36.64 43.13
CA ARG B 38 -2.81 -37.54 43.10
C ARG B 38 -3.06 -38.09 44.50
N GLN B 39 -4.24 -38.69 44.68
CA GLN B 39 -4.54 -39.40 45.92
C GLN B 39 -5.43 -40.58 45.58
N THR B 40 -4.91 -41.79 45.79
CA THR B 40 -5.67 -43.02 45.64
C THR B 40 -5.82 -43.66 47.01
N ALA B 41 -6.94 -44.37 47.21
CA ALA B 41 -7.34 -44.79 48.55
C ALA B 41 -6.49 -45.93 49.11
N GLY B 42 -5.45 -46.37 48.41
CA GLY B 42 -4.64 -47.48 48.89
C GLY B 42 -3.23 -47.08 49.27
N ARG B 43 -2.57 -46.33 48.40
CA ARG B 43 -1.21 -45.89 48.66
C ARG B 43 -1.18 -44.63 49.52
N GLY B 44 -2.12 -43.71 49.26
CA GLY B 44 -2.18 -42.45 49.96
C GLY B 44 -1.94 -41.28 49.03
N PRO B 45 -1.71 -40.10 49.60
CA PRO B 45 -1.36 -38.94 48.76
C PRO B 45 0.02 -39.12 48.14
N GLU B 46 0.17 -38.60 46.92
CA GLU B 46 1.38 -38.87 46.15
C GLU B 46 1.67 -37.72 45.20
N TRP B 47 2.84 -37.11 45.36
CA TRP B 47 3.32 -36.10 44.43
C TRP B 47 3.91 -36.76 43.19
N MET B 48 3.66 -36.15 42.04
CA MET B 48 4.08 -36.71 40.76
C MET B 48 5.08 -35.84 40.00
N GLY B 49 5.03 -34.54 40.18
CA GLY B 49 5.93 -33.64 39.48
C GLY B 49 5.39 -32.24 39.47
N TRP B 50 6.23 -31.32 39.00
CA TRP B 50 5.84 -29.93 38.84
C TRP B 50 6.47 -29.39 37.58
N ILE B 51 5.99 -28.22 37.16
CA ILE B 51 6.46 -27.57 35.93
C ILE B 51 6.51 -26.07 36.16
N SER B 52 7.43 -25.42 35.45
CA SER B 52 7.58 -23.97 35.50
C SER B 52 7.10 -23.38 34.17
N PRO B 53 5.98 -22.66 34.12
CA PRO B 53 5.49 -22.18 32.81
C PRO B 53 6.45 -21.23 32.13
N TYR B 54 6.93 -20.21 32.85
CA TYR B 54 7.82 -19.21 32.26
C TYR B 54 8.95 -19.87 31.46
N SER B 55 9.72 -20.73 32.12
CA SER B 55 10.88 -21.35 31.48
C SER B 55 10.48 -22.62 30.73
N GLY B 56 10.05 -23.64 31.47
CA GLY B 56 9.80 -24.95 30.92
C GLY B 56 10.63 -25.98 31.65
N ASP B 57 10.62 -25.90 32.98
CA ASP B 57 11.48 -26.71 33.84
C ASP B 57 10.61 -27.72 34.58
N LYS B 58 10.91 -29.00 34.39
CA LYS B 58 10.11 -30.08 34.97
C LYS B 58 10.96 -30.93 35.90
N ASN B 59 10.28 -31.70 36.74
CA ASN B 59 10.96 -32.60 37.69
C ASN B 59 9.92 -33.63 38.15
N LEU B 60 9.86 -34.75 37.43
CA LEU B 60 8.94 -35.83 37.79
C LEU B 60 9.55 -36.71 38.88
N ALA B 61 8.71 -37.57 39.44
CA ALA B 61 9.17 -38.58 40.37
C ALA B 61 9.66 -39.79 39.60
N PRO B 62 10.56 -40.60 40.19
CA PRO B 62 11.02 -41.81 39.49
C PRO B 62 9.89 -42.73 39.09
N ALA B 63 8.79 -42.76 39.85
CA ALA B 63 7.70 -43.67 39.54
C ALA B 63 6.95 -43.22 38.29
N PHE B 64 6.61 -41.93 38.21
CA PHE B 64 5.93 -41.36 37.06
C PHE B 64 6.90 -40.87 35.99
N GLN B 65 8.18 -41.26 36.10
CA GLN B 65 9.18 -40.83 35.12
C GLN B 65 8.89 -41.39 33.73
N ASP B 66 8.18 -42.51 33.65
CA ASP B 66 8.15 -43.31 32.43
C ASP B 66 6.75 -43.47 31.84
N ARG B 67 5.78 -42.67 32.27
CA ARG B 67 4.44 -42.80 31.70
C ARG B 67 3.61 -41.53 31.86
N VAL B 68 4.23 -40.40 32.16
CA VAL B 68 3.53 -39.13 32.33
C VAL B 68 4.22 -38.07 31.48
N ILE B 69 3.43 -37.13 30.98
CA ILE B 69 3.94 -36.02 30.19
C ILE B 69 3.11 -34.78 30.52
N MET B 70 3.75 -33.77 31.08
CA MET B 70 3.11 -32.49 31.34
C MET B 70 3.30 -31.54 30.17
N THR B 71 2.31 -30.69 29.95
CA THR B 71 2.38 -29.67 28.92
C THR B 71 1.73 -28.39 29.44
N THR B 72 2.23 -27.26 28.96
CA THR B 72 1.77 -25.96 29.43
C THR B 72 1.57 -25.02 28.24
N ASP B 73 0.46 -24.30 28.26
CA ASP B 73 0.14 -23.34 27.21
C ASP B 73 0.92 -22.06 27.41
N THR B 74 0.47 -20.97 26.78
CA THR B 74 1.06 -19.65 26.97
C THR B 74 0.06 -18.75 27.68
N GLU B 75 0.60 -17.66 28.24
CA GLU B 75 -0.16 -16.77 29.10
C GLU B 75 -0.86 -15.68 28.28
N VAL B 76 -2.16 -15.54 28.47
CA VAL B 76 -2.93 -14.44 27.89
C VAL B 76 -3.18 -13.43 29.01
N PRO B 77 -2.54 -12.25 28.99
CA PRO B 77 -2.72 -11.30 30.09
C PRO B 77 -4.13 -10.73 30.11
N VAL B 78 -4.52 -10.27 31.30
CA VAL B 78 -5.77 -9.56 31.50
C VAL B 78 -5.54 -8.16 32.07
N THR B 79 -4.63 -8.04 33.03
CA THR B 79 -4.14 -6.75 33.49
C THR B 79 -2.63 -6.86 33.66
N SER B 80 -1.99 -5.75 34.02
CA SER B 80 -0.55 -5.71 34.13
C SER B 80 -0.01 -6.74 35.12
N PHE B 81 -0.84 -7.19 36.07
CA PHE B 81 -0.39 -8.10 37.11
C PHE B 81 -1.19 -9.39 37.19
N THR B 82 -2.13 -9.62 36.28
CA THR B 82 -2.88 -10.87 36.27
C THR B 82 -3.05 -11.33 34.83
N SER B 83 -3.29 -12.63 34.68
CA SER B 83 -3.42 -13.24 33.38
C SER B 83 -4.29 -14.49 33.53
N THR B 84 -4.42 -15.23 32.44
CA THR B 84 -5.09 -16.52 32.46
C THR B 84 -4.30 -17.50 31.60
N GLY B 85 -4.24 -18.75 32.06
CA GLY B 85 -3.52 -19.78 31.34
C GLY B 85 -4.07 -21.15 31.65
N ALA B 86 -3.40 -22.20 31.18
CA ALA B 86 -3.89 -23.56 31.39
C ALA B 86 -2.72 -24.53 31.33
N ALA B 87 -2.80 -25.57 32.14
CA ALA B 87 -1.77 -26.60 32.23
C ALA B 87 -2.42 -27.97 32.08
N TYR B 88 -1.76 -28.85 31.32
CA TYR B 88 -2.27 -30.18 31.05
C TYR B 88 -1.28 -31.22 31.56
N MET B 89 -1.79 -32.41 31.86
CA MET B 89 -0.97 -33.53 32.30
C MET B 89 -1.55 -34.80 31.71
N GLU B 90 -0.71 -35.57 31.02
CA GLU B 90 -1.13 -36.76 30.28
C GLU B 90 -0.55 -38.01 30.94
N ILE B 91 -1.42 -38.95 31.30
CA ILE B 91 -1.00 -40.25 31.80
C ILE B 91 -1.24 -41.27 30.69
N ARG B 92 -0.35 -42.27 30.62
CA ARG B 92 -0.34 -43.21 29.51
C ARG B 92 -0.62 -44.63 29.98
N ASN B 93 0.30 -45.28 30.69
CA ASN B 93 0.15 -46.67 31.09
C ASN B 93 -0.78 -46.74 32.29
N LEU B 94 -2.08 -46.65 32.01
CA LEU B 94 -3.09 -46.64 33.06
C LEU B 94 -3.17 -48.00 33.73
N LYS B 95 -2.96 -48.03 35.04
CA LYS B 95 -3.14 -49.21 35.86
C LYS B 95 -4.36 -49.05 36.75
N PHE B 96 -4.72 -50.15 37.43
CA PHE B 96 -5.76 -50.07 38.46
C PHE B 96 -5.29 -49.22 39.64
N ASP B 97 -3.99 -49.11 39.84
CA ASP B 97 -3.42 -48.27 40.89
C ASP B 97 -3.40 -46.79 40.50
N ASP B 98 -4.24 -46.37 39.56
CA ASP B 98 -4.30 -44.99 39.10
C ASP B 98 -5.71 -44.40 39.25
N THR B 99 -6.55 -45.04 40.06
CA THR B 99 -7.91 -44.55 40.30
C THR B 99 -7.94 -43.70 41.57
N GLY B 100 -8.81 -42.69 41.57
CA GLY B 100 -8.93 -41.80 42.70
C GLY B 100 -9.14 -40.35 42.31
N THR B 101 -8.39 -39.44 42.92
CA THR B 101 -8.51 -38.02 42.68
C THR B 101 -7.16 -37.46 42.27
N TYR B 102 -7.19 -36.40 41.46
CA TYR B 102 -5.97 -35.78 40.93
C TYR B 102 -6.12 -34.27 41.02
N PHE B 103 -5.15 -33.62 41.67
CA PHE B 103 -5.20 -32.19 41.95
C PHE B 103 -4.02 -31.48 41.31
N CYS B 104 -4.28 -30.31 40.74
CA CYS B 104 -3.23 -29.36 40.37
C CYS B 104 -3.12 -28.31 41.46
N ALA B 105 -1.92 -27.77 41.64
CA ALA B 105 -1.65 -26.86 42.74
C ALA B 105 -0.71 -25.75 42.32
N LYS B 106 -0.95 -24.56 42.85
CA LYS B 106 -0.17 -23.36 42.56
C LYS B 106 1.05 -23.29 43.46
N GLY B 107 2.15 -22.79 42.91
CA GLY B 107 3.33 -22.52 43.72
C GLY B 107 3.02 -21.52 44.82
N LEU B 108 4.02 -21.31 45.67
CA LEU B 108 3.89 -20.40 46.80
C LEU B 108 4.62 -19.08 46.56
N LEU B 109 5.90 -19.14 46.18
CA LEU B 109 6.70 -17.94 46.00
C LEU B 109 7.37 -17.92 44.63
N ARG B 110 8.33 -17.02 44.46
CA ARG B 110 9.07 -16.91 43.22
C ARG B 110 10.58 -17.14 43.38
N ASP B 111 11.13 -16.92 44.56
CA ASP B 111 12.54 -17.14 44.77
C ASP B 111 12.73 -17.76 46.14
N GLY B 112 13.93 -18.27 46.38
CA GLY B 112 14.21 -18.87 47.67
C GLY B 112 14.28 -20.37 47.58
N SER B 113 13.94 -21.05 48.68
CA SER B 113 13.99 -22.51 48.75
C SER B 113 12.63 -23.16 48.71
N SER B 114 11.54 -22.37 48.77
CA SER B 114 10.17 -22.89 48.73
C SER B 114 9.40 -22.08 47.69
N THR B 115 9.79 -22.21 46.43
CA THR B 115 9.13 -21.53 45.32
C THR B 115 8.08 -22.38 44.64
N TRP B 116 8.26 -23.70 44.63
CA TRP B 116 7.34 -24.63 44.00
C TRP B 116 6.32 -25.21 44.98
N LEU B 117 6.46 -24.93 46.26
CA LEU B 117 5.65 -25.56 47.28
C LEU B 117 4.17 -25.34 47.00
N PRO B 118 3.37 -26.38 46.77
CA PRO B 118 1.96 -26.18 46.45
C PRO B 118 1.22 -25.44 47.57
N TYR B 119 0.60 -24.32 47.19
CA TYR B 119 -0.18 -23.50 48.11
C TYR B 119 -1.66 -23.52 47.75
N LEU B 120 -2.01 -23.04 46.56
CA LEU B 120 -3.39 -22.97 46.12
C LEU B 120 -3.69 -24.17 45.22
N TRP B 121 -4.84 -24.80 45.45
CA TRP B 121 -5.19 -26.06 44.82
C TRP B 121 -6.48 -25.93 44.02
N GLY B 122 -6.65 -26.83 43.07
CA GLY B 122 -7.90 -26.91 42.32
C GLY B 122 -8.94 -27.72 43.07
N GLN B 123 -10.02 -28.05 42.36
CA GLN B 123 -11.07 -28.85 42.95
C GLN B 123 -10.79 -30.35 42.87
N GLY B 124 -9.87 -30.76 41.99
CA GLY B 124 -9.54 -32.16 41.85
C GLY B 124 -10.47 -32.89 40.91
N THR B 125 -9.90 -33.66 39.98
CA THR B 125 -10.67 -34.43 39.02
C THR B 125 -10.67 -35.90 39.44
N LEU B 126 -11.84 -36.54 39.36
CA LEU B 126 -11.98 -37.93 39.74
C LEU B 126 -11.73 -38.81 38.52
N LEU B 127 -10.72 -39.68 38.62
CA LEU B 127 -10.39 -40.62 37.56
C LEU B 127 -10.72 -42.04 38.01
N THR B 128 -11.35 -42.80 37.13
CA THR B 128 -11.79 -44.16 37.42
C THR B 128 -11.23 -45.08 36.35
N VAL B 129 -10.43 -46.06 36.75
CA VAL B 129 -9.81 -47.01 35.84
C VAL B 129 -10.54 -48.34 36.03
N SER B 130 -11.44 -48.66 35.10
CA SER B 130 -12.23 -49.88 35.21
C SER B 130 -12.59 -50.38 33.83
N SER B 131 -12.72 -51.71 33.72
CA SER B 131 -13.18 -52.34 32.49
C SER B 131 -14.70 -52.37 32.38
N ALA B 132 -15.41 -51.99 33.43
CA ALA B 132 -16.86 -51.91 33.38
C ALA B 132 -17.29 -50.59 32.73
N SER B 133 -18.44 -50.61 32.08
CA SER B 133 -18.88 -49.49 31.27
C SER B 133 -19.70 -48.49 32.08
N THR B 134 -19.89 -47.31 31.49
CA THR B 134 -20.66 -46.26 32.13
C THR B 134 -22.15 -46.63 32.18
N LYS B 135 -22.79 -46.31 33.30
CA LYS B 135 -24.23 -46.46 33.43
C LYS B 135 -24.80 -45.18 34.02
N GLY B 136 -25.88 -44.68 33.42
CA GLY B 136 -26.48 -43.43 33.83
C GLY B 136 -27.30 -43.55 35.09
N PRO B 137 -27.51 -42.42 35.77
CA PRO B 137 -28.24 -42.46 37.04
C PRO B 137 -29.75 -42.53 36.85
N SER B 138 -30.39 -43.34 37.69
CA SER B 138 -31.85 -43.45 37.70
C SER B 138 -32.34 -42.59 38.86
N VAL B 139 -32.59 -41.31 38.57
CA VAL B 139 -33.06 -40.40 39.60
C VAL B 139 -34.51 -40.72 39.93
N PHE B 140 -34.85 -40.63 41.22
CA PHE B 140 -36.21 -40.85 41.67
C PHE B 140 -36.60 -39.77 42.67
N PRO B 141 -37.83 -39.25 42.60
CA PRO B 141 -38.27 -38.28 43.60
C PRO B 141 -38.54 -38.96 44.93
N LEU B 142 -38.15 -38.29 46.00
CA LEU B 142 -38.32 -38.83 47.35
C LEU B 142 -39.64 -38.35 47.93
N ALA B 143 -40.44 -39.29 48.42
CA ALA B 143 -41.75 -38.97 48.95
C ALA B 143 -41.61 -38.17 50.25
N PRO B 144 -42.18 -36.95 50.35
CA PRO B 144 -42.06 -36.17 51.58
C PRO B 144 -42.45 -36.95 52.84
N GLY B 157 -36.59 -34.99 48.77
CA GLY B 157 -35.49 -34.65 47.88
C GLY B 157 -35.48 -35.49 46.61
N CYS B 158 -34.29 -35.98 46.25
CA CYS B 158 -34.11 -36.81 45.07
C CYS B 158 -33.14 -37.93 45.40
N LEU B 159 -33.17 -38.98 44.58
CA LEU B 159 -32.45 -40.22 44.87
C LEU B 159 -31.72 -40.68 43.62
N VAL B 160 -30.40 -40.73 43.69
CA VAL B 160 -29.56 -41.27 42.62
C VAL B 160 -29.28 -42.73 42.97
N LYS B 161 -29.84 -43.65 42.20
CA LYS B 161 -29.79 -45.06 42.56
C LYS B 161 -28.61 -45.80 41.94
N ASP B 162 -28.52 -45.81 40.61
CA ASP B 162 -27.53 -46.64 39.91
C ASP B 162 -26.73 -45.79 38.92
N TYR B 163 -25.43 -45.68 39.17
CA TYR B 163 -24.53 -44.99 38.26
C TYR B 163 -23.12 -45.54 38.47
N PHE B 164 -22.26 -45.33 37.48
CA PHE B 164 -20.91 -45.90 37.59
C PHE B 164 -19.93 -45.29 36.58
N PRO B 165 -19.36 -44.11 36.86
CA PRO B 165 -18.17 -43.66 36.14
C PRO B 165 -16.94 -43.62 37.02
N PRO B 167 -19.50 -39.95 41.79
CA PRO B 167 -19.39 -38.68 41.06
C PRO B 167 -20.71 -38.23 40.47
N VAL B 168 -21.48 -37.47 41.24
CA VAL B 168 -22.77 -36.93 40.80
C VAL B 168 -22.93 -35.53 41.36
N THR B 169 -23.42 -34.61 40.52
CA THR B 169 -23.77 -33.27 40.94
C THR B 169 -25.27 -33.20 41.20
N VAL B 170 -25.67 -32.26 42.06
CA VAL B 170 -27.06 -32.15 42.47
C VAL B 170 -27.37 -30.71 42.87
N SER B 171 -28.13 -30.00 42.04
CA SER B 171 -28.54 -28.63 42.31
C SER B 171 -30.05 -28.60 42.54
N TRP B 172 -30.61 -27.38 42.56
CA TRP B 172 -32.04 -27.21 42.79
C TRP B 172 -32.53 -25.98 42.05
N ASN B 173 -33.51 -26.16 41.17
CA ASN B 173 -34.15 -25.07 40.44
C ASN B 173 -33.12 -24.24 39.67
N SER B 174 -32.17 -24.94 39.03
CA SER B 174 -31.07 -24.30 38.32
C SER B 174 -30.09 -23.63 39.28
N GLY B 175 -29.94 -24.18 40.48
CA GLY B 175 -29.03 -23.62 41.46
C GLY B 175 -29.61 -22.49 42.28
N ALA B 176 -30.92 -22.50 42.51
CA ALA B 176 -31.58 -21.45 43.27
C ALA B 176 -31.82 -21.82 44.72
N LEU B 177 -32.33 -23.02 44.99
CA LEU B 177 -32.63 -23.46 46.34
C LEU B 177 -31.42 -24.20 46.90
N THR B 178 -30.45 -23.42 47.40
CA THR B 178 -29.22 -23.97 47.95
C THR B 178 -29.28 -24.15 49.46
N SER B 179 -30.15 -23.41 50.15
CA SER B 179 -30.22 -23.49 51.60
C SER B 179 -31.03 -24.69 52.04
N GLY B 180 -30.54 -25.39 53.06
CA GLY B 180 -31.22 -26.56 53.58
C GLY B 180 -31.00 -27.83 52.80
N VAL B 181 -30.05 -27.84 51.86
CA VAL B 181 -29.80 -29.00 51.02
C VAL B 181 -28.79 -29.91 51.71
N HIS B 182 -29.14 -31.18 51.85
CA HIS B 182 -28.26 -32.20 52.42
C HIS B 182 -28.06 -33.29 51.38
N THR B 183 -26.89 -33.31 50.76
CA THR B 183 -26.49 -34.39 49.87
C THR B 183 -25.54 -35.32 50.61
N PHE B 184 -25.76 -36.61 50.45
CA PHE B 184 -25.01 -37.62 51.19
C PHE B 184 -24.09 -38.42 50.27
N PRO B 185 -23.07 -39.06 50.83
CA PRO B 185 -22.20 -39.90 50.00
C PRO B 185 -22.93 -41.11 49.46
N ALA B 186 -22.31 -41.73 48.45
CA ALA B 186 -22.90 -42.89 47.80
C ALA B 186 -22.56 -44.17 48.55
N VAL B 187 -23.06 -45.30 48.07
CA VAL B 187 -22.78 -46.60 48.64
C VAL B 187 -22.32 -47.53 47.52
N LEU B 188 -21.28 -48.33 47.81
CA LEU B 188 -20.73 -49.25 46.83
C LEU B 188 -21.46 -50.59 46.96
N GLN B 189 -22.32 -50.89 46.00
CA GLN B 189 -23.11 -52.11 46.03
C GLN B 189 -22.24 -53.32 45.70
N SER B 190 -22.86 -54.50 45.72
CA SER B 190 -22.18 -55.73 45.31
C SER B 190 -22.18 -55.92 43.80
N SER B 191 -22.69 -54.95 43.04
CA SER B 191 -22.60 -54.95 41.59
C SER B 191 -21.61 -53.92 41.08
N GLY B 192 -20.97 -53.16 41.97
CA GLY B 192 -20.03 -52.13 41.58
C GLY B 192 -20.64 -50.74 41.44
N LEU B 193 -21.97 -50.62 41.54
CA LEU B 193 -22.65 -49.36 41.28
C LEU B 193 -22.72 -48.51 42.55
N TYR B 194 -22.67 -47.19 42.35
CA TYR B 194 -22.80 -46.23 43.43
C TYR B 194 -24.23 -45.70 43.51
N SER B 195 -24.61 -45.25 44.70
CA SER B 195 -25.97 -44.79 44.94
C SER B 195 -25.97 -43.78 46.08
N LEU B 196 -26.39 -42.54 45.81
CA LEU B 196 -26.47 -41.50 46.83
C LEU B 196 -27.87 -40.89 46.83
N SER B 197 -28.08 -39.95 47.74
CA SER B 197 -29.38 -39.31 47.90
C SER B 197 -29.17 -37.86 48.31
N SER B 198 -30.16 -37.02 48.00
CA SER B 198 -30.13 -35.61 48.36
C SER B 198 -31.48 -35.20 48.93
N VAL B 199 -31.45 -34.16 49.76
CA VAL B 199 -32.66 -33.67 50.42
C VAL B 199 -32.42 -32.28 50.98
N THR B 211 -41.70 -24.06 43.10
CA THR B 211 -41.20 -24.90 42.01
C THR B 211 -39.97 -25.67 42.48
N TYR B 212 -40.12 -26.99 42.61
CA TYR B 212 -39.04 -27.88 43.03
C TYR B 212 -38.47 -28.58 41.80
N ILE B 213 -37.20 -28.31 41.49
CA ILE B 213 -36.56 -28.92 40.33
C ILE B 213 -35.12 -29.29 40.69
N CYS B 214 -34.89 -30.53 41.09
CA CYS B 214 -33.54 -31.00 41.39
C CYS B 214 -32.83 -31.36 40.09
N ASN B 215 -31.68 -30.73 39.84
CA ASN B 215 -30.91 -30.95 38.62
C ASN B 215 -29.79 -31.94 38.90
N VAL B 216 -29.86 -33.10 38.26
CA VAL B 216 -28.85 -34.14 38.40
C VAL B 216 -28.07 -34.21 37.09
N ASN B 217 -26.81 -33.82 37.13
CA ASN B 217 -25.93 -33.90 35.97
C ASN B 217 -25.02 -35.10 36.09
N HIS B 218 -24.73 -35.73 34.95
CA HIS B 218 -23.88 -36.92 34.89
C HIS B 218 -23.08 -36.83 33.59
N LYS B 219 -21.93 -36.16 33.66
CA LYS B 219 -21.18 -35.77 32.48
C LYS B 219 -20.50 -36.96 31.81
N PRO B 220 -19.97 -37.93 32.56
CA PRO B 220 -19.43 -39.13 31.88
C PRO B 220 -20.41 -39.76 30.92
N SER B 221 -21.66 -39.97 31.36
CA SER B 221 -22.70 -40.46 30.45
C SER B 221 -23.17 -39.37 29.50
N ASN B 222 -22.88 -38.10 29.80
CA ASN B 222 -23.31 -36.98 28.96
C ASN B 222 -24.82 -36.76 29.06
N THR B 223 -25.35 -36.87 30.28
CA THR B 223 -26.79 -36.82 30.52
C THR B 223 -27.07 -35.86 31.67
N LYS B 224 -27.93 -34.87 31.42
CA LYS B 224 -28.38 -33.93 32.44
C LYS B 224 -29.89 -34.05 32.56
N VAL B 225 -30.37 -34.36 33.76
CA VAL B 225 -31.78 -34.64 34.00
C VAL B 225 -32.27 -33.75 35.14
N ASP B 226 -33.37 -33.04 34.91
CA ASP B 226 -34.04 -32.23 35.91
C ASP B 226 -35.37 -32.88 36.28
N LYS B 227 -35.56 -33.13 37.57
CA LYS B 227 -36.74 -33.81 38.06
C LYS B 227 -37.51 -32.91 39.02
N ARG B 228 -38.84 -33.03 38.99
CA ARG B 228 -39.72 -32.33 39.92
C ARG B 228 -40.13 -33.29 41.03
N VAL B 229 -40.25 -32.74 42.24
CA VAL B 229 -40.53 -33.56 43.41
C VAL B 229 -41.97 -33.37 43.85
N SER C 2 4.32 -45.57 53.13
CA SER C 2 5.18 -44.45 52.80
C SER C 2 6.43 -44.44 53.68
N VAL C 3 7.50 -43.83 53.17
CA VAL C 3 8.76 -43.79 53.91
C VAL C 3 8.72 -42.78 55.05
N LEU C 4 7.88 -41.74 54.93
CA LEU C 4 7.75 -40.73 55.97
C LEU C 4 6.59 -41.13 56.88
N THR C 5 6.87 -41.32 58.16
CA THR C 5 5.92 -41.88 59.11
C THR C 5 5.47 -40.82 60.09
N GLN C 6 4.15 -40.69 60.27
CA GLN C 6 3.55 -39.82 61.25
C GLN C 6 2.96 -40.65 62.38
N SER C 7 2.39 -39.96 63.36
CA SER C 7 1.62 -40.64 64.38
C SER C 7 0.30 -41.13 63.79
N ALA C 8 -0.03 -42.40 64.05
CA ALA C 8 -1.28 -42.96 63.54
C ALA C 8 -2.46 -42.08 63.94
N SER C 9 -2.61 -41.84 65.24
CA SER C 9 -3.68 -41.00 65.76
C SER C 9 -3.19 -40.29 67.00
N VAL C 10 -3.69 -39.06 67.18
CA VAL C 10 -3.44 -38.28 68.38
C VAL C 10 -4.71 -37.48 68.67
N SER C 11 -4.90 -37.14 69.95
CA SER C 11 -6.13 -36.48 70.37
C SER C 11 -5.79 -35.29 71.27
N GLY C 12 -6.84 -34.55 71.60
CA GLY C 12 -6.74 -33.40 72.48
C GLY C 12 -8.12 -32.84 72.77
N SER C 13 -8.29 -32.15 73.89
CA SER C 13 -9.58 -31.60 74.26
C SER C 13 -9.68 -30.13 73.84
N LEU C 14 -10.90 -29.68 73.61
CA LEU C 14 -11.11 -28.30 73.19
C LEU C 14 -10.50 -27.33 74.20
N GLY C 15 -9.96 -26.23 73.69
CA GLY C 15 -9.25 -25.28 74.52
C GLY C 15 -7.89 -25.73 74.97
N GLN C 16 -7.41 -26.88 74.48
CA GLN C 16 -6.12 -27.44 74.85
C GLN C 16 -5.19 -27.38 73.64
N SER C 17 -4.04 -28.04 73.76
CA SER C 17 -3.06 -28.12 72.69
C SER C 17 -2.84 -29.59 72.31
N VAL C 18 -2.24 -29.79 71.15
CA VAL C 18 -1.92 -31.14 70.66
C VAL C 18 -0.73 -31.05 69.73
N THR C 19 0.23 -31.94 69.91
CA THR C 19 1.41 -32.01 69.05
C THR C 19 1.32 -33.23 68.16
N ILE C 20 1.64 -33.05 66.88
CA ILE C 20 1.63 -34.12 65.90
C ILE C 20 3.06 -34.34 65.43
N SER C 21 3.50 -35.60 65.44
CA SER C 21 4.87 -35.93 65.09
C SER C 21 4.99 -36.25 63.60
N CYS C 22 6.22 -36.15 63.10
CA CYS C 22 6.51 -36.39 61.68
C CYS C 22 7.98 -36.79 61.60
N THR C 23 8.24 -38.09 61.47
CA THR C 23 9.57 -38.65 61.55
C THR C 23 9.83 -39.55 60.34
N GLY C 24 11.07 -40.00 60.21
CA GLY C 24 11.46 -40.89 59.15
C GLY C 24 12.96 -41.11 59.09
N PRO C 25 13.41 -41.95 58.15
CA PRO C 25 14.85 -42.21 58.01
C PRO C 25 15.67 -40.94 57.82
N ASN C 26 17.00 -41.08 57.91
CA ASN C 26 17.86 -39.91 57.74
C ASN C 26 17.80 -39.36 56.33
N SER C 27 17.50 -40.21 55.35
CA SER C 27 17.43 -39.78 53.95
C SER C 27 16.19 -38.93 53.67
N VAL C 28 15.20 -38.95 54.56
CA VAL C 28 13.97 -38.20 54.35
C VAL C 28 13.68 -37.22 55.48
N CYS C 29 14.28 -37.40 56.66
CA CYS C 29 14.03 -36.51 57.78
C CYS C 29 15.19 -36.63 58.76
N CYS C 30 15.67 -35.52 59.31
CA CYS C 30 15.24 -34.15 59.01
C CYS C 30 16.46 -33.24 58.96
N SER C 31 17.63 -33.84 58.77
CA SER C 31 18.87 -33.09 58.62
C SER C 31 19.00 -32.64 57.18
N HIS C 32 19.12 -31.32 56.97
CA HIS C 32 19.20 -30.73 55.64
C HIS C 32 17.90 -30.86 54.88
N LYS C 33 16.77 -30.83 55.57
CA LYS C 33 15.45 -30.97 54.97
C LYS C 33 14.51 -29.92 55.53
N SER C 34 13.51 -29.54 54.73
CA SER C 34 12.45 -28.64 55.15
C SER C 34 11.16 -29.43 55.33
N ILE C 35 10.30 -28.96 56.21
CA ILE C 35 9.05 -29.63 56.54
C ILE C 35 7.89 -28.67 56.33
N SER C 36 6.80 -29.18 55.76
CA SER C 36 5.57 -28.43 55.56
C SER C 36 4.38 -29.28 56.01
N TRP C 37 3.31 -28.60 56.41
CA TRP C 37 2.13 -29.25 56.95
C TRP C 37 0.89 -28.86 56.14
N TYR C 38 -0.07 -29.77 56.05
CA TYR C 38 -1.27 -29.54 55.28
C TYR C 38 -2.51 -30.02 56.02
N GLN C 39 -3.54 -29.18 56.03
CA GLN C 39 -4.86 -29.54 56.52
C GLN C 39 -5.68 -30.02 55.33
N TRP C 40 -5.97 -31.32 55.29
CA TRP C 40 -6.55 -31.98 54.12
C TRP C 40 -7.89 -32.61 54.48
N PRO C 41 -8.99 -31.90 54.27
CA PRO C 41 -10.32 -32.52 54.45
C PRO C 41 -10.60 -33.51 53.34
N PRO C 42 -11.02 -34.74 53.68
CA PRO C 42 -11.40 -35.69 52.62
C PRO C 42 -12.50 -35.12 51.74
N GLY C 43 -12.32 -35.28 50.43
CA GLY C 43 -13.29 -34.80 49.46
C GLY C 43 -13.25 -33.31 49.20
N ARG C 44 -12.29 -32.59 49.80
CA ARG C 44 -12.13 -31.16 49.58
C ARG C 44 -10.66 -30.87 49.32
N ALA C 45 -10.37 -29.62 49.00
CA ALA C 45 -9.00 -29.25 48.66
C ALA C 45 -8.19 -29.00 49.93
N PRO C 46 -6.93 -29.41 49.97
CA PRO C 46 -6.11 -29.17 51.16
C PRO C 46 -5.67 -27.72 51.27
N THR C 47 -5.23 -27.36 52.48
CA THR C 47 -4.82 -26.00 52.80
C THR C 47 -3.45 -26.03 53.45
N LEU C 48 -2.55 -25.18 52.96
CA LEU C 48 -1.22 -25.08 53.55
C LEU C 48 -1.28 -24.34 54.88
N ILE C 49 -0.60 -24.89 55.89
CA ILE C 49 -0.60 -24.29 57.22
C ILE C 49 0.79 -23.74 57.51
N ILE C 50 1.78 -24.63 57.60
CA ILE C 50 3.16 -24.27 57.90
C ILE C 50 4.02 -24.63 56.71
N TYR C 51 4.96 -23.74 56.39
CA TYR C 51 5.94 -23.99 55.34
C TYR C 51 7.32 -23.62 55.82
N GLU C 52 8.32 -24.34 55.33
CA GLU C 52 9.71 -24.13 55.72
C GLU C 52 9.90 -24.35 57.22
N ASP C 53 9.34 -25.48 57.71
CA ASP C 53 9.40 -25.89 59.12
C ASP C 53 9.55 -24.71 60.08
N ASN C 54 8.77 -23.65 59.82
CA ASN C 54 8.94 -22.35 60.46
C ASN C 54 8.41 -21.30 59.50
N GLU C 55 7.36 -20.58 59.91
CA GLU C 55 6.60 -19.61 59.11
C GLU C 55 5.19 -20.14 58.87
N ARG C 56 4.18 -19.30 59.12
CA ARG C 56 2.80 -19.67 58.93
C ARG C 56 2.29 -19.13 57.60
N ALA C 57 1.44 -19.92 56.94
CA ALA C 57 0.94 -19.55 55.62
C ALA C 57 0.14 -18.25 55.69
N PRO C 58 -0.11 -17.61 54.55
CA PRO C 58 -0.90 -16.38 54.55
C PRO C 58 -2.33 -16.63 54.99
N GLY C 59 -2.78 -15.85 55.96
CA GLY C 59 -4.15 -15.91 56.42
C GLY C 59 -4.41 -16.95 57.51
N ILE C 60 -3.38 -17.57 58.04
CA ILE C 60 -3.54 -18.61 59.06
C ILE C 60 -3.47 -17.97 60.43
N SER C 61 -4.43 -18.32 61.29
CA SER C 61 -4.46 -17.77 62.63
C SER C 61 -3.20 -18.17 63.39
N PRO C 62 -2.79 -17.37 64.40
CA PRO C 62 -1.53 -17.68 65.10
C PRO C 62 -1.62 -18.86 66.04
N ARG C 63 -2.76 -19.56 66.04
CA ARG C 63 -2.95 -20.69 66.95
C ARG C 63 -2.03 -21.86 66.61
N PHE C 64 -1.55 -21.96 65.39
CA PHE C 64 -0.66 -23.03 64.99
C PHE C 64 0.80 -22.66 65.26
N SER C 65 1.63 -23.68 65.38
CA SER C 65 3.07 -23.47 65.52
C SER C 65 3.78 -24.77 65.18
N GLY C 66 4.92 -24.65 64.50
CA GLY C 66 5.70 -25.81 64.12
C GLY C 66 7.08 -25.79 64.75
N TYR C 67 7.75 -26.93 64.75
CA TYR C 67 9.10 -27.02 65.29
C TYR C 67 9.78 -28.25 64.73
N LYS C 68 10.98 -28.08 64.20
CA LYS C 68 11.77 -29.16 63.64
C LYS C 68 13.00 -29.40 64.52
N SER C 69 13.26 -30.67 64.81
CA SER C 69 14.46 -31.09 65.52
C SER C 69 15.44 -31.71 64.51
N TYR C 70 16.41 -32.47 65.01
CA TYR C 70 17.36 -33.13 64.12
C TYR C 70 16.84 -34.47 63.60
N TRP C 71 15.84 -35.04 64.26
CA TRP C 71 15.30 -36.34 63.87
C TRP C 71 13.82 -36.33 63.51
N SER C 72 13.06 -35.35 63.97
CA SER C 72 11.62 -35.34 63.72
C SER C 72 11.11 -33.90 63.80
N ALA C 73 9.89 -33.70 63.31
CA ALA C 73 9.22 -32.42 63.35
C ALA C 73 7.90 -32.57 64.10
N TYR C 74 7.42 -31.45 64.64
CA TYR C 74 6.20 -31.45 65.44
C TYR C 74 5.35 -30.24 65.07
N LEU C 75 4.03 -30.42 65.14
CA LEU C 75 3.06 -29.37 64.89
C LEU C 75 2.17 -29.24 66.13
N THR C 76 2.32 -28.13 66.86
CA THR C 76 1.50 -27.87 68.04
C THR C 76 0.34 -26.98 67.64
N ILE C 77 -0.88 -27.49 67.80
CA ILE C 77 -2.11 -26.73 67.59
C ILE C 77 -2.69 -26.43 68.96
N SER C 78 -2.67 -25.16 69.35
CA SER C 78 -3.22 -24.73 70.62
C SER C 78 -4.66 -24.24 70.44
N ASP C 79 -5.43 -24.31 71.52
CA ASP C 79 -6.83 -23.90 71.50
C ASP C 79 -7.57 -24.60 70.37
N LEU C 80 -8.02 -25.83 70.60
CA LEU C 80 -8.63 -26.62 69.55
C LEU C 80 -10.04 -26.13 69.24
N ARG C 81 -10.41 -26.23 67.97
CA ARG C 81 -11.71 -25.85 67.46
C ARG C 81 -12.50 -27.07 67.03
N PRO C 82 -13.83 -26.95 66.89
CA PRO C 82 -14.61 -28.08 66.37
C PRO C 82 -14.22 -28.45 64.95
N GLU C 83 -13.81 -27.48 64.14
CA GLU C 83 -13.49 -27.70 62.74
C GLU C 83 -12.06 -28.18 62.51
N ASP C 84 -11.36 -28.56 63.58
CA ASP C 84 -9.98 -29.04 63.46
C ASP C 84 -9.87 -30.56 63.52
N GLU C 85 -10.99 -31.26 63.60
CA GLU C 85 -11.00 -32.72 63.65
C GLU C 85 -10.91 -33.24 62.21
N THR C 86 -9.69 -33.41 61.72
CA THR C 86 -9.47 -33.84 60.35
C THR C 86 -8.08 -34.46 60.24
N THR C 87 -7.65 -34.71 59.00
CA THR C 87 -6.36 -35.32 58.73
C THR C 87 -5.32 -34.23 58.49
N TYR C 88 -4.11 -34.46 58.98
CA TYR C 88 -3.00 -33.53 58.83
C TYR C 88 -1.79 -34.29 58.31
N TYR C 89 -1.32 -33.90 57.13
CA TYR C 89 -0.15 -34.51 56.50
C TYR C 89 1.06 -33.59 56.63
N CYS C 90 2.25 -34.20 56.59
CA CYS C 90 3.50 -33.47 56.53
C CYS C 90 4.27 -33.91 55.29
N CYS C 91 5.10 -33.01 54.75
CA CYS C 91 5.96 -33.32 53.63
C CYS C 91 7.39 -32.88 53.94
N SER C 92 8.35 -33.67 53.46
CA SER C 92 9.77 -33.34 53.54
C SER C 92 10.26 -32.97 52.15
N TYR C 93 10.91 -31.82 52.01
CA TYR C 93 11.26 -31.30 50.71
C TYR C 93 12.54 -30.48 50.79
N THR C 94 13.02 -30.06 49.62
CA THR C 94 14.16 -29.15 49.50
C THR C 94 13.86 -28.19 48.35
N HIS C 95 14.90 -27.47 47.92
CA HIS C 95 14.73 -26.48 46.85
C HIS C 95 14.72 -27.11 45.46
N ASN C 96 15.40 -28.25 45.30
CA ASN C 96 15.49 -28.93 44.00
C ASN C 96 14.53 -30.12 43.92
N SER C 97 14.56 -31.00 44.91
CA SER C 97 13.72 -32.19 44.90
C SER C 97 12.27 -31.82 45.21
N GLY C 98 11.41 -32.82 45.18
CA GLY C 98 9.98 -32.64 45.39
C GLY C 98 9.54 -32.99 46.80
N CYS C 99 8.29 -33.40 46.93
CA CYS C 99 7.70 -33.72 48.22
C CYS C 99 7.62 -35.23 48.42
N VAL C 100 7.77 -35.64 49.68
CA VAL C 100 7.56 -37.02 50.10
C VAL C 100 6.55 -36.96 51.24
N PHE C 101 5.28 -37.21 50.93
CA PHE C 101 4.23 -37.09 51.93
C PHE C 101 4.36 -38.18 52.99
N GLY C 102 3.59 -38.01 54.07
CA GLY C 102 3.58 -38.93 55.17
C GLY C 102 2.37 -39.86 55.15
N THR C 103 2.20 -40.58 56.26
CA THR C 103 1.15 -41.59 56.34
C THR C 103 -0.18 -41.00 56.75
N GLY C 104 -0.18 -39.91 57.51
CA GLY C 104 -1.42 -39.26 57.90
C GLY C 104 -1.70 -39.42 59.38
N THR C 105 -2.29 -38.38 59.97
CA THR C 105 -2.60 -38.36 61.40
C THR C 105 -4.02 -37.87 61.57
N LYS C 106 -4.89 -38.73 62.11
CA LYS C 106 -6.27 -38.35 62.41
C LYS C 106 -6.30 -37.72 63.79
N VAL C 107 -6.62 -36.43 63.86
CA VAL C 107 -6.67 -35.69 65.11
C VAL C 107 -8.11 -35.69 65.62
N SER C 108 -8.28 -36.00 66.90
CA SER C 108 -9.59 -36.12 67.53
C SER C 108 -9.71 -35.07 68.62
N VAL C 109 -10.68 -34.16 68.47
CA VAL C 109 -10.93 -33.12 69.46
C VAL C 109 -11.97 -33.65 70.45
N LEU C 110 -11.58 -33.77 71.71
CA LEU C 110 -12.44 -34.31 72.75
C LEU C 110 -13.04 -33.17 73.58
N GLY C 111 -14.00 -33.53 74.43
CA GLY C 111 -14.67 -32.57 75.29
C GLY C 111 -15.86 -31.88 74.66
N GLN C 112 -16.39 -32.42 73.56
CA GLN C 112 -17.54 -31.83 72.90
C GLN C 112 -18.83 -32.47 73.38
N LEU C 121 -36.04 -42.58 56.62
CA LEU C 121 -36.43 -43.77 55.87
C LEU C 121 -37.47 -43.42 54.81
N PHE C 122 -37.13 -43.71 53.54
CA PHE C 122 -38.00 -43.38 52.42
C PHE C 122 -38.56 -44.65 51.78
N PRO C 123 -39.82 -44.63 51.35
CA PRO C 123 -40.39 -45.80 50.67
C PRO C 123 -40.08 -45.77 49.19
N PRO C 124 -40.09 -46.92 48.51
CA PRO C 124 -39.84 -46.93 47.07
C PRO C 124 -40.96 -46.23 46.32
N SER C 125 -40.58 -45.36 45.40
CA SER C 125 -41.54 -44.57 44.64
C SER C 125 -42.40 -45.47 43.75
N SER C 126 -43.49 -44.89 43.24
CA SER C 126 -44.34 -45.62 42.30
C SER C 126 -43.66 -45.83 40.96
N GLU C 127 -42.69 -44.99 40.60
CA GLU C 127 -41.92 -45.21 39.37
C GLU C 127 -40.90 -46.33 39.54
N GLU C 128 -40.44 -46.57 40.78
CA GLU C 128 -39.56 -47.69 41.05
C GLU C 128 -40.34 -49.00 41.13
N LEU C 129 -41.60 -48.94 41.59
CA LEU C 129 -42.46 -50.11 41.60
C LEU C 129 -42.95 -50.48 40.20
N GLN C 130 -42.67 -49.65 39.20
CA GLN C 130 -43.00 -49.94 37.81
C GLN C 130 -41.76 -50.31 36.99
N ALA C 131 -40.61 -50.42 37.64
CA ALA C 131 -39.37 -50.80 36.96
C ALA C 131 -39.35 -52.28 36.57
N ASN C 132 -39.58 -53.20 37.53
CA ASN C 132 -39.92 -52.90 38.92
C ASN C 132 -38.89 -53.45 39.90
N LYS C 133 -38.60 -52.63 40.90
CA LYS C 133 -37.81 -53.05 42.04
C LYS C 133 -38.21 -52.18 43.22
N ALA C 134 -37.74 -52.57 44.40
CA ALA C 134 -38.05 -51.84 45.63
C ALA C 134 -36.76 -51.71 46.43
N THR C 135 -36.44 -50.47 46.80
CA THR C 135 -35.28 -50.21 47.65
C THR C 135 -35.64 -49.10 48.62
N LEU C 136 -35.59 -49.42 49.92
CA LEU C 136 -35.85 -48.45 50.96
C LEU C 136 -34.53 -47.81 51.40
N VAL C 137 -34.60 -46.53 51.73
CA VAL C 137 -33.42 -45.69 51.87
C VAL C 137 -33.40 -45.16 53.31
N CYS C 138 -32.52 -45.72 54.15
CA CYS C 138 -32.40 -45.31 55.55
C CYS C 138 -31.18 -44.39 55.65
N LEU C 139 -31.44 -43.08 55.60
CA LEU C 139 -30.38 -42.08 55.64
C LEU C 139 -30.08 -41.68 57.09
N ILE C 140 -28.81 -41.37 57.35
CA ILE C 140 -28.34 -41.00 58.69
C ILE C 140 -27.62 -39.67 58.59
N SER C 141 -27.85 -38.80 59.57
CA SER C 141 -27.20 -37.49 59.59
C SER C 141 -27.18 -36.96 61.02
N ASP C 142 -26.20 -36.09 61.29
CA ASP C 142 -26.11 -35.37 62.55
C ASP C 142 -25.93 -36.32 63.73
N PHE C 143 -24.78 -36.99 63.74
CA PHE C 143 -24.42 -37.82 64.88
C PHE C 143 -22.92 -37.69 65.16
N TYR C 144 -22.58 -37.82 66.44
CA TYR C 144 -21.22 -37.72 66.93
C TYR C 144 -21.11 -38.63 68.15
N PRO C 145 -20.05 -39.43 68.27
CA PRO C 145 -18.94 -39.60 67.33
C PRO C 145 -19.32 -40.41 66.10
N GLY C 146 -18.40 -40.49 65.13
CA GLY C 146 -18.65 -41.24 63.91
C GLY C 146 -18.47 -42.73 64.11
N ALA C 147 -19.44 -43.36 64.79
CA ALA C 147 -19.38 -44.81 65.03
C ALA C 147 -20.80 -45.28 65.32
N VAL C 148 -21.45 -45.86 64.31
CA VAL C 148 -22.81 -46.36 64.42
C VAL C 148 -22.91 -47.69 63.71
N THR C 149 -23.88 -48.50 64.14
CA THR C 149 -24.13 -49.81 63.55
C THR C 149 -25.59 -49.89 63.11
N VAL C 150 -25.81 -50.48 61.94
CA VAL C 150 -27.14 -50.57 61.34
C VAL C 150 -27.54 -52.04 61.27
N ALA C 151 -28.74 -52.34 61.76
CA ALA C 151 -29.33 -53.66 61.65
C ALA C 151 -30.67 -53.55 60.96
N TRP C 152 -31.09 -54.65 60.34
CA TRP C 152 -32.37 -54.75 59.67
C TRP C 152 -33.18 -55.87 60.30
N LYS C 153 -34.51 -55.71 60.31
CA LYS C 153 -35.38 -56.66 60.99
C LYS C 153 -36.66 -56.86 60.20
N ALA C 154 -37.06 -58.13 60.09
CA ALA C 154 -38.30 -58.50 59.42
C ALA C 154 -39.37 -58.85 60.43
N GLY C 162 -29.16 -57.92 50.17
CA GLY C 162 -29.33 -56.56 49.70
C GLY C 162 -29.08 -55.52 50.79
N VAL C 163 -28.31 -55.90 51.79
CA VAL C 163 -27.98 -55.02 52.91
C VAL C 163 -26.69 -54.28 52.58
N GLU C 164 -26.72 -52.95 52.68
CA GLU C 164 -25.53 -52.14 52.45
C GLU C 164 -25.57 -50.92 53.35
N THR C 165 -24.41 -50.59 53.92
CA THR C 165 -24.28 -49.47 54.85
C THR C 165 -22.95 -48.77 54.58
N THR C 166 -22.98 -47.44 54.53
CA THR C 166 -21.78 -46.67 54.30
C THR C 166 -21.04 -46.43 55.61
N THR C 167 -19.84 -45.84 55.49
CA THR C 167 -19.06 -45.46 56.66
C THR C 167 -19.39 -44.04 57.08
N PRO C 168 -19.21 -43.71 58.36
CA PRO C 168 -19.60 -42.36 58.84
C PRO C 168 -18.70 -41.29 58.25
N SER C 169 -19.30 -40.39 57.48
CA SER C 169 -18.59 -39.30 56.82
C SER C 169 -18.90 -37.98 57.51
N LYS C 170 -17.88 -37.14 57.67
CA LYS C 170 -18.04 -35.85 58.32
C LYS C 170 -18.68 -34.84 57.36
N GLN C 171 -19.70 -34.14 57.84
CA GLN C 171 -20.45 -33.21 57.01
C GLN C 171 -19.76 -31.84 57.00
N SER C 172 -20.43 -30.85 56.41
CA SER C 172 -19.95 -29.49 56.35
C SER C 172 -20.31 -28.68 57.59
N ASN C 173 -20.86 -29.32 58.62
CA ASN C 173 -21.16 -28.67 59.90
C ASN C 173 -20.44 -29.35 61.06
N ASN C 174 -19.36 -30.07 60.77
CA ASN C 174 -18.56 -30.72 61.80
C ASN C 174 -19.32 -31.83 62.51
N LYS C 175 -20.29 -32.42 61.83
CA LYS C 175 -21.01 -33.59 62.31
C LYS C 175 -20.83 -34.73 61.30
N TYR C 176 -21.25 -35.92 61.71
CA TYR C 176 -21.09 -37.11 60.90
C TYR C 176 -22.44 -37.57 60.35
N ALA C 177 -22.38 -38.23 59.20
CA ALA C 177 -23.57 -38.72 58.52
C ALA C 177 -23.21 -39.99 57.78
N ALA C 178 -24.24 -40.75 57.40
CA ALA C 178 -24.06 -41.98 56.65
C ALA C 178 -25.37 -42.30 55.94
N SER C 179 -25.45 -43.49 55.35
CA SER C 179 -26.66 -43.91 54.66
C SER C 179 -26.60 -45.40 54.32
N SER C 180 -27.63 -46.14 54.71
CA SER C 180 -27.73 -47.57 54.43
C SER C 180 -28.99 -47.82 53.61
N TYR C 181 -28.89 -48.72 52.64
CA TYR C 181 -29.99 -49.04 51.74
C TYR C 181 -30.27 -50.53 51.78
N LEU C 182 -31.54 -50.90 51.57
CA LEU C 182 -31.96 -52.29 51.48
C LEU C 182 -32.83 -52.46 50.26
N SER C 183 -32.48 -53.41 49.40
CA SER C 183 -33.23 -53.72 48.19
C SER C 183 -34.15 -54.90 48.44
N LEU C 184 -35.44 -54.70 48.17
CA LEU C 184 -36.45 -55.74 48.36
C LEU C 184 -37.20 -55.97 47.05
N THR C 185 -37.78 -57.16 46.93
CA THR C 185 -38.49 -57.55 45.72
C THR C 185 -39.96 -57.19 45.81
N PRO C 186 -40.65 -57.10 44.66
CA PRO C 186 -42.08 -56.75 44.71
C PRO C 186 -42.97 -57.82 45.33
N GLU C 187 -42.62 -59.10 45.19
CA GLU C 187 -43.43 -60.14 45.80
C GLU C 187 -43.41 -60.01 47.33
N GLN C 188 -42.23 -59.71 47.89
CA GLN C 188 -42.12 -59.47 49.32
C GLN C 188 -42.78 -58.17 49.75
N TRP C 189 -43.26 -57.35 48.80
CA TRP C 189 -43.93 -56.11 49.16
C TRP C 189 -45.34 -56.37 49.67
N LYS C 190 -46.03 -57.35 49.08
CA LYS C 190 -47.36 -57.75 49.55
C LYS C 190 -47.31 -59.06 50.32
N SER C 191 -46.13 -59.55 50.69
CA SER C 191 -45.98 -60.77 51.46
C SER C 191 -45.43 -60.53 52.86
N HIS C 192 -44.77 -59.39 53.10
CA HIS C 192 -44.28 -59.03 54.42
C HIS C 192 -45.21 -58.00 55.05
N ARG C 193 -45.43 -58.13 56.35
CA ARG C 193 -46.29 -57.20 57.06
C ARG C 193 -45.57 -55.87 57.32
N SER C 194 -44.27 -55.91 57.58
CA SER C 194 -43.52 -54.70 57.93
C SER C 194 -42.03 -55.01 57.91
N TYR C 195 -41.22 -53.94 57.93
CA TYR C 195 -39.78 -54.04 57.91
C TYR C 195 -39.20 -52.89 58.73
N SER C 196 -38.05 -53.13 59.36
CA SER C 196 -37.48 -52.20 60.33
C SER C 196 -36.02 -51.90 60.03
N CYS C 197 -35.62 -50.65 60.28
CA CYS C 197 -34.24 -50.18 60.14
C CYS C 197 -33.77 -49.70 61.50
N GLN C 198 -32.91 -50.50 62.15
CA GLN C 198 -32.36 -50.14 63.46
C GLN C 198 -30.99 -49.50 63.28
N VAL C 199 -30.76 -48.40 64.00
CA VAL C 199 -29.51 -47.66 63.93
C VAL C 199 -29.04 -47.38 65.35
N THR C 200 -27.91 -47.96 65.73
CA THR C 200 -27.33 -47.74 67.04
C THR C 200 -26.22 -46.68 66.94
N THR C 205 -30.26 -45.87 70.67
CA THR C 205 -30.60 -46.66 69.50
C THR C 205 -31.96 -46.26 68.94
N VAL C 206 -31.95 -45.73 67.73
CA VAL C 206 -33.17 -45.35 67.04
C VAL C 206 -33.57 -46.47 66.10
N GLU C 207 -34.83 -46.44 65.66
CA GLU C 207 -35.33 -47.47 64.75
C GLU C 207 -36.56 -46.94 64.02
N LYS C 208 -36.60 -47.14 62.71
CA LYS C 208 -37.70 -46.70 61.86
C LYS C 208 -38.30 -47.92 61.18
N THR C 209 -39.63 -48.01 61.19
CA THR C 209 -40.34 -49.16 60.66
C THR C 209 -41.38 -48.71 59.64
N VAL C 210 -41.43 -49.42 58.51
CA VAL C 210 -42.41 -49.13 57.48
C VAL C 210 -43.31 -50.34 57.28
N ALA C 211 -44.55 -50.06 56.90
CA ALA C 211 -45.58 -51.05 56.59
C ALA C 211 -45.85 -50.98 55.09
N PRO C 212 -45.43 -51.97 54.30
CA PRO C 212 -45.50 -51.85 52.83
C PRO C 212 -46.84 -52.27 52.23
N THR C 213 -47.89 -51.49 52.52
CA THR C 213 -49.21 -51.75 51.97
C THR C 213 -49.69 -50.61 51.07
N GLU C 214 -48.83 -49.63 50.81
CA GLU C 214 -49.13 -48.36 50.15
C GLU C 214 -50.07 -47.54 51.00
N GLU D 2 11.25 -9.32 65.10
CA GLU D 2 10.00 -9.48 64.36
C GLU D 2 9.25 -8.16 64.25
N ASN D 3 9.79 -7.11 64.85
CA ASN D 3 9.24 -5.77 64.68
C ASN D 3 9.96 -5.09 63.51
N LEU D 4 9.19 -4.69 62.51
CA LEU D 4 9.75 -4.27 61.24
C LEU D 4 10.09 -2.79 61.23
N TRP D 5 11.01 -2.43 60.34
CA TRP D 5 11.51 -1.07 60.21
C TRP D 5 11.50 -0.67 58.74
N VAL D 6 11.06 0.56 58.47
CA VAL D 6 11.08 1.07 57.11
C VAL D 6 12.53 1.19 56.66
N THR D 7 12.75 1.02 55.36
CA THR D 7 14.07 1.10 54.75
C THR D 7 13.93 1.79 53.41
N VAL D 8 14.68 2.87 53.23
CA VAL D 8 14.59 3.67 52.01
C VAL D 8 15.38 3.01 50.90
N TYR D 9 14.85 3.07 49.68
CA TYR D 9 15.50 2.50 48.51
C TYR D 9 15.46 3.53 47.38
N TYR D 10 16.61 3.78 46.77
CA TYR D 10 16.76 4.79 45.74
C TYR D 10 17.31 4.11 44.48
N GLY D 11 16.47 4.00 43.46
CA GLY D 11 16.84 3.34 42.22
C GLY D 11 15.97 2.15 41.91
N VAL D 12 14.72 2.19 42.38
CA VAL D 12 13.80 1.06 42.22
C VAL D 12 13.11 1.14 40.87
N PRO D 13 12.96 0.04 40.14
CA PRO D 13 12.21 0.09 38.88
C PRO D 13 10.76 0.49 39.10
N VAL D 14 10.53 1.78 39.35
CA VAL D 14 9.19 2.31 39.57
C VAL D 14 8.95 3.45 38.59
N TRP D 15 7.93 3.31 37.76
CA TRP D 15 7.58 4.31 36.77
C TRP D 15 6.08 4.57 36.81
N LYS D 16 5.67 5.69 36.22
CA LYS D 16 4.25 6.00 36.07
C LYS D 16 4.04 6.73 34.75
N ASP D 17 2.89 6.50 34.14
CA ASP D 17 2.58 7.07 32.84
C ASP D 17 2.47 8.58 32.94
N ALA D 18 3.26 9.29 32.14
CA ALA D 18 3.28 10.75 32.18
C ALA D 18 3.66 11.27 30.80
N GLU D 19 3.67 12.60 30.67
CA GLU D 19 3.90 13.27 29.40
C GLU D 19 4.90 14.40 29.61
N THR D 20 5.97 14.39 28.82
CA THR D 20 7.03 15.37 28.93
C THR D 20 7.35 15.93 27.55
N THR D 21 8.30 16.86 27.50
CA THR D 21 8.76 17.45 26.25
C THR D 21 9.87 16.57 25.70
N LEU D 22 9.55 15.80 24.66
CA LEU D 22 10.52 14.97 23.98
C LEU D 22 11.30 15.81 22.97
N PHE D 23 12.49 15.34 22.63
CA PHE D 23 13.33 16.04 21.64
C PHE D 23 13.63 15.10 20.48
N CYS D 24 14.30 15.64 19.47
CA CYS D 24 14.60 14.90 18.25
C CYS D 24 15.97 14.23 18.36
N ALA D 25 16.24 13.35 17.41
CA ALA D 25 17.55 12.72 17.29
C ALA D 25 17.67 12.11 15.90
N SER D 26 18.70 12.51 15.16
CA SER D 26 18.91 12.01 13.80
C SER D 26 20.39 11.76 13.57
N ASP D 27 20.67 10.82 12.68
CA ASP D 27 22.04 10.38 12.41
C ASP D 27 22.96 11.54 12.09
N ALA D 28 24.27 11.29 12.09
CA ALA D 28 25.24 12.30 11.67
C ALA D 28 25.16 12.59 10.18
N LYS D 29 24.66 11.65 9.38
CA LYS D 29 24.54 11.88 7.95
C LYS D 29 23.43 12.89 7.64
N ALA D 30 22.36 12.90 8.45
CA ALA D 30 21.30 13.88 8.24
C ALA D 30 21.84 15.30 8.38
N TYR D 31 22.74 15.52 9.34
CA TYR D 31 23.43 16.79 9.49
C TYR D 31 24.44 17.03 8.38
N GLU D 32 24.77 15.99 7.61
CA GLU D 32 25.75 16.10 6.54
C GLU D 32 25.12 16.59 5.25
N THR D 33 23.98 16.01 4.87
CA THR D 33 23.31 16.32 3.61
C THR D 33 22.48 17.60 3.78
N GLU D 34 23.17 18.74 3.76
CA GLU D 34 22.47 20.01 3.88
C GLU D 34 23.22 21.12 3.17
N LYS D 35 22.56 21.71 2.17
CA LYS D 35 22.86 23.05 1.69
C LYS D 35 21.83 24.03 2.25
N HIS D 36 21.60 23.95 3.56
CA HIS D 36 20.37 24.46 4.17
C HIS D 36 19.17 23.70 3.62
N ASN D 37 19.39 22.45 3.23
CA ASN D 37 18.41 21.66 2.50
C ASN D 37 17.53 20.81 3.41
N VAL D 38 18.05 20.42 4.57
CA VAL D 38 17.25 19.68 5.55
C VAL D 38 16.27 20.65 6.21
N TRP D 39 15.00 20.27 6.23
CA TRP D 39 13.96 21.13 6.78
C TRP D 39 13.86 21.03 8.29
N ALA D 40 14.64 20.16 8.94
CA ALA D 40 14.55 20.00 10.39
C ALA D 40 15.93 19.91 11.05
N THR D 41 16.84 19.12 10.48
CA THR D 41 18.05 18.68 11.16
C THR D 41 18.94 19.82 11.66
N HIS D 42 18.59 21.08 11.38
CA HIS D 42 19.45 22.21 11.74
C HIS D 42 20.03 22.08 13.14
N ALA D 43 19.20 21.74 14.12
CA ALA D 43 19.65 21.66 15.51
C ALA D 43 19.22 20.34 16.15
N CYS D 44 19.39 19.23 15.45
CA CYS D 44 19.03 17.94 16.01
C CYS D 44 20.22 17.25 16.64
N VAL D 45 19.95 16.49 17.68
CA VAL D 45 21.01 15.78 18.43
C VAL D 45 21.48 14.59 17.61
N PRO D 46 22.79 14.43 17.38
CA PRO D 46 23.27 13.22 16.69
C PRO D 46 22.92 11.97 17.49
N THR D 47 22.41 10.97 16.78
CA THR D 47 21.96 9.74 17.43
C THR D 47 23.14 8.96 18.00
N ASP D 48 22.87 8.23 19.07
CA ASP D 48 23.87 7.35 19.67
C ASP D 48 24.34 6.33 18.61
N PRO D 49 25.65 6.18 18.40
CA PRO D 49 26.11 5.22 17.38
C PRO D 49 25.62 3.80 17.61
N ASN D 50 25.47 3.37 18.86
CA ASN D 50 25.05 2.00 19.19
C ASN D 50 23.84 2.06 20.12
N PRO D 51 22.64 2.20 19.57
CA PRO D 51 21.45 2.22 20.42
C PRO D 51 21.28 0.92 21.18
N GLN D 52 20.72 1.02 22.39
CA GLN D 52 20.59 -0.12 23.29
C GLN D 52 19.13 -0.31 23.65
N GLU D 53 18.67 -1.56 23.54
CA GLU D 53 17.28 -1.93 23.80
C GLU D 53 17.27 -3.04 24.84
N ILE D 54 16.83 -2.72 26.05
CA ILE D 54 16.83 -3.66 27.15
C ILE D 54 15.48 -4.37 27.19
N HIS D 55 15.50 -5.70 27.08
CA HIS D 55 14.28 -6.49 27.20
C HIS D 55 13.94 -6.67 28.67
N LEU D 56 12.76 -6.21 29.07
CA LEU D 56 12.31 -6.31 30.47
C LEU D 56 11.52 -7.59 30.65
N GLU D 57 12.18 -8.62 31.16
CA GLU D 57 11.55 -9.92 31.34
C GLU D 57 10.48 -9.87 32.44
N ASN D 58 9.46 -10.72 32.28
CA ASN D 58 8.34 -10.86 33.20
C ASN D 58 7.46 -9.63 33.27
N VAL D 59 7.66 -8.67 32.40
CA VAL D 59 6.93 -7.42 32.47
C VAL D 59 5.77 -7.48 31.48
N THR D 60 4.62 -6.98 31.92
CA THR D 60 3.42 -6.88 31.09
C THR D 60 2.83 -5.50 31.32
N GLU D 61 2.99 -4.63 30.33
CA GLU D 61 2.49 -3.26 30.40
C GLU D 61 1.34 -3.09 29.41
N GLU D 62 0.40 -2.22 29.76
CA GLU D 62 -0.79 -1.99 28.95
C GLU D 62 -0.61 -0.72 28.12
N PHE D 63 -0.64 -0.87 26.80
CA PHE D 63 -0.49 0.24 25.88
C PHE D 63 -1.86 0.73 25.43
N ASN D 64 -1.87 1.96 24.89
CA ASN D 64 -3.09 2.55 24.33
C ASN D 64 -2.65 3.54 23.26
N MET D 65 -2.69 3.10 22.00
CA MET D 65 -2.17 3.91 20.91
C MET D 65 -3.05 5.14 20.64
N TRP D 66 -4.35 5.04 20.87
CA TRP D 66 -5.29 6.06 20.45
C TRP D 66 -5.35 7.26 21.39
N LYS D 67 -4.77 7.16 22.57
CA LYS D 67 -4.72 8.27 23.52
C LYS D 67 -3.30 8.50 23.98
N ASN D 68 -2.37 8.35 23.05
CA ASN D 68 -0.94 8.50 23.29
C ASN D 68 -0.50 9.91 22.91
N ASN D 69 0.35 10.52 23.74
CA ASN D 69 0.65 11.94 23.60
C ASN D 69 1.88 12.24 22.76
N MET D 70 2.85 11.32 22.68
CA MET D 70 3.97 11.56 21.78
C MET D 70 3.50 11.83 20.35
N VAL D 71 2.30 11.38 20.00
CA VAL D 71 1.72 11.69 18.70
C VAL D 71 1.36 13.17 18.63
N GLU D 72 0.64 13.68 19.63
CA GLU D 72 0.25 15.09 19.63
C GLU D 72 1.48 15.99 19.58
N GLN D 73 2.51 15.67 20.36
CA GLN D 73 3.74 16.45 20.32
C GLN D 73 4.34 16.44 18.93
N MET D 74 4.43 15.26 18.31
CA MET D 74 5.03 15.16 16.99
C MET D 74 4.28 16.01 15.97
N HIS D 75 2.96 15.88 15.92
CA HIS D 75 2.20 16.59 14.88
C HIS D 75 2.27 18.09 15.08
N THR D 76 1.97 18.57 16.30
CA THR D 76 2.02 20.01 16.54
C THR D 76 3.42 20.55 16.31
N ASP D 77 4.46 19.74 16.57
CA ASP D 77 5.81 20.16 16.28
C ASP D 77 6.05 20.25 14.77
N ILE D 78 5.57 19.26 14.02
CA ILE D 78 5.68 19.30 12.57
C ILE D 78 4.94 20.52 12.02
N ILE D 79 3.74 20.77 12.53
CA ILE D 79 3.01 21.97 12.12
C ILE D 79 3.84 23.21 12.34
N SER D 80 4.41 23.35 13.55
CA SER D 80 5.19 24.53 13.86
C SER D 80 6.44 24.63 13.01
N LEU D 81 7.00 23.49 12.59
CA LEU D 81 8.18 23.51 11.74
C LEU D 81 7.82 23.91 10.32
N TRP D 82 6.76 23.32 9.78
CA TRP D 82 6.17 23.79 8.53
C TRP D 82 6.00 25.31 8.55
N CYS D 83 5.35 25.83 9.61
CA CYS D 83 5.20 27.27 9.78
C CYS D 83 6.54 27.98 9.68
N GLN D 84 7.43 27.69 10.63
CA GLN D 84 8.63 28.49 10.81
C GLN D 84 9.54 28.46 9.59
N SER D 85 9.46 27.42 8.76
CA SER D 85 10.34 27.33 7.60
C SER D 85 9.94 28.29 6.49
N LEU D 86 8.75 28.87 6.54
CA LEU D 86 8.26 29.75 5.47
C LEU D 86 8.14 31.20 5.90
N LYS D 87 8.48 31.53 7.15
CA LYS D 87 8.43 32.92 7.58
C LYS D 87 9.38 33.80 6.78
N PRO D 88 10.70 33.58 6.81
CA PRO D 88 11.63 34.47 6.12
C PRO D 88 11.66 34.30 4.61
N CYS D 89 10.76 33.51 4.02
CA CYS D 89 10.80 33.27 2.59
C CYS D 89 9.97 34.29 1.84
N VAL D 90 10.24 34.38 0.53
CA VAL D 90 9.68 35.46 -0.29
C VAL D 90 8.16 35.38 -0.30
N LYS D 91 7.53 36.51 0.01
CA LYS D 91 6.08 36.60 0.05
C LYS D 91 5.56 37.15 -1.28
N LEU D 92 4.52 36.51 -1.81
CA LEU D 92 3.96 36.86 -3.11
C LEU D 92 2.70 37.70 -2.96
N THR D 93 2.79 38.76 -2.17
CA THR D 93 1.65 39.66 -1.97
C THR D 93 1.34 40.44 -3.24
N PRO D 94 2.36 41.01 -3.93
CA PRO D 94 2.06 41.74 -5.17
C PRO D 94 1.84 40.81 -6.35
N LEU D 95 1.28 39.63 -6.08
CA LEU D 95 0.77 38.75 -7.12
C LEU D 95 -0.75 38.95 -7.15
N CYS D 96 -1.52 37.90 -7.39
CA CYS D 96 -2.98 37.98 -7.43
C CYS D 96 -3.48 39.02 -8.42
N VAL D 97 -2.60 39.52 -9.29
CA VAL D 97 -3.01 40.45 -10.32
C VAL D 97 -3.97 39.76 -11.28
N THR D 98 -4.78 40.57 -11.96
CA THR D 98 -5.69 40.02 -12.96
C THR D 98 -4.90 39.31 -14.03
N LEU D 99 -5.15 38.01 -14.19
CA LEU D 99 -4.40 37.17 -15.10
C LEU D 99 -5.19 36.98 -16.39
N GLN D 100 -4.59 37.34 -17.51
CA GLN D 100 -5.17 37.09 -18.82
C GLN D 100 -4.60 35.76 -19.31
N CYS D 101 -5.37 34.69 -19.16
CA CYS D 101 -4.89 33.34 -19.39
C CYS D 101 -5.51 32.74 -20.65
N THR D 102 -4.82 31.74 -21.19
CA THR D 102 -5.28 30.99 -22.35
C THR D 102 -4.90 29.53 -22.16
N ASN D 103 -5.39 28.69 -23.05
CA ASN D 103 -4.94 27.30 -23.06
C ASN D 103 -3.45 27.24 -23.42
N VAL D 104 -2.84 26.11 -23.09
CA VAL D 104 -1.46 25.87 -23.51
C VAL D 104 -1.45 25.43 -24.97
N THR D 105 -0.29 25.60 -25.62
CA THR D 105 -0.16 25.28 -27.03
C THR D 105 -0.28 23.79 -27.27
N ASN D 106 -1.50 23.32 -27.57
CA ASN D 106 -1.70 21.89 -27.81
C ASN D 106 -2.99 21.69 -28.59
N ASN D 107 -2.95 20.79 -29.57
CA ASN D 107 -4.12 20.34 -30.30
C ASN D 107 -4.42 18.91 -29.87
N ILE D 108 -5.43 18.75 -29.02
CA ILE D 108 -5.96 17.45 -28.64
C ILE D 108 -7.47 17.51 -28.77
N THR D 109 -8.10 16.35 -28.69
CA THR D 109 -9.55 16.27 -28.85
C THR D 109 -10.26 17.16 -27.84
N ASP D 110 -11.59 17.27 -28.01
CA ASP D 110 -12.40 18.11 -27.15
C ASP D 110 -12.58 17.54 -25.74
N ASP D 111 -12.26 16.26 -25.53
CA ASP D 111 -12.38 15.64 -24.21
C ASP D 111 -11.13 15.82 -23.37
N MET D 112 -10.52 17.01 -23.41
CA MET D 112 -9.31 17.29 -22.64
C MET D 112 -9.42 18.73 -22.13
N ARG D 113 -9.88 18.89 -20.90
CA ARG D 113 -9.96 20.22 -20.30
C ARG D 113 -8.56 20.75 -20.02
N GLY D 114 -8.31 22.00 -20.42
CA GLY D 114 -6.99 22.60 -20.30
C GLY D 114 -6.48 22.66 -18.87
N GLU D 115 -5.84 21.58 -18.43
CA GLU D 115 -5.27 21.56 -17.08
C GLU D 115 -4.34 22.74 -16.85
N LEU D 116 -3.48 23.01 -17.83
CA LEU D 116 -2.51 24.09 -17.74
C LEU D 116 -3.02 25.32 -18.48
N LYS D 117 -2.69 26.49 -17.96
CA LYS D 117 -3.10 27.76 -18.53
C LYS D 117 -1.88 28.65 -18.73
N ASN D 118 -1.69 29.13 -19.95
CA ASN D 118 -0.63 30.07 -20.26
C ASN D 118 -1.13 31.47 -19.92
N CYS D 119 -0.65 32.01 -18.80
CA CYS D 119 -1.16 33.26 -18.26
C CYS D 119 -0.15 34.39 -18.45
N SER D 120 -0.68 35.59 -18.62
CA SER D 120 0.11 36.80 -18.72
C SER D 120 -0.44 37.82 -17.75
N PHE D 121 0.45 38.65 -17.21
CA PHE D 121 0.05 39.62 -16.20
C PHE D 121 1.19 40.62 -16.02
N ASN D 122 0.89 41.68 -15.26
CA ASN D 122 1.90 42.67 -14.93
C ASN D 122 2.65 42.27 -13.67
N MET D 123 3.80 42.90 -13.45
CA MET D 123 4.56 42.68 -12.25
C MET D 123 5.36 43.94 -11.93
N THR D 124 5.56 44.18 -10.65
CA THR D 124 6.38 45.29 -10.21
C THR D 124 7.85 44.91 -10.34
N THR D 125 8.64 45.77 -10.98
CA THR D 125 10.06 45.50 -11.15
C THR D 125 10.81 45.98 -9.91
N GLU D 126 12.14 45.95 -9.97
CA GLU D 126 12.95 46.38 -8.84
C GLU D 126 12.52 47.75 -8.34
N LEU D 127 12.22 48.66 -9.25
CA LEU D 127 11.74 49.99 -8.90
C LEU D 127 10.23 49.96 -8.73
N ARG D 128 9.74 50.76 -7.79
CA ARG D 128 8.29 50.87 -7.57
C ARG D 128 7.63 51.84 -8.54
N ASP D 129 8.07 51.86 -9.80
CA ASP D 129 7.43 52.68 -10.83
C ASP D 129 6.98 51.80 -11.99
N LYS D 130 7.92 51.26 -12.76
CA LYS D 130 7.59 50.58 -14.00
C LYS D 130 7.12 49.16 -13.71
N LYS D 131 6.06 48.75 -14.41
CA LYS D 131 5.50 47.41 -14.23
C LYS D 131 6.26 46.43 -15.12
N GLN D 132 5.63 45.31 -15.47
CA GLN D 132 6.36 44.20 -16.07
C GLN D 132 5.39 43.18 -16.66
N LYS D 133 5.19 43.24 -17.97
CA LYS D 133 4.28 42.33 -18.67
C LYS D 133 5.00 41.01 -18.87
N VAL D 134 4.87 40.12 -17.89
CA VAL D 134 5.52 38.83 -17.91
C VAL D 134 4.45 37.74 -17.89
N TYR D 135 4.83 36.56 -18.36
CA TYR D 135 3.92 35.43 -18.47
C TYR D 135 4.42 34.26 -17.63
N SER D 136 3.48 33.42 -17.21
CA SER D 136 3.78 32.22 -16.45
C SER D 136 2.84 31.11 -16.91
N LEU D 137 3.05 29.92 -16.36
CA LEU D 137 2.20 28.76 -16.63
C LEU D 137 1.71 28.20 -15.32
N PHE D 138 0.39 28.10 -15.17
CA PHE D 138 -0.21 27.60 -13.94
C PHE D 138 -1.14 26.44 -14.24
N TYR D 139 -1.42 25.67 -13.20
CA TYR D 139 -2.39 24.59 -13.26
C TYR D 139 -3.78 25.16 -12.99
N ARG D 140 -4.80 24.48 -13.52
CA ARG D 140 -6.15 25.01 -13.41
C ARG D 140 -6.62 25.04 -11.96
N LEU D 141 -6.11 24.14 -11.12
CA LEU D 141 -6.52 24.10 -9.72
C LEU D 141 -6.06 25.34 -8.96
N ASP D 142 -4.98 25.98 -9.42
CA ASP D 142 -4.42 27.13 -8.72
C ASP D 142 -5.19 28.42 -9.00
N VAL D 143 -5.96 28.46 -10.09
CA VAL D 143 -6.59 29.70 -10.55
C VAL D 143 -8.10 29.52 -10.59
N VAL D 144 -8.80 30.65 -10.68
CA VAL D 144 -10.25 30.66 -10.74
C VAL D 144 -10.69 31.91 -11.48
N GLN D 145 -11.63 31.74 -12.41
CA GLN D 145 -12.14 32.87 -13.18
C GLN D 145 -12.94 33.80 -12.26
N ILE D 146 -13.06 35.05 -12.70
CA ILE D 146 -13.80 36.06 -11.95
C ILE D 146 -14.45 37.01 -12.94
N ASN D 147 -15.75 37.26 -12.74
CA ASN D 147 -16.49 38.19 -13.58
C ASN D 147 -17.07 39.33 -12.74
N ASN D 158 -12.48 37.37 -23.56
CA ASN D 158 -11.20 37.25 -22.88
C ASN D 158 -11.40 36.70 -21.47
N LYS D 159 -10.82 35.53 -21.21
CA LYS D 159 -10.93 34.89 -19.91
C LYS D 159 -9.94 35.50 -18.93
N GLU D 160 -10.46 36.12 -17.88
CA GLU D 160 -9.65 36.73 -16.83
C GLU D 160 -9.82 35.94 -15.54
N TYR D 161 -8.72 35.61 -14.89
CA TYR D 161 -8.73 34.75 -13.72
C TYR D 161 -8.15 35.47 -12.51
N ARG D 162 -7.96 34.71 -11.44
CA ARG D 162 -7.18 35.11 -10.29
C ARG D 162 -6.60 33.85 -9.66
N LEU D 163 -5.78 34.02 -8.63
CA LEU D 163 -5.32 32.87 -7.89
C LEU D 163 -6.38 32.43 -6.89
N ILE D 164 -6.47 31.12 -6.68
CA ILE D 164 -7.55 30.55 -5.89
C ILE D 164 -7.54 31.09 -4.46
N ASN D 165 -6.36 31.47 -3.95
CA ASN D 165 -6.22 31.84 -2.55
C ASN D 165 -6.30 33.34 -2.31
N CYS D 166 -6.36 34.16 -3.35
CA CYS D 166 -6.45 35.61 -3.16
C CYS D 166 -7.64 35.99 -2.27
N ASN D 167 -8.66 35.14 -2.22
CA ASN D 167 -9.88 35.46 -1.49
C ASN D 167 -10.03 34.63 -0.22
N THR D 168 -8.98 33.92 0.18
CA THR D 168 -8.98 33.16 1.42
C THR D 168 -7.89 33.61 2.39
N SER D 169 -6.69 33.87 1.88
CA SER D 169 -5.55 34.13 2.75
C SER D 169 -4.45 34.79 1.92
N ALA D 170 -3.47 35.34 2.62
CA ALA D 170 -2.27 35.84 1.96
C ALA D 170 -1.51 34.65 1.39
N ILE D 171 -0.32 34.90 0.85
CA ILE D 171 0.47 33.85 0.24
C ILE D 171 1.95 34.19 0.35
N THR D 172 2.76 33.16 0.56
CA THR D 172 4.21 33.26 0.58
C THR D 172 4.77 32.07 -0.18
N GLN D 173 5.86 32.28 -0.91
CA GLN D 173 6.47 31.19 -1.65
C GLN D 173 7.43 30.42 -0.76
N ALA D 174 7.46 29.10 -0.94
CA ALA D 174 8.46 28.27 -0.29
C ALA D 174 9.80 28.48 -0.98
N CYS D 175 10.81 28.84 -0.20
CA CYS D 175 12.14 29.04 -0.77
C CYS D 175 12.57 27.79 -1.54
N PRO D 176 13.28 27.93 -2.66
CA PRO D 176 13.77 26.75 -3.37
C PRO D 176 14.97 26.10 -2.72
N LYS D 177 15.64 26.79 -1.79
CA LYS D 177 16.81 26.21 -1.14
C LYS D 177 16.42 25.08 -0.21
N VAL D 178 15.32 25.23 0.51
CA VAL D 178 14.87 24.19 1.43
C VAL D 178 14.21 23.06 0.64
N SER D 179 14.22 21.87 1.25
CA SER D 179 13.63 20.68 0.63
C SER D 179 12.57 20.10 1.55
N PHE D 180 11.72 19.25 0.96
CA PHE D 180 10.63 18.59 1.68
C PHE D 180 10.87 17.09 1.75
N GLU D 181 12.12 16.69 1.99
CA GLU D 181 12.49 15.27 2.00
C GLU D 181 12.25 14.68 3.38
N PRO D 182 11.33 13.72 3.54
CA PRO D 182 11.13 13.11 4.86
C PRO D 182 12.38 12.35 5.29
N ILE D 183 12.92 12.75 6.44
CA ILE D 183 14.13 12.13 6.99
C ILE D 183 13.74 11.35 8.25
N PRO D 184 14.53 10.37 8.68
CA PRO D 184 14.16 9.60 9.87
C PRO D 184 14.36 10.44 11.13
N ILE D 185 13.31 10.50 11.95
CA ILE D 185 13.36 11.21 13.23
C ILE D 185 13.22 10.18 14.34
N HIS D 186 14.21 10.13 15.23
CA HIS D 186 14.13 9.37 16.46
C HIS D 186 13.73 10.30 17.58
N TYR D 187 12.65 9.96 18.28
CA TYR D 187 12.16 10.76 19.40
C TYR D 187 12.72 10.21 20.70
N CYS D 188 13.27 11.10 21.53
CA CYS D 188 13.89 10.70 22.78
C CYS D 188 13.22 11.44 23.95
N ALA D 189 13.37 10.86 25.14
CA ALA D 189 12.82 11.42 26.37
C ALA D 189 13.94 11.85 27.32
N PRO D 190 13.67 12.75 28.25
CA PRO D 190 14.72 13.26 29.13
C PRO D 190 15.01 12.31 30.29
N ALA D 191 16.00 12.70 31.09
CA ALA D 191 16.40 11.89 32.23
C ALA D 191 15.26 11.83 33.25
N GLY D 192 15.15 10.67 33.91
CA GLY D 192 14.01 10.38 34.75
C GLY D 192 12.84 9.78 34.00
N PHE D 193 12.91 9.68 32.68
CA PHE D 193 11.86 9.11 31.85
C PHE D 193 12.46 8.07 30.92
N ALA D 194 11.58 7.28 30.32
CA ALA D 194 11.98 6.23 29.41
C ALA D 194 10.82 5.95 28.46
N ILE D 195 11.14 5.31 27.34
CA ILE D 195 10.16 4.99 26.31
C ILE D 195 10.06 3.48 26.19
N LEU D 196 8.89 2.94 26.52
CA LEU D 196 8.67 1.50 26.50
C LEU D 196 8.17 1.09 25.13
N LYS D 197 8.73 0.01 24.60
CA LYS D 197 8.48 -0.44 23.24
C LYS D 197 7.93 -1.86 23.27
N CYS D 198 6.66 -2.02 22.89
CA CYS D 198 6.08 -3.35 22.86
C CYS D 198 6.76 -4.20 21.79
N LYS D 199 7.17 -5.40 22.18
CA LYS D 199 7.89 -6.31 21.30
C LYS D 199 7.02 -7.49 20.90
N ASP D 200 5.71 -7.27 20.80
CA ASP D 200 4.77 -8.32 20.40
C ASP D 200 4.51 -8.25 18.91
N LYS D 201 4.52 -9.41 18.26
CA LYS D 201 4.35 -9.46 16.81
C LYS D 201 2.93 -9.09 16.41
N LYS D 202 1.94 -9.63 17.11
CA LYS D 202 0.53 -9.34 16.85
C LYS D 202 0.03 -8.47 18.00
N PHE D 203 -0.04 -7.16 17.78
CA PHE D 203 -0.53 -6.24 18.80
C PHE D 203 -1.34 -5.15 18.13
N ASN D 204 -2.62 -5.06 18.51
CA ASN D 204 -3.52 -4.05 17.98
C ASN D 204 -3.45 -2.74 18.75
N GLY D 205 -2.33 -2.47 19.42
CA GLY D 205 -2.08 -1.17 20.02
C GLY D 205 -2.75 -0.92 21.34
N THR D 206 -3.77 -1.70 21.72
CA THR D 206 -4.51 -1.47 22.95
C THR D 206 -4.56 -2.75 23.76
N GLY D 207 -4.11 -2.67 25.01
CA GLY D 207 -4.11 -3.81 25.90
C GLY D 207 -2.72 -4.14 26.40
N PRO D 208 -2.61 -5.21 27.20
CA PRO D 208 -1.30 -5.61 27.71
C PRO D 208 -0.41 -6.20 26.62
N CYS D 209 0.89 -5.95 26.75
CA CYS D 209 1.90 -6.44 25.82
C CYS D 209 2.77 -7.47 26.53
N PRO D 210 2.77 -8.74 26.11
CA PRO D 210 3.53 -9.75 26.88
C PRO D 210 5.03 -9.48 26.90
N SER D 211 5.63 -9.22 25.74
CA SER D 211 7.07 -9.02 25.61
C SER D 211 7.32 -7.54 25.37
N VAL D 212 7.57 -6.81 26.45
CA VAL D 212 7.91 -5.39 26.38
C VAL D 212 9.42 -5.26 26.59
N SER D 213 10.02 -4.30 25.90
CA SER D 213 11.38 -3.85 26.16
C SER D 213 11.33 -2.34 26.35
N THR D 214 12.48 -1.76 26.67
CA THR D 214 12.57 -0.31 26.84
C THR D 214 13.69 0.23 25.97
N VAL D 215 13.59 1.53 25.68
CA VAL D 215 14.58 2.20 24.86
C VAL D 215 14.58 3.69 25.19
N GLN D 216 15.61 4.40 24.74
CA GLN D 216 15.74 5.84 24.92
C GLN D 216 15.20 6.63 23.74
N CYS D 217 15.39 6.13 22.52
CA CYS D 217 14.95 6.82 21.32
C CYS D 217 14.35 5.81 20.35
N THR D 218 13.17 6.13 19.82
CA THR D 218 12.49 5.23 18.90
C THR D 218 13.30 5.05 17.62
N HIS D 219 12.80 4.20 16.73
CA HIS D 219 13.46 3.99 15.45
C HIS D 219 13.14 5.14 14.50
N GLY D 220 13.86 5.19 13.38
CA GLY D 220 13.70 6.26 12.42
C GLY D 220 12.30 6.36 11.86
N ILE D 221 11.53 7.32 12.34
CA ILE D 221 10.15 7.53 11.88
C ILE D 221 10.17 8.70 10.91
N LYS D 222 10.02 8.41 9.62
CA LYS D 222 9.99 9.46 8.61
C LYS D 222 8.66 10.20 8.68
N PRO D 223 8.67 11.52 8.78
CA PRO D 223 7.39 12.27 8.69
C PRO D 223 6.92 12.43 7.24
N VAL D 224 6.24 11.40 6.75
CA VAL D 224 5.68 11.42 5.39
C VAL D 224 4.26 11.96 5.48
N VAL D 225 4.00 13.03 4.73
CA VAL D 225 2.66 13.63 4.68
C VAL D 225 1.92 13.03 3.48
N SER D 226 0.95 12.18 3.77
CA SER D 226 0.00 11.67 2.78
C SER D 226 -1.36 11.62 3.47
N THR D 227 -2.39 11.24 2.73
CA THR D 227 -3.73 11.19 3.29
C THR D 227 -4.38 9.82 3.17
N GLN D 228 -4.44 9.25 1.97
CA GLN D 228 -5.17 8.01 1.78
C GLN D 228 -4.30 6.78 1.97
N LEU D 229 -3.04 6.83 1.54
CA LEU D 229 -2.13 5.70 1.62
C LEU D 229 -0.87 6.10 2.37
N LEU D 230 -0.49 5.27 3.34
CA LEU D 230 0.72 5.50 4.11
C LEU D 230 1.92 4.98 3.32
N LEU D 231 3.00 5.75 3.33
CA LEU D 231 4.13 5.51 2.43
C LEU D 231 5.43 5.35 3.22
N ASN D 232 6.27 4.43 2.73
CA ASN D 232 7.60 4.20 3.31
C ASN D 232 7.52 3.93 4.80
N GLY D 233 6.43 3.31 5.25
CA GLY D 233 6.20 3.07 6.65
C GLY D 233 6.90 1.82 7.15
N SER D 234 6.52 1.41 8.36
CA SER D 234 7.05 0.20 8.98
C SER D 234 6.12 -0.97 8.66
N LEU D 235 6.69 -2.03 8.09
CA LEU D 235 5.92 -3.21 7.77
C LEU D 235 5.53 -3.97 9.04
N ALA D 236 4.38 -4.62 8.99
CA ALA D 236 3.97 -5.49 10.08
C ALA D 236 4.73 -6.82 10.00
N GLU D 237 4.58 -7.63 11.04
CA GLU D 237 5.28 -8.90 11.15
C GLU D 237 4.29 -10.05 10.97
N GLU D 238 4.62 -10.97 10.06
CA GLU D 238 3.80 -12.15 9.80
C GLU D 238 2.47 -11.74 9.16
N GLU D 239 1.37 -11.81 9.92
CA GLU D 239 0.07 -11.47 9.35
C GLU D 239 -0.13 -9.96 9.34
N VAL D 240 -0.84 -9.48 8.31
CA VAL D 240 -1.09 -8.05 8.18
C VAL D 240 -1.90 -7.57 9.37
N MET D 241 -1.72 -6.30 9.72
CA MET D 241 -2.26 -5.76 10.96
C MET D 241 -3.41 -4.80 10.72
N ILE D 242 -4.46 -4.95 11.54
CA ILE D 242 -5.63 -4.08 11.53
C ILE D 242 -5.70 -3.41 12.90
N ARG D 243 -5.93 -2.10 12.91
CA ARG D 243 -6.02 -1.35 14.15
C ARG D 243 -7.17 -0.36 14.06
N SER D 244 -7.98 -0.30 15.11
CA SER D 244 -9.16 0.55 15.13
C SER D 244 -9.57 0.82 16.58
N GLU D 245 -10.03 2.04 16.84
CA GLU D 245 -10.43 2.38 18.20
C GLU D 245 -11.75 1.73 18.58
N ASN D 246 -12.68 1.63 17.63
CA ASN D 246 -13.97 0.98 17.85
C ASN D 246 -14.45 0.47 16.50
N ILE D 247 -14.26 -0.82 16.25
CA ILE D 247 -14.56 -1.39 14.94
C ILE D 247 -16.04 -1.23 14.61
N THR D 248 -16.91 -1.28 15.63
CA THR D 248 -18.34 -1.20 15.35
C THR D 248 -18.76 0.19 14.89
N ASN D 249 -18.09 1.23 15.37
CA ASN D 249 -18.45 2.59 15.02
C ASN D 249 -17.94 2.89 13.62
N ASN D 250 -18.87 3.15 12.69
CA ASN D 250 -18.50 3.45 11.32
C ASN D 250 -17.86 4.82 11.16
N ALA D 251 -17.85 5.64 12.20
CA ALA D 251 -17.21 6.94 12.17
C ALA D 251 -15.72 6.87 12.51
N LYS D 252 -15.23 5.73 12.98
CA LYS D 252 -13.84 5.59 13.40
C LYS D 252 -13.02 4.98 12.29
N ASN D 253 -11.88 5.60 11.99
CA ASN D 253 -11.01 5.12 10.94
C ASN D 253 -10.41 3.77 11.31
N ILE D 254 -10.00 3.03 10.28
CA ILE D 254 -9.40 1.72 10.42
C ILE D 254 -8.03 1.77 9.76
N LEU D 255 -6.98 1.79 10.56
CA LEU D 255 -5.62 1.91 10.07
C LEU D 255 -5.08 0.52 9.77
N VAL D 256 -4.66 0.30 8.52
CA VAL D 256 -4.13 -0.98 8.07
C VAL D 256 -2.64 -0.82 7.88
N GLN D 257 -1.85 -1.73 8.46
CA GLN D 257 -0.41 -1.75 8.29
C GLN D 257 -0.03 -3.03 7.56
N PHE D 258 0.80 -2.91 6.53
CA PHE D 258 1.11 -4.01 5.64
C PHE D 258 2.27 -4.84 6.15
N ASN D 259 2.28 -6.11 5.75
CA ASN D 259 3.37 -7.04 6.03
C ASN D 259 4.40 -7.02 4.91
N THR D 260 3.96 -6.99 3.65
CA THR D 260 4.82 -6.84 2.49
C THR D 260 4.54 -5.51 1.81
N PRO D 261 5.57 -4.77 1.39
CA PRO D 261 5.33 -3.47 0.77
C PRO D 261 4.84 -3.61 -0.66
N VAL D 262 3.97 -2.69 -1.05
CA VAL D 262 3.45 -2.63 -2.41
C VAL D 262 4.19 -1.54 -3.16
N GLN D 263 4.84 -1.92 -4.25
CA GLN D 263 5.68 -0.99 -5.00
C GLN D 263 4.81 -0.01 -5.78
N ILE D 264 5.11 1.27 -5.65
CA ILE D 264 4.38 2.33 -6.36
C ILE D 264 5.39 3.25 -7.03
N ASN D 265 5.03 3.74 -8.22
CA ASN D 265 5.91 4.57 -9.03
C ASN D 265 5.12 5.77 -9.54
N CYS D 266 5.49 6.96 -9.08
CA CYS D 266 4.84 8.19 -9.48
C CYS D 266 5.81 9.05 -10.28
N THR D 267 5.33 9.63 -11.38
CA THR D 267 6.18 10.40 -12.27
C THR D 267 5.43 11.62 -12.78
N ARG D 268 6.21 12.66 -13.09
CA ARG D 268 5.71 13.95 -13.59
C ARG D 268 6.32 14.15 -14.97
N PRO D 269 5.71 13.59 -16.03
CA PRO D 269 6.35 13.64 -17.36
C PRO D 269 6.21 15.00 -18.05
N ASN D 270 6.85 16.01 -17.47
CA ASN D 270 6.85 17.35 -18.04
C ASN D 270 8.18 18.02 -17.69
N ASN D 271 9.04 18.23 -18.69
CA ASN D 271 10.34 18.88 -18.47
C ASN D 271 10.10 20.38 -18.34
N ASN D 272 9.71 20.80 -17.14
CA ASN D 272 9.33 22.18 -16.91
C ASN D 272 10.54 23.11 -17.06
N THR D 273 10.24 24.41 -17.03
CA THR D 273 11.24 25.47 -17.10
C THR D 273 10.98 26.44 -15.96
N ARG D 274 12.06 26.99 -15.39
CA ARG D 274 11.97 27.89 -14.26
C ARG D 274 12.27 29.32 -14.74
N LYS D 275 11.25 30.17 -14.68
CA LYS D 275 11.41 31.58 -15.01
C LYS D 275 11.71 32.36 -13.73
N SER D 276 12.77 33.17 -13.78
CA SER D 276 13.28 33.88 -12.60
C SER D 276 12.91 35.35 -12.70
N ILE D 277 11.68 35.67 -12.32
CA ILE D 277 11.20 37.04 -12.34
C ILE D 277 11.79 37.81 -11.16
N ARG D 278 12.01 39.11 -11.37
CA ARG D 278 12.49 40.02 -10.33
C ARG D 278 11.32 40.89 -9.89
N ILE D 279 10.71 40.55 -8.75
CA ILE D 279 9.57 41.32 -8.27
C ILE D 279 10.02 42.52 -7.45
N GLY D 280 11.18 42.45 -6.81
CA GLY D 280 11.63 43.53 -5.97
C GLY D 280 13.14 43.59 -5.88
N PRO D 281 13.64 44.56 -5.12
CA PRO D 281 15.10 44.68 -4.99
C PRO D 281 15.75 43.51 -4.30
N GLY D 282 14.99 42.70 -3.57
CA GLY D 282 15.52 41.51 -2.94
C GLY D 282 14.81 40.24 -3.37
N GLN D 283 13.49 40.30 -3.45
CA GLN D 283 12.71 39.12 -3.76
C GLN D 283 12.77 38.78 -5.25
N ALA D 284 12.50 37.51 -5.55
CA ALA D 284 12.52 37.02 -6.93
C ALA D 284 11.63 35.79 -7.00
N PHE D 285 10.71 35.78 -7.97
CA PHE D 285 9.69 34.75 -8.07
C PHE D 285 10.05 33.74 -9.14
N TYR D 286 9.69 32.48 -8.90
CA TYR D 286 10.02 31.38 -9.78
C TYR D 286 8.73 30.90 -10.45
N ALA D 287 8.48 31.41 -11.65
CA ALA D 287 7.34 31.00 -12.43
C ALA D 287 7.68 29.75 -13.26
N THR D 288 6.65 29.14 -13.82
CA THR D 288 6.81 27.95 -14.66
C THR D 288 6.90 28.41 -16.11
N GLY D 289 8.09 28.30 -16.70
CA GLY D 289 8.29 28.68 -18.09
C GLY D 289 7.66 27.68 -19.04
N ASP D 290 8.09 27.67 -20.29
CA ASP D 290 7.51 26.78 -21.28
C ASP D 290 7.93 25.33 -21.02
N ILE D 291 7.11 24.41 -21.50
CA ILE D 291 7.35 22.97 -21.34
C ILE D 291 8.21 22.49 -22.51
N ILE D 292 9.28 21.77 -22.18
CA ILE D 292 10.15 21.17 -23.19
C ILE D 292 9.69 19.73 -23.35
N GLY D 293 8.99 19.43 -24.45
CA GLY D 293 8.57 18.09 -24.77
C GLY D 293 7.06 18.00 -24.91
N ASP D 294 6.50 16.87 -24.49
CA ASP D 294 5.10 16.55 -24.70
C ASP D 294 4.26 17.01 -23.52
N ILE D 295 2.99 17.29 -23.81
CA ILE D 295 2.00 17.59 -22.78
C ILE D 295 1.49 16.28 -22.22
N ARG D 296 2.09 15.82 -21.13
CA ARG D 296 1.71 14.56 -20.50
C ARG D 296 1.30 14.82 -19.05
N GLN D 297 0.60 13.84 -18.49
CA GLN D 297 0.02 13.93 -17.17
C GLN D 297 0.84 13.14 -16.17
N ALA D 298 0.85 13.61 -14.92
CA ALA D 298 1.47 12.86 -13.84
C ALA D 298 0.63 11.64 -13.52
N HIS D 299 1.30 10.52 -13.23
CA HIS D 299 0.61 9.27 -13.00
C HIS D 299 1.38 8.44 -11.99
N CYS D 300 0.70 7.46 -11.40
CA CYS D 300 1.29 6.56 -10.41
C CYS D 300 0.94 5.12 -10.76
N ASN D 301 1.93 4.25 -10.71
CA ASN D 301 1.79 2.86 -11.09
C ASN D 301 1.79 1.95 -9.86
N VAL D 302 0.95 0.92 -9.88
CA VAL D 302 0.89 -0.09 -8.84
C VAL D 302 0.85 -1.46 -9.51
N SER D 303 1.86 -2.28 -9.27
CA SER D 303 1.86 -3.64 -9.79
C SER D 303 0.60 -4.35 -9.35
N LYS D 304 -0.21 -4.78 -10.33
CA LYS D 304 -1.51 -5.34 -9.99
C LYS D 304 -1.40 -6.72 -9.34
N ALA D 305 -0.27 -7.42 -9.51
CA ALA D 305 -0.09 -8.71 -8.86
C ALA D 305 0.10 -8.53 -7.36
N THR D 306 1.11 -7.76 -6.97
CA THR D 306 1.35 -7.53 -5.54
C THR D 306 0.12 -6.92 -4.87
N TRP D 307 -0.55 -5.99 -5.56
CA TRP D 307 -1.77 -5.42 -4.99
C TRP D 307 -2.87 -6.47 -4.87
N ASN D 308 -2.97 -7.36 -5.87
CA ASN D 308 -3.86 -8.51 -5.78
C ASN D 308 -3.69 -9.22 -4.44
N GLU D 309 -2.49 -9.76 -4.22
CA GLU D 309 -2.23 -10.56 -3.02
C GLU D 309 -2.40 -9.74 -1.75
N THR D 310 -2.05 -8.45 -1.78
CA THR D 310 -2.20 -7.63 -0.59
C THR D 310 -3.66 -7.48 -0.22
N LEU D 311 -4.53 -7.20 -1.20
CA LEU D 311 -5.95 -7.08 -0.90
C LEU D 311 -6.52 -8.40 -0.41
N GLY D 312 -6.06 -9.52 -0.97
CA GLY D 312 -6.49 -10.81 -0.48
C GLY D 312 -6.07 -11.05 0.96
N LYS D 313 -4.87 -10.59 1.33
CA LYS D 313 -4.38 -10.82 2.68
C LYS D 313 -5.06 -9.91 3.70
N VAL D 314 -5.54 -8.73 3.27
CA VAL D 314 -6.26 -7.87 4.21
C VAL D 314 -7.68 -8.37 4.42
N VAL D 315 -8.34 -8.86 3.36
CA VAL D 315 -9.70 -9.35 3.53
C VAL D 315 -9.72 -10.60 4.40
N LYS D 316 -8.68 -11.43 4.31
CA LYS D 316 -8.60 -12.60 5.18
C LYS D 316 -8.47 -12.20 6.65
N GLN D 317 -7.91 -11.02 6.92
CA GLN D 317 -7.86 -10.54 8.30
C GLN D 317 -9.16 -9.85 8.69
N LEU D 318 -9.85 -9.24 7.72
CA LEU D 318 -11.14 -8.63 8.01
C LEU D 318 -12.14 -9.68 8.46
N ARG D 319 -12.14 -10.85 7.81
CA ARG D 319 -13.11 -11.89 8.13
C ARG D 319 -12.97 -12.37 9.57
N LYS D 320 -11.85 -12.07 10.23
CA LYS D 320 -11.70 -12.40 11.64
C LYS D 320 -12.52 -11.52 12.55
N HIS D 321 -13.09 -10.42 12.04
CA HIS D 321 -13.80 -9.46 12.87
C HIS D 321 -15.26 -9.26 12.45
N PHE D 322 -15.64 -9.63 11.23
CA PHE D 322 -16.97 -9.36 10.71
C PHE D 322 -17.70 -10.66 10.34
N GLY D 323 -17.40 -11.74 11.04
CA GLY D 323 -17.97 -13.03 10.68
C GLY D 323 -17.19 -13.67 9.56
N ASN D 324 -17.24 -15.00 9.47
CA ASN D 324 -16.36 -15.72 8.56
C ASN D 324 -16.92 -15.83 7.15
N ASN D 325 -18.20 -16.16 7.01
CA ASN D 325 -18.82 -16.32 5.69
C ASN D 325 -19.60 -15.06 5.37
N THR D 326 -18.85 -14.03 4.95
CA THR D 326 -19.44 -12.76 4.57
C THR D 326 -18.68 -12.21 3.38
N ILE D 327 -19.30 -11.25 2.69
CA ILE D 327 -18.75 -10.65 1.49
C ILE D 327 -18.26 -9.25 1.84
N ILE D 328 -17.08 -8.90 1.34
CA ILE D 328 -16.43 -7.63 1.66
C ILE D 328 -16.21 -6.88 0.36
N ARG D 329 -16.76 -5.68 0.27
CA ARG D 329 -16.65 -4.86 -0.93
C ARG D 329 -15.80 -3.63 -0.66
N PHE D 330 -15.10 -3.17 -1.69
CA PHE D 330 -14.27 -1.97 -1.64
C PHE D 330 -14.79 -0.96 -2.64
N ALA D 331 -15.12 0.23 -2.16
CA ALA D 331 -15.49 1.37 -3.00
C ALA D 331 -14.55 2.53 -2.71
N ASN D 332 -14.54 3.51 -3.60
CA ASN D 332 -13.63 4.64 -3.47
C ASN D 332 -14.21 5.66 -2.50
N SER D 333 -13.57 6.83 -2.39
CA SER D 333 -14.01 7.86 -1.47
C SER D 333 -15.40 8.36 -1.85
N SER D 334 -16.05 9.02 -0.88
CA SER D 334 -17.39 9.55 -1.10
C SER D 334 -17.33 10.91 -1.79
N GLY D 335 -16.51 11.82 -1.28
CA GLY D 335 -16.40 13.14 -1.86
C GLY D 335 -15.87 14.13 -0.85
N GLY D 336 -15.82 15.40 -1.29
CA GLY D 336 -15.43 16.50 -0.43
C GLY D 336 -14.27 17.28 -1.04
N ASP D 337 -13.34 17.67 -0.17
CA ASP D 337 -12.14 18.37 -0.62
C ASP D 337 -11.29 17.46 -1.50
N LEU D 338 -10.38 18.08 -2.25
CA LEU D 338 -9.42 17.30 -3.01
C LEU D 338 -8.44 16.58 -2.10
N GLU D 339 -8.12 17.19 -0.95
CA GLU D 339 -7.16 16.59 -0.04
C GLU D 339 -7.65 15.25 0.50
N VAL D 340 -8.96 15.06 0.56
CA VAL D 340 -9.56 13.84 1.10
C VAL D 340 -9.91 12.84 0.01
N THR D 341 -10.37 13.34 -1.15
CA THR D 341 -10.81 12.47 -2.23
C THR D 341 -9.65 12.01 -3.12
N THR D 342 -8.43 12.50 -2.89
CA THR D 342 -7.28 12.06 -3.64
C THR D 342 -6.14 11.75 -2.67
N HIS D 343 -5.24 10.89 -3.12
CA HIS D 343 -4.07 10.48 -2.35
C HIS D 343 -3.08 11.65 -2.34
N SER D 344 -3.40 12.66 -1.55
CA SER D 344 -2.59 13.87 -1.49
C SER D 344 -1.21 13.55 -0.92
N PHE D 345 -0.17 14.01 -1.61
CA PHE D 345 1.18 13.82 -1.11
C PHE D 345 2.15 14.68 -1.91
N ASN D 346 3.38 14.72 -1.43
CA ASN D 346 4.50 15.38 -2.10
C ASN D 346 5.53 14.33 -2.46
N CYS D 347 6.12 14.47 -3.66
CA CYS D 347 7.21 13.57 -4.06
C CYS D 347 8.48 14.35 -4.29
N GLY D 348 8.71 14.80 -5.53
CA GLY D 348 9.93 15.52 -5.84
C GLY D 348 9.84 17.01 -5.57
N GLY D 349 8.83 17.42 -4.81
CA GLY D 349 8.57 18.82 -4.51
C GLY D 349 7.19 19.27 -4.95
N GLU D 350 6.69 18.73 -6.05
CA GLU D 350 5.32 18.99 -6.47
C GLU D 350 4.36 18.14 -5.65
N PHE D 351 3.17 18.69 -5.42
CA PHE D 351 2.19 18.08 -4.52
C PHE D 351 1.14 17.37 -5.36
N PHE D 352 1.24 16.05 -5.42
CA PHE D 352 0.37 15.24 -6.25
C PHE D 352 -0.97 15.01 -5.56
N TYR D 353 -1.99 14.76 -6.37
CA TYR D 353 -3.33 14.45 -5.90
C TYR D 353 -3.89 13.40 -6.86
N CYS D 354 -3.85 12.15 -6.46
CA CYS D 354 -4.12 11.03 -7.36
C CYS D 354 -5.51 10.44 -7.12
N ASN D 355 -6.10 9.94 -8.20
CA ASN D 355 -7.42 9.33 -8.16
C ASN D 355 -7.28 7.87 -7.79
N THR D 356 -7.83 7.48 -6.64
CA THR D 356 -7.74 6.11 -6.15
C THR D 356 -9.03 5.34 -6.38
N SER D 357 -9.68 5.56 -7.52
CA SER D 357 -10.90 4.83 -7.85
C SER D 357 -10.62 3.48 -8.48
N GLY D 358 -9.41 3.27 -9.00
CA GLY D 358 -9.02 2.01 -9.60
C GLY D 358 -8.41 1.02 -8.64
N LEU D 359 -8.22 1.41 -7.38
CA LEU D 359 -7.67 0.51 -6.36
C LEU D 359 -8.73 -0.03 -5.41
N PHE D 360 -9.76 0.76 -5.12
CA PHE D 360 -10.78 0.35 -4.17
C PHE D 360 -12.13 0.16 -4.86
N ASN D 361 -12.14 -0.63 -5.94
CA ASN D 361 -13.38 -1.03 -6.61
C ASN D 361 -13.28 -2.54 -6.82
N SER D 362 -13.63 -3.28 -5.77
CA SER D 362 -13.51 -4.74 -5.78
C SER D 362 -14.56 -5.33 -4.87
N THR D 363 -14.64 -6.66 -4.89
CA THR D 363 -15.61 -7.38 -4.06
C THR D 363 -15.10 -8.79 -3.83
N TRP D 364 -14.90 -9.16 -2.58
CA TRP D 364 -14.35 -10.47 -2.21
C TRP D 364 -15.42 -11.29 -1.52
N ILE D 365 -15.68 -12.48 -2.04
CA ILE D 365 -16.65 -13.41 -1.47
C ILE D 365 -15.95 -14.18 -0.34
N SER D 366 -16.73 -14.95 0.41
CA SER D 366 -16.15 -15.76 1.49
C SER D 366 -14.97 -16.59 1.00
N ASN D 367 -15.02 -17.04 -0.26
CA ASN D 367 -13.90 -17.79 -0.84
C ASN D 367 -14.08 -17.94 -2.34
N ASN D 379 0.53 -9.55 -16.16
CA ASN D 379 1.61 -8.79 -15.51
C ASN D 379 1.65 -7.37 -16.06
N ASP D 380 0.94 -6.47 -15.37
CA ASP D 380 0.83 -5.08 -15.78
C ASP D 380 0.71 -4.23 -14.53
N SER D 381 0.60 -2.92 -14.73
CA SER D 381 0.48 -1.98 -13.61
C SER D 381 -0.82 -1.21 -13.71
N ILE D 382 -1.47 -1.02 -12.56
CA ILE D 382 -2.65 -0.16 -12.48
C ILE D 382 -2.16 1.28 -12.38
N THR D 383 -2.30 2.03 -13.46
CA THR D 383 -1.88 3.43 -13.49
C THR D 383 -3.01 4.32 -12.97
N LEU D 384 -2.63 5.40 -12.30
CA LEU D 384 -3.58 6.29 -11.68
C LEU D 384 -3.42 7.70 -12.21
N PRO D 385 -4.50 8.39 -12.59
CA PRO D 385 -4.37 9.77 -13.07
C PRO D 385 -4.02 10.71 -11.93
N CYS D 386 -2.81 11.26 -11.94
CA CYS D 386 -2.35 12.12 -10.85
C CYS D 386 -2.30 13.56 -11.31
N ARG D 387 -2.96 14.42 -10.56
CA ARG D 387 -2.96 15.85 -10.76
C ARG D 387 -1.91 16.48 -9.84
N ILE D 388 -1.51 17.70 -10.17
CA ILE D 388 -0.49 18.41 -9.40
C ILE D 388 -1.04 19.77 -9.02
N LYS D 389 -0.74 20.20 -7.80
CA LYS D 389 -1.08 21.53 -7.33
C LYS D 389 0.13 22.15 -6.67
N GLN D 390 0.32 23.45 -6.90
CA GLN D 390 1.46 24.18 -6.35
C GLN D 390 1.10 25.04 -5.16
N ILE D 391 -0.09 25.62 -5.14
CA ILE D 391 -0.54 26.45 -4.03
C ILE D 391 -1.38 25.56 -3.12
N ILE D 392 -0.80 25.20 -1.97
CA ILE D 392 -1.47 24.34 -0.99
C ILE D 392 -1.55 25.10 0.32
N ASN D 393 -2.63 24.85 1.05
CA ASN D 393 -2.85 25.45 2.37
C ASN D 393 -3.30 24.37 3.34
N MET D 394 -2.39 23.48 3.69
CA MET D 394 -2.69 22.51 4.74
C MET D 394 -2.35 23.11 6.09
N TRP D 395 -2.94 22.53 7.14
CA TRP D 395 -2.62 22.89 8.52
C TRP D 395 -2.99 24.33 8.81
N GLN D 396 -4.08 24.78 8.19
CA GLN D 396 -4.74 26.06 8.45
C GLN D 396 -3.97 27.26 7.93
N GLY D 397 -2.65 27.14 7.81
CA GLY D 397 -1.83 28.21 7.27
C GLY D 397 -1.04 29.01 8.28
N CYS D 398 -0.83 28.48 9.49
CA CYS D 398 -0.06 29.16 10.55
C CYS D 398 -0.66 30.54 10.83
N GLY D 399 -1.77 30.51 11.53
CA GLY D 399 -2.64 31.65 11.64
C GLY D 399 -3.75 31.52 10.61
N ILE D 400 -4.31 32.67 10.25
CA ILE D 400 -5.35 32.70 9.22
C ILE D 400 -4.83 33.31 7.92
N GLY D 401 -3.51 33.46 7.78
CA GLY D 401 -2.96 34.18 6.65
C GLY D 401 -2.10 33.42 5.64
N GLN D 402 -1.08 32.71 6.10
CA GLN D 402 -0.04 32.29 5.17
C GLN D 402 -0.51 31.17 4.25
N ALA D 403 -0.14 31.29 2.97
CA ALA D 403 -0.35 30.28 1.96
C ALA D 403 0.96 30.06 1.22
N MET D 404 1.25 28.80 0.88
CA MET D 404 2.55 28.44 0.32
C MET D 404 2.44 28.11 -1.15
N TYR D 405 3.36 28.65 -1.95
CA TYR D 405 3.47 28.33 -3.37
C TYR D 405 4.65 27.39 -3.55
N ALA D 406 4.37 26.17 -3.99
CA ALA D 406 5.43 25.21 -4.28
C ALA D 406 6.14 25.63 -5.56
N PRO D 407 7.41 26.03 -5.52
CA PRO D 407 8.06 26.54 -6.73
C PRO D 407 8.08 25.49 -7.82
N PRO D 408 8.14 25.90 -9.09
CA PRO D 408 8.20 24.91 -10.17
C PRO D 408 9.55 24.21 -10.20
N ILE D 409 9.52 22.92 -10.54
CA ILE D 409 10.69 22.07 -10.48
C ILE D 409 11.10 21.71 -11.90
N GLN D 410 12.36 21.96 -12.23
CA GLN D 410 12.87 21.66 -13.56
C GLN D 410 13.05 20.16 -13.73
N GLY D 411 12.78 19.66 -14.93
CA GLY D 411 13.00 18.28 -15.25
C GLY D 411 11.82 17.38 -14.89
N VAL D 412 11.88 16.16 -15.40
CA VAL D 412 10.87 15.15 -15.10
C VAL D 412 11.20 14.53 -13.75
N ILE D 413 10.21 14.50 -12.86
CA ILE D 413 10.36 13.93 -11.53
C ILE D 413 9.84 12.50 -11.56
N ARG D 414 10.66 11.56 -11.10
CA ARG D 414 10.26 10.17 -10.95
C ARG D 414 10.64 9.70 -9.56
N CYS D 415 9.71 9.06 -8.88
CA CYS D 415 9.92 8.60 -7.51
C CYS D 415 9.28 7.23 -7.32
N VAL D 416 9.97 6.36 -6.61
CA VAL D 416 9.49 5.02 -6.29
C VAL D 416 9.32 4.95 -4.77
N SER D 417 8.13 4.58 -4.33
CA SER D 417 7.83 4.53 -2.91
C SER D 417 7.23 3.18 -2.55
N ASN D 418 7.11 2.96 -1.24
CA ASN D 418 6.39 1.81 -0.70
C ASN D 418 5.02 2.26 -0.24
N ILE D 419 4.01 1.47 -0.57
CA ILE D 419 2.72 1.57 0.11
C ILE D 419 2.79 0.62 1.29
N THR D 420 2.71 1.18 2.51
CA THR D 420 2.87 0.40 3.72
C THR D 420 1.63 0.40 4.60
N GLY D 421 0.56 1.08 4.20
CA GLY D 421 -0.63 1.11 5.03
C GLY D 421 -1.73 1.91 4.38
N LEU D 422 -2.92 1.79 4.97
CA LEU D 422 -4.11 2.45 4.48
C LEU D 422 -4.87 3.07 5.64
N ILE D 423 -5.73 4.02 5.32
CA ILE D 423 -6.63 4.64 6.29
C ILE D 423 -8.04 4.45 5.73
N LEU D 424 -8.74 3.43 6.21
CA LEU D 424 -10.06 3.08 5.68
C LEU D 424 -11.16 3.63 6.57
N THR D 425 -12.39 3.59 6.04
CA THR D 425 -13.59 3.98 6.77
C THR D 425 -14.72 3.12 6.24
N ARG D 426 -15.58 2.66 7.16
CA ARG D 426 -16.71 1.81 6.80
C ARG D 426 -18.00 2.62 6.79
N ASP D 427 -18.95 2.16 5.98
CA ASP D 427 -20.22 2.84 5.83
C ASP D 427 -21.18 2.42 6.94
N GLY D 428 -22.18 3.27 7.19
CA GLY D 428 -23.11 3.05 8.28
C GLY D 428 -24.39 2.37 7.84
N GLY D 429 -24.28 1.16 7.29
CA GLY D 429 -25.45 0.40 6.91
C GLY D 429 -26.29 -0.07 8.08
N SER D 430 -25.70 -0.13 9.28
CA SER D 430 -26.40 -0.60 10.46
C SER D 430 -26.74 -2.09 10.30
N THR D 431 -28.02 -2.40 10.09
CA THR D 431 -28.46 -3.77 9.83
C THR D 431 -28.76 -3.97 8.35
N ASN D 432 -27.81 -3.61 7.49
CA ASN D 432 -28.04 -3.53 6.06
C ASN D 432 -27.83 -4.88 5.37
N SER D 433 -26.71 -5.55 5.62
CA SER D 433 -26.37 -6.75 4.90
C SER D 433 -25.37 -7.56 5.71
N THR D 434 -24.96 -8.70 5.14
CA THR D 434 -23.81 -9.44 5.63
C THR D 434 -22.50 -8.85 5.14
N THR D 435 -22.57 -7.96 4.14
CA THR D 435 -21.42 -7.26 3.60
C THR D 435 -21.47 -5.79 4.01
N GLU D 436 -20.30 -5.17 4.09
CA GLU D 436 -20.19 -3.73 4.28
C GLU D 436 -19.01 -3.22 3.47
N THR D 437 -19.21 -2.08 2.81
CA THR D 437 -18.21 -1.55 1.90
C THR D 437 -17.27 -0.60 2.64
N PHE D 438 -16.02 -0.57 2.19
CA PHE D 438 -14.96 0.20 2.84
C PHE D 438 -14.33 1.15 1.85
N ARG D 439 -14.22 2.42 2.24
CA ARG D 439 -13.73 3.48 1.38
C ARG D 439 -12.58 4.20 2.05
N PRO D 440 -11.63 4.74 1.27
CA PRO D 440 -10.48 5.41 1.87
C PRO D 440 -10.91 6.65 2.64
N GLY D 441 -10.16 6.97 3.70
CA GLY D 441 -10.43 8.14 4.50
C GLY D 441 -9.17 8.90 4.83
N GLY D 442 -9.23 9.75 5.86
CA GLY D 442 -8.07 10.50 6.28
C GLY D 442 -8.42 11.84 6.91
N GLY D 443 -7.95 12.92 6.30
CA GLY D 443 -8.22 14.25 6.82
C GLY D 443 -7.39 14.57 8.03
N ASP D 444 -7.57 13.80 9.10
CA ASP D 444 -6.77 13.93 10.31
C ASP D 444 -5.46 13.18 10.11
N MET D 445 -4.33 13.89 10.08
CA MET D 445 -3.06 13.27 9.79
C MET D 445 -2.35 12.73 11.02
N ARG D 446 -2.87 12.97 12.22
CA ARG D 446 -2.26 12.34 13.39
C ARG D 446 -2.23 10.83 13.22
N ASP D 447 -3.20 10.29 12.47
CA ASP D 447 -3.16 8.88 12.12
C ASP D 447 -1.86 8.50 11.44
N ASN D 448 -1.35 9.38 10.56
CA ASN D 448 -0.08 9.10 9.89
C ASN D 448 1.03 8.80 10.88
N TRP D 449 0.94 9.36 12.09
CA TRP D 449 1.95 9.10 13.11
C TRP D 449 1.55 7.93 14.01
N ARG D 450 0.24 7.80 14.30
CA ARG D 450 -0.22 6.64 15.05
C ARG D 450 0.13 5.32 14.37
N SER D 451 0.45 5.35 13.08
CA SER D 451 0.85 4.15 12.37
C SER D 451 2.28 3.73 12.71
N GLU D 452 3.04 4.58 13.38
CA GLU D 452 4.38 4.25 13.83
C GLU D 452 4.58 4.43 15.33
N LEU D 453 3.75 5.23 15.98
CA LEU D 453 3.77 5.40 17.44
C LEU D 453 2.65 4.60 18.10
N TYR D 454 2.34 3.42 17.56
CA TYR D 454 1.43 2.49 18.21
C TYR D 454 2.15 1.57 19.17
N LYS D 455 3.48 1.49 19.08
CA LYS D 455 4.28 0.54 19.85
C LYS D 455 5.16 1.24 20.88
N TYR D 456 4.84 2.48 21.26
CA TYR D 456 5.67 3.24 22.17
C TYR D 456 4.80 3.96 23.19
N LYS D 457 5.36 4.19 24.37
CA LYS D 457 4.71 5.03 25.36
C LYS D 457 5.75 5.56 26.33
N VAL D 458 5.42 6.69 26.95
CA VAL D 458 6.32 7.43 27.83
C VAL D 458 6.01 7.06 29.27
N VAL D 459 7.05 7.05 30.10
CA VAL D 459 6.89 6.81 31.53
C VAL D 459 7.93 7.63 32.29
N LYS D 460 7.50 8.25 33.37
CA LYS D 460 8.40 8.94 34.30
C LYS D 460 8.92 7.95 35.33
N ILE D 461 10.13 8.21 35.82
CA ILE D 461 10.75 7.37 36.83
C ILE D 461 10.65 8.07 38.17
N GLU D 462 10.10 7.36 39.16
CA GLU D 462 10.07 7.81 40.56
C GLU D 462 10.82 6.75 41.36
N PRO D 463 12.14 6.89 41.52
CA PRO D 463 12.96 5.82 42.07
C PRO D 463 12.95 5.71 43.59
N LEU D 464 12.10 6.46 44.28
CA LEU D 464 12.03 6.38 45.74
C LEU D 464 10.99 5.34 46.14
N GLY D 465 11.45 4.28 46.79
CA GLY D 465 10.58 3.25 47.30
C GLY D 465 11.01 2.79 48.68
N VAL D 466 10.08 2.74 49.62
CA VAL D 466 10.36 2.32 50.98
C VAL D 466 9.77 0.93 51.18
N ALA D 467 10.49 0.09 51.92
CA ALA D 467 10.08 -1.28 52.17
C ALA D 467 10.41 -1.64 53.61
N PRO D 468 9.69 -2.60 54.19
CA PRO D 468 9.99 -3.02 55.55
C PRO D 468 11.00 -4.16 55.62
N THR D 469 11.81 -4.11 56.67
CA THR D 469 12.75 -5.18 56.98
C THR D 469 13.21 -4.98 58.41
N ARG D 470 13.61 -6.08 59.04
CA ARG D 470 14.00 -6.04 60.45
C ARG D 470 15.36 -5.38 60.61
N CYS D 471 15.55 -4.19 60.05
CA CYS D 471 16.82 -3.47 60.13
C CYS D 471 16.58 -2.05 60.63
N LYS D 472 17.32 -1.67 61.66
CA LYS D 472 17.30 -0.31 62.19
C LYS D 472 18.73 0.20 62.25
N ARG D 473 18.92 1.46 61.88
CA ARG D 473 20.22 2.10 62.01
C ARG D 473 20.40 2.60 63.44
N ARG D 474 21.59 2.34 63.99
CA ARG D 474 21.83 2.53 65.41
C ARG D 474 22.01 4.01 65.74
N VAL D 475 22.06 4.30 67.04
CA VAL D 475 22.19 5.66 67.55
C VAL D 475 23.58 5.85 68.15
N GLN E 1 0.22 -5.56 -58.50
CA GLN E 1 0.22 -4.30 -59.29
C GLN E 1 -0.93 -3.40 -58.84
N VAL E 2 -0.67 -2.08 -58.81
CA VAL E 2 -1.67 -1.10 -58.43
C VAL E 2 -1.49 0.11 -59.33
N HIS E 3 -2.49 0.36 -60.19
CA HIS E 3 -2.45 1.47 -61.14
C HIS E 3 -3.56 2.45 -60.78
N LEU E 4 -3.18 3.71 -60.56
CA LEU E 4 -4.13 4.76 -60.23
C LEU E 4 -4.19 5.76 -61.38
N GLN E 5 -5.40 6.15 -61.77
CA GLN E 5 -5.61 7.08 -62.86
C GLN E 5 -6.61 8.14 -62.44
N GLU E 6 -6.23 9.40 -62.56
CA GLU E 6 -7.11 10.53 -62.31
C GLU E 6 -7.69 11.01 -63.63
N SER E 7 -8.99 11.33 -63.62
CA SER E 7 -9.67 11.74 -64.84
C SER E 7 -10.78 12.72 -64.49
N GLY E 8 -10.87 13.81 -65.27
CA GLY E 8 -11.87 14.83 -65.08
C GLY E 8 -12.03 15.69 -66.31
N PRO E 9 -12.75 16.81 -66.18
CA PRO E 9 -13.00 17.66 -67.35
C PRO E 9 -11.78 18.44 -67.82
N GLY E 10 -11.06 19.07 -66.89
CA GLY E 10 -9.90 19.87 -67.21
C GLY E 10 -10.16 21.36 -67.23
N LEU E 11 -11.40 21.76 -67.53
CA LEU E 11 -11.77 23.17 -67.55
C LEU E 11 -13.11 23.32 -66.84
N VAL E 12 -13.17 24.20 -65.85
CA VAL E 12 -14.39 24.46 -65.10
C VAL E 12 -14.54 25.96 -64.91
N LYS E 13 -15.73 26.47 -65.17
CA LYS E 13 -15.99 27.89 -65.03
C LYS E 13 -15.98 28.29 -63.55
N PRO E 14 -15.76 29.57 -63.25
CA PRO E 14 -15.78 30.00 -61.85
C PRO E 14 -17.15 29.78 -61.23
N SER E 15 -17.16 29.55 -59.92
CA SER E 15 -18.39 29.35 -59.15
C SER E 15 -19.22 28.22 -59.75
N GLU E 16 -18.57 27.14 -60.15
CA GLU E 16 -19.25 25.95 -60.64
C GLU E 16 -18.96 24.78 -59.72
N THR E 17 -19.23 23.56 -60.19
CA THR E 17 -19.07 22.34 -59.37
C THR E 17 -18.10 21.40 -60.09
N LEU E 18 -16.86 21.40 -59.65
CA LEU E 18 -15.88 20.43 -60.13
C LEU E 18 -16.28 19.02 -59.69
N SER E 19 -16.12 18.06 -60.60
CA SER E 19 -16.40 16.66 -60.31
C SER E 19 -15.32 15.82 -60.95
N LEU E 20 -14.62 15.02 -60.13
CA LEU E 20 -13.50 14.22 -60.58
C LEU E 20 -13.70 12.76 -60.20
N THR E 21 -13.01 11.87 -60.91
CA THR E 21 -13.08 10.44 -60.65
C THR E 21 -11.69 9.83 -60.82
N CYS E 22 -11.34 8.95 -59.89
CA CYS E 22 -10.06 8.26 -59.90
C CYS E 22 -10.30 6.80 -60.22
N ASN E 23 -9.97 6.38 -61.44
CA ASN E 23 -10.09 4.99 -61.85
C ASN E 23 -8.96 4.19 -61.21
N VAL E 24 -9.32 3.21 -60.38
CA VAL E 24 -8.35 2.40 -59.66
C VAL E 24 -8.35 1.00 -60.26
N SER E 25 -7.15 0.43 -60.41
CA SER E 25 -6.98 -0.86 -61.07
C SER E 25 -5.98 -1.69 -60.29
N GLY E 26 -6.40 -2.87 -59.85
CA GLY E 26 -5.53 -3.78 -59.12
C GLY E 26 -5.93 -4.03 -57.69
N THR E 27 -6.91 -3.30 -57.16
CA THR E 27 -7.33 -3.46 -55.77
C THR E 27 -8.68 -2.79 -55.58
N LEU E 28 -9.42 -3.24 -54.57
CA LEU E 28 -10.75 -2.74 -54.29
C LEU E 28 -10.70 -1.47 -53.45
N VAL E 29 -11.72 -0.63 -53.61
CA VAL E 29 -11.78 0.63 -52.90
C VAL E 29 -12.24 0.45 -51.45
N ARG E 30 -12.86 -0.68 -51.13
CA ARG E 30 -13.32 -0.96 -49.78
C ARG E 30 -12.17 -1.26 -48.82
N ASP E 31 -11.02 -1.67 -49.35
CA ASP E 31 -9.90 -2.16 -48.55
C ASP E 31 -8.78 -1.14 -48.41
N ASN E 32 -8.96 0.08 -48.92
CA ASN E 32 -7.88 1.06 -48.92
C ASN E 32 -8.42 2.44 -48.59
N TYR E 33 -7.55 3.25 -47.99
CA TYR E 33 -7.81 4.67 -47.79
C TYR E 33 -7.39 5.44 -49.04
N TRP E 34 -8.14 6.48 -49.37
CA TRP E 34 -7.93 7.24 -50.59
C TRP E 34 -7.88 8.72 -50.27
N SER E 35 -6.78 9.37 -50.62
CA SER E 35 -6.58 10.79 -50.35
C SER E 35 -6.33 11.54 -51.65
N TRP E 36 -6.75 12.80 -51.69
CA TRP E 36 -6.61 13.66 -52.85
C TRP E 36 -5.67 14.80 -52.51
N ILE E 37 -4.71 15.08 -53.39
CA ILE E 37 -3.67 16.07 -53.14
C ILE E 37 -3.50 16.92 -54.39
N ARG E 38 -3.85 18.20 -54.30
CA ARG E 38 -3.56 19.15 -55.36
C ARG E 38 -2.23 19.83 -55.09
N GLN E 39 -1.71 20.52 -56.12
CA GLN E 39 -0.46 21.26 -56.00
C GLN E 39 -0.46 22.40 -57.01
N PRO E 40 -0.67 23.63 -56.56
CA PRO E 40 -0.55 24.78 -57.47
C PRO E 40 0.83 24.85 -58.10
N LEU E 41 0.93 25.64 -59.16
CA LEU E 41 2.19 25.78 -59.89
C LEU E 41 3.20 26.55 -59.05
N GLY E 42 4.35 25.94 -58.81
CA GLY E 42 5.38 26.58 -58.01
C GLY E 42 5.05 26.68 -56.54
N LYS E 43 4.17 25.82 -56.04
CA LYS E 43 3.77 25.82 -54.64
C LYS E 43 3.95 24.43 -54.06
N GLN E 44 3.74 24.33 -52.75
CA GLN E 44 3.86 23.07 -52.04
C GLN E 44 2.56 22.28 -52.14
N PRO E 45 2.63 20.96 -52.35
CA PRO E 45 1.39 20.17 -52.46
C PRO E 45 0.49 20.39 -51.26
N GLU E 46 -0.78 20.65 -51.53
CA GLU E 46 -1.76 20.89 -50.47
C GLU E 46 -2.64 19.66 -50.31
N TRP E 47 -2.62 19.08 -49.12
CA TRP E 47 -3.46 17.94 -48.80
C TRP E 47 -4.93 18.39 -48.76
N ILE E 48 -5.78 17.66 -49.46
CA ILE E 48 -7.20 18.02 -49.55
C ILE E 48 -7.96 17.29 -48.46
N GLY E 49 -7.93 15.96 -48.51
CA GLY E 49 -8.67 15.16 -47.54
C GLY E 49 -8.63 13.70 -47.93
N TYR E 50 -9.11 12.87 -47.00
CA TYR E 50 -9.07 11.42 -47.16
C TYR E 50 -10.47 10.85 -46.99
N VAL E 51 -10.66 9.66 -47.56
CA VAL E 51 -11.94 8.97 -47.53
C VAL E 51 -11.67 7.47 -47.42
N HIS E 52 -12.61 6.77 -46.78
CA HIS E 52 -12.52 5.32 -46.66
C HIS E 52 -13.93 4.76 -46.49
N ASP E 53 -14.02 3.43 -46.57
CA ASP E 53 -15.28 2.74 -46.35
C ASP E 53 -15.74 2.90 -44.89
N SER E 54 -17.01 2.62 -44.66
CA SER E 54 -17.66 2.67 -43.36
C SER E 54 -17.93 4.09 -42.88
N GLY E 55 -17.83 5.09 -43.75
CA GLY E 55 -18.15 6.45 -43.39
C GLY E 55 -17.02 7.25 -42.78
N ASP E 56 -15.82 6.69 -42.69
CA ASP E 56 -14.66 7.41 -42.16
C ASP E 56 -14.13 8.33 -43.25
N THR E 57 -14.34 9.63 -43.08
CA THR E 57 -13.91 10.61 -44.07
C THR E 57 -13.65 11.94 -43.36
N ASN E 58 -12.66 12.67 -43.86
CA ASN E 58 -12.36 13.99 -43.31
C ASN E 58 -11.83 14.89 -44.41
N TYR E 59 -12.03 16.19 -44.25
CA TYR E 59 -11.68 17.19 -45.24
C TYR E 59 -10.64 18.15 -44.67
N ASN E 60 -10.40 19.24 -45.41
CA ASN E 60 -9.48 20.32 -45.02
C ASN E 60 -10.28 21.41 -44.30
N PRO E 61 -9.85 21.84 -43.11
CA PRO E 61 -10.59 22.92 -42.43
C PRO E 61 -10.66 24.21 -43.25
N SER E 62 -9.65 24.50 -44.07
CA SER E 62 -9.71 25.69 -44.90
C SER E 62 -10.68 25.52 -46.06
N LEU E 63 -10.90 24.29 -46.51
CA LEU E 63 -11.87 23.97 -47.55
C LEU E 63 -13.03 23.15 -47.01
N LYS E 64 -13.36 23.35 -45.74
CA LYS E 64 -14.28 22.48 -45.03
C LYS E 64 -15.66 22.47 -45.69
N SER E 65 -16.24 23.66 -45.87
CA SER E 65 -17.66 23.78 -46.23
C SER E 65 -17.89 23.77 -47.74
N ARG E 66 -17.01 23.13 -48.51
CA ARG E 66 -17.16 23.13 -49.97
C ARG E 66 -16.94 21.78 -50.63
N VAL E 67 -16.29 20.81 -49.97
CA VAL E 67 -15.89 19.58 -50.62
C VAL E 67 -16.81 18.44 -50.21
N HIS E 68 -16.92 17.45 -51.08
CA HIS E 68 -17.67 16.22 -50.81
C HIS E 68 -17.00 15.08 -51.54
N LEU E 69 -16.54 14.07 -50.81
CA LEU E 69 -15.88 12.90 -51.39
C LEU E 69 -16.78 11.68 -51.28
N SER E 70 -16.45 10.66 -52.07
CA SER E 70 -17.25 9.44 -52.12
C SER E 70 -16.42 8.31 -52.72
N LEU E 71 -16.91 7.09 -52.51
CA LEU E 71 -16.32 5.88 -53.08
C LEU E 71 -17.41 5.11 -53.81
N ASP E 72 -17.11 4.70 -55.04
CA ASP E 72 -17.99 3.81 -55.80
C ASP E 72 -17.45 2.40 -55.65
N LYS E 73 -18.11 1.60 -54.82
CA LYS E 73 -17.71 0.20 -54.65
C LYS E 73 -18.08 -0.62 -55.88
N SER E 74 -19.25 -0.35 -56.46
CA SER E 74 -19.74 -1.13 -57.60
C SER E 74 -18.82 -0.98 -58.80
N LYS E 75 -18.45 0.25 -59.12
CA LYS E 75 -17.58 0.54 -60.27
C LYS E 75 -16.12 0.69 -59.87
N ASN E 76 -15.81 0.57 -58.59
CA ASN E 76 -14.43 0.49 -58.11
C ASN E 76 -13.63 1.73 -58.55
N LEU E 77 -14.00 2.86 -57.94
CA LEU E 77 -13.31 4.11 -58.21
C LEU E 77 -13.66 5.11 -57.11
N VAL E 78 -12.92 6.22 -57.11
CA VAL E 78 -13.06 7.28 -56.12
C VAL E 78 -13.67 8.49 -56.79
N SER E 79 -14.44 9.27 -56.01
CA SER E 79 -15.18 10.41 -56.53
C SER E 79 -14.95 11.63 -55.67
N LEU E 80 -14.83 12.78 -56.31
CA LEU E 80 -14.56 14.04 -55.63
C LEU E 80 -15.47 15.12 -56.20
N ARG E 81 -15.96 16.00 -55.32
CA ARG E 81 -16.81 17.12 -55.71
C ARG E 81 -16.34 18.37 -54.99
N LEU E 82 -16.28 19.48 -55.73
CA LEU E 82 -15.84 20.76 -55.18
C LEU E 82 -16.74 21.85 -55.74
N THR E 83 -17.62 22.39 -54.90
CA THR E 83 -18.63 23.35 -55.32
C THR E 83 -18.14 24.77 -55.11
N GLY E 84 -18.65 25.69 -55.94
CA GLY E 84 -18.31 27.09 -55.82
C GLY E 84 -16.83 27.37 -56.06
N VAL E 85 -16.36 27.10 -57.27
CA VAL E 85 -14.94 27.20 -57.57
C VAL E 85 -14.55 28.65 -57.83
N THR E 86 -13.27 28.94 -57.65
CA THR E 86 -12.70 30.25 -57.96
C THR E 86 -11.36 30.03 -58.65
N ALA E 87 -10.60 31.11 -58.85
CA ALA E 87 -9.33 31.03 -59.55
C ALA E 87 -8.23 30.39 -58.73
N ALA E 88 -8.42 30.21 -57.42
CA ALA E 88 -7.40 29.62 -56.57
C ALA E 88 -7.35 28.10 -56.66
N ASP E 89 -8.35 27.46 -57.26
CA ASP E 89 -8.44 26.01 -57.30
C ASP E 89 -7.71 25.39 -58.48
N SER E 90 -7.14 26.20 -59.36
CA SER E 90 -6.40 25.67 -60.50
C SER E 90 -5.11 25.00 -60.01
N ALA E 91 -5.01 23.70 -60.22
CA ALA E 91 -3.85 22.93 -59.74
C ALA E 91 -3.90 21.54 -60.34
N ILE E 92 -2.93 20.71 -59.95
CA ILE E 92 -2.79 19.34 -60.44
C ILE E 92 -3.24 18.41 -59.32
N TYR E 93 -4.34 17.69 -59.55
CA TYR E 93 -4.98 16.89 -58.52
C TYR E 93 -4.51 15.44 -58.64
N TYR E 94 -3.95 14.91 -57.54
CA TYR E 94 -3.46 13.55 -57.48
C TYR E 94 -4.41 12.69 -56.65
N CYS E 95 -4.52 11.42 -57.04
CA CYS E 95 -5.27 10.41 -56.30
C CYS E 95 -4.27 9.35 -55.82
N ALA E 96 -4.22 9.12 -54.51
CA ALA E 96 -3.23 8.24 -53.92
C ALA E 96 -3.85 7.38 -52.83
N THR E 97 -3.29 6.19 -52.65
CA THR E 97 -3.63 5.36 -51.51
C THR E 97 -3.01 5.93 -50.25
N THR E 98 -3.64 5.65 -49.11
CA THR E 98 -3.20 6.17 -47.83
C THR E 98 -3.03 5.02 -46.85
N LYS E 99 -1.90 5.00 -46.14
CA LYS E 99 -1.67 4.06 -45.06
C LYS E 99 -1.64 4.83 -43.74
N HIS E 100 -2.29 4.27 -42.72
CA HIS E 100 -2.38 4.93 -41.43
C HIS E 100 -1.32 4.41 -40.48
N GLY E 101 -1.10 5.16 -39.41
CA GLY E 101 -0.20 4.74 -38.34
C GLY E 101 -0.53 5.50 -37.08
N ARG E 102 -0.15 4.90 -35.96
CA ARG E 102 -0.22 5.54 -34.65
C ARG E 102 1.20 5.78 -34.17
N ARG E 103 1.51 7.01 -33.78
CA ARG E 103 2.68 7.25 -32.95
C ARG E 103 2.21 7.49 -31.53
N ILE E 104 2.72 6.68 -30.60
CA ILE E 104 2.45 6.83 -29.18
C ILE E 104 3.67 7.44 -28.54
N TYR E 105 3.49 8.57 -27.86
CA TYR E 105 4.57 9.23 -27.14
C TYR E 105 4.44 9.14 -25.64
N GLY E 106 3.22 9.05 -25.12
CA GLY E 106 3.01 8.93 -23.69
C GLY E 106 2.69 7.52 -23.24
N VAL E 107 1.52 7.32 -22.65
CA VAL E 107 1.14 6.06 -22.04
C VAL E 107 -0.15 5.50 -22.64
N VAL E 108 -0.54 6.00 -23.81
CA VAL E 108 -1.65 5.43 -24.56
C VAL E 108 -2.97 5.68 -23.82
N ALA E 109 -3.10 5.07 -22.64
CA ALA E 109 -4.36 5.15 -21.89
C ALA E 109 -4.81 6.59 -21.69
N PHE E 110 -3.85 7.51 -21.50
CA PHE E 110 -4.16 8.93 -21.37
C PHE E 110 -4.47 9.60 -22.71
N LYS E 111 -4.76 8.83 -23.75
CA LYS E 111 -4.92 9.39 -25.09
C LYS E 111 -3.68 10.19 -25.48
N GLU E 112 -2.51 9.72 -25.01
CA GLU E 112 -1.25 10.40 -25.28
C GLU E 112 -0.60 9.80 -26.53
N TRP E 113 -1.28 10.02 -27.66
CA TRP E 113 -0.86 9.50 -28.95
C TRP E 113 -1.62 10.26 -30.03
N PHE E 114 -1.17 10.10 -31.27
CA PHE E 114 -1.91 10.65 -32.39
C PHE E 114 -1.66 9.78 -33.62
N THR E 115 -2.66 9.72 -34.49
CA THR E 115 -2.58 8.96 -35.73
C THR E 115 -2.01 9.84 -36.83
N TYR E 116 -1.06 9.30 -37.58
CA TYR E 116 -0.44 9.98 -38.71
C TYR E 116 -0.65 9.17 -39.97
N PHE E 117 -1.00 9.84 -41.05
CA PHE E 117 -1.26 9.20 -42.33
C PHE E 117 -0.14 9.51 -43.31
N TYR E 118 0.07 8.59 -44.26
CA TYR E 118 1.05 8.82 -45.31
C TYR E 118 0.61 8.09 -46.58
N MET E 119 0.63 8.81 -47.70
CA MET E 119 0.28 8.25 -48.99
C MET E 119 1.53 7.65 -49.63
N ASP E 120 1.41 6.40 -50.10
CA ASP E 120 2.54 5.66 -50.65
C ASP E 120 2.45 5.48 -52.15
N VAL E 121 1.29 5.03 -52.66
CA VAL E 121 1.12 4.74 -54.07
C VAL E 121 0.32 5.88 -54.69
N TRP E 122 0.99 6.70 -55.49
CA TRP E 122 0.36 7.84 -56.12
C TRP E 122 -0.29 7.44 -57.44
N GLY E 123 -1.09 8.36 -57.98
CA GLY E 123 -1.53 8.28 -59.35
C GLY E 123 -0.74 9.24 -60.22
N LYS E 124 -0.92 9.09 -61.53
CA LYS E 124 -0.22 9.96 -62.47
C LYS E 124 -0.73 11.39 -62.39
N GLY E 125 -1.95 11.60 -61.90
CA GLY E 125 -2.46 12.93 -61.67
C GLY E 125 -3.22 13.50 -62.87
N THR E 126 -4.11 14.44 -62.57
CA THR E 126 -4.86 15.15 -63.58
C THR E 126 -4.69 16.65 -63.36
N SER E 127 -4.86 17.42 -64.43
CA SER E 127 -4.72 18.86 -64.40
C SER E 127 -6.08 19.52 -64.45
N VAL E 128 -6.24 20.61 -63.69
CA VAL E 128 -7.51 21.32 -63.62
C VAL E 128 -7.22 22.83 -63.65
N THR E 129 -7.69 23.50 -64.69
CA THR E 129 -7.52 24.93 -64.86
C THR E 129 -8.88 25.60 -64.77
N VAL E 130 -9.00 26.60 -63.91
CA VAL E 130 -10.24 27.35 -63.72
C VAL E 130 -10.19 28.59 -64.60
N SER E 131 -11.07 28.66 -65.60
CA SER E 131 -11.10 29.80 -66.49
C SER E 131 -12.50 29.93 -67.08
N SER E 132 -12.88 31.18 -67.39
CA SER E 132 -14.17 31.47 -67.99
C SER E 132 -14.10 31.52 -69.52
N ALA E 133 -12.96 31.17 -70.12
CA ALA E 133 -12.82 31.14 -71.56
C ALA E 133 -13.24 29.80 -72.12
N SER E 134 -13.60 29.79 -73.40
CA SER E 134 -14.06 28.57 -74.03
C SER E 134 -12.88 27.70 -74.46
N THR E 135 -13.18 26.42 -74.68
CA THR E 135 -12.18 25.48 -75.17
C THR E 135 -11.99 25.65 -76.67
N LYS E 136 -10.74 25.58 -77.11
CA LYS E 136 -10.39 25.69 -78.52
C LYS E 136 -9.76 24.39 -78.99
N GLY E 137 -10.21 23.88 -80.13
CA GLY E 137 -9.65 22.70 -80.71
C GLY E 137 -8.26 22.97 -81.25
N PRO E 138 -7.37 21.97 -81.17
CA PRO E 138 -6.00 22.18 -81.66
C PRO E 138 -5.93 22.16 -83.19
N SER E 139 -4.82 22.69 -83.70
CA SER E 139 -4.54 22.72 -85.13
C SER E 139 -3.21 22.01 -85.35
N VAL E 140 -3.27 20.81 -85.94
CA VAL E 140 -2.09 19.98 -86.14
C VAL E 140 -1.47 20.31 -87.48
N PHE E 141 -0.16 20.57 -87.47
CA PHE E 141 0.59 20.83 -88.68
C PHE E 141 1.88 20.03 -88.64
N PRO E 142 2.18 19.23 -89.67
CA PRO E 142 3.39 18.40 -89.64
C PRO E 142 4.64 19.21 -89.97
N LEU E 143 5.73 18.90 -89.27
CA LEU E 143 7.01 19.57 -89.47
C LEU E 143 7.90 18.66 -90.32
N ALA E 144 8.08 19.04 -91.59
CA ALA E 144 8.82 18.21 -92.52
C ALA E 144 10.30 18.14 -92.13
N PRO E 145 10.96 16.99 -92.37
CA PRO E 145 12.38 16.84 -92.01
C PRO E 145 13.27 17.91 -92.65
N GLY E 152 24.92 12.77 -94.15
CA GLY E 152 23.92 11.74 -93.97
C GLY E 152 24.09 10.98 -92.66
N GLY E 153 23.18 10.05 -92.41
CA GLY E 153 23.23 9.25 -91.19
C GLY E 153 21.94 9.30 -90.41
N THR E 154 21.63 10.46 -89.85
CA THR E 154 20.44 10.65 -89.02
C THR E 154 19.57 11.74 -89.62
N ALA E 155 18.38 11.91 -89.05
CA ALA E 155 17.43 12.91 -89.52
C ALA E 155 16.41 13.20 -88.42
N ALA E 156 15.71 14.32 -88.57
CA ALA E 156 14.69 14.75 -87.65
C ALA E 156 13.35 14.85 -88.36
N LEU E 157 12.27 14.89 -87.57
CA LEU E 157 10.92 14.93 -88.12
C LEU E 157 9.95 15.13 -86.96
N GLY E 158 8.91 15.95 -87.17
CA GLY E 158 8.06 16.34 -86.06
C GLY E 158 6.64 16.70 -86.45
N CYS E 159 5.84 16.97 -85.40
CA CYS E 159 4.47 17.46 -85.51
C CYS E 159 4.35 18.71 -84.63
N LEU E 160 3.32 19.51 -84.88
CA LEU E 160 3.15 20.77 -84.18
C LEU E 160 1.67 21.01 -83.86
N VAL E 161 1.39 21.36 -82.60
CA VAL E 161 0.05 21.77 -82.17
C VAL E 161 0.14 23.26 -81.84
N LYS E 162 -0.60 24.07 -82.60
CA LYS E 162 -0.39 25.52 -82.59
C LYS E 162 -1.43 26.31 -81.83
N ASP E 163 -2.70 25.89 -81.84
CA ASP E 163 -3.79 26.70 -81.28
C ASP E 163 -4.75 25.81 -80.49
N TYR E 164 -4.53 25.73 -79.19
CA TYR E 164 -5.43 24.99 -78.32
C TYR E 164 -5.51 25.66 -76.95
N PHE E 165 -6.58 25.33 -76.23
CA PHE E 165 -6.86 25.80 -74.89
C PHE E 165 -7.75 24.70 -74.33
N PRO E 166 -7.62 24.33 -73.04
CA PRO E 166 -6.80 24.90 -71.97
C PRO E 166 -5.46 24.20 -71.71
N GLU E 167 -5.31 22.96 -72.16
CA GLU E 167 -4.21 22.03 -71.86
C GLU E 167 -4.79 20.81 -71.17
N PRO E 168 -4.16 19.63 -71.27
CA PRO E 168 -3.03 19.28 -72.14
C PRO E 168 -3.50 18.49 -73.36
N VAL E 169 -2.55 18.11 -74.22
CA VAL E 169 -2.86 17.36 -75.43
C VAL E 169 -1.87 16.20 -75.50
N THR E 170 -2.40 14.98 -75.46
CA THR E 170 -1.55 13.78 -75.46
C THR E 170 -1.24 13.39 -76.90
N VAL E 171 0.05 13.29 -77.21
CA VAL E 171 0.52 13.03 -78.57
C VAL E 171 1.28 11.71 -78.55
N SER E 172 0.81 10.75 -79.35
CA SER E 172 1.51 9.50 -79.57
C SER E 172 1.97 9.42 -81.02
N TRP E 173 2.76 8.39 -81.32
CA TRP E 173 3.32 8.19 -82.65
C TRP E 173 2.96 6.80 -83.15
N ASN E 174 2.31 6.73 -84.30
CA ASN E 174 1.89 5.46 -84.90
C ASN E 174 1.04 4.66 -83.92
N SER E 175 0.21 5.38 -83.16
CA SER E 175 -0.64 4.77 -82.13
C SER E 175 0.20 4.11 -81.05
N GLY E 176 1.34 4.71 -80.73
CA GLY E 176 2.16 4.26 -79.62
C GLY E 176 3.23 3.24 -79.97
N ALA E 177 3.53 3.03 -81.24
CA ALA E 177 4.50 2.04 -81.66
C ALA E 177 5.89 2.64 -81.89
N LEU E 178 6.17 3.80 -81.29
CA LEU E 178 7.47 4.44 -81.45
C LEU E 178 7.74 5.24 -80.18
N THR E 179 8.59 4.69 -79.31
CA THR E 179 8.93 5.33 -78.04
C THR E 179 10.41 5.64 -77.90
N SER E 180 11.22 5.38 -78.92
CA SER E 180 12.65 5.67 -78.87
C SER E 180 12.95 6.92 -79.68
N GLY E 181 13.64 7.88 -79.05
CA GLY E 181 14.04 9.09 -79.74
C GLY E 181 12.98 10.18 -79.78
N VAL E 182 11.89 10.04 -79.04
CA VAL E 182 10.82 11.02 -79.05
C VAL E 182 11.13 12.10 -78.02
N HIS E 183 10.99 13.36 -78.43
CA HIS E 183 11.20 14.51 -77.54
C HIS E 183 10.02 15.45 -77.71
N THR E 184 9.15 15.52 -76.72
CA THR E 184 8.02 16.44 -76.73
C THR E 184 8.39 17.68 -75.93
N PHE E 185 8.17 18.84 -76.52
CA PHE E 185 8.64 20.06 -75.89
C PHE E 185 7.50 20.79 -75.19
N PRO E 186 7.81 21.57 -74.16
CA PRO E 186 6.75 22.25 -73.41
C PRO E 186 6.10 23.35 -74.22
N ALA E 187 4.81 23.56 -73.97
CA ALA E 187 4.05 24.57 -74.69
C ALA E 187 4.48 25.97 -74.25
N VAL E 188 4.04 26.95 -75.03
CA VAL E 188 4.29 28.36 -74.76
C VAL E 188 2.96 29.08 -74.79
N LEU E 189 2.71 29.91 -73.78
CA LEU E 189 1.48 30.69 -73.71
C LEU E 189 1.65 31.97 -74.52
N GLN E 190 0.93 32.06 -75.63
CA GLN E 190 1.01 33.23 -76.49
C GLN E 190 0.09 34.33 -75.98
N SER E 191 0.29 35.55 -76.51
CA SER E 191 -0.42 36.71 -75.99
C SER E 191 -1.92 36.58 -76.16
N SER E 192 -2.38 35.83 -77.16
CA SER E 192 -3.80 35.65 -77.39
C SER E 192 -4.43 34.71 -76.37
N GLY E 193 -3.64 34.01 -75.58
CA GLY E 193 -4.18 33.06 -74.62
C GLY E 193 -4.32 31.65 -75.13
N LEU E 194 -3.49 31.26 -76.10
CA LEU E 194 -3.53 29.92 -76.67
C LEU E 194 -2.14 29.31 -76.60
N TYR E 195 -2.05 28.06 -76.17
CA TYR E 195 -0.78 27.38 -76.02
C TYR E 195 -0.37 26.72 -77.34
N SER E 196 0.90 26.32 -77.42
CA SER E 196 1.45 25.76 -78.64
C SER E 196 2.69 24.94 -78.30
N LEU E 197 2.69 23.66 -78.64
CA LEU E 197 3.82 22.78 -78.37
C LEU E 197 4.21 22.03 -79.65
N SER E 198 5.33 21.32 -79.56
CA SER E 198 5.88 20.59 -80.68
C SER E 198 6.45 19.26 -80.19
N SER E 199 6.46 18.27 -81.07
CA SER E 199 6.94 16.93 -80.74
C SER E 199 7.79 16.42 -81.90
N VAL E 200 9.05 16.07 -81.62
CA VAL E 200 9.98 15.65 -82.64
C VAL E 200 10.42 14.22 -82.38
N VAL E 201 10.89 13.57 -83.45
CA VAL E 201 11.45 12.22 -83.37
C VAL E 201 12.71 12.19 -84.21
N THR E 202 13.78 11.60 -83.65
CA THR E 202 15.03 11.42 -84.37
C THR E 202 15.00 10.06 -85.05
N VAL E 203 15.05 10.04 -86.38
CA VAL E 203 14.88 8.81 -87.15
C VAL E 203 16.03 8.65 -88.15
N PRO E 204 16.36 7.42 -88.55
CA PRO E 204 17.42 7.25 -89.54
C PRO E 204 16.99 7.77 -90.89
N SER E 205 17.95 8.36 -91.61
CA SER E 205 17.64 8.93 -92.93
C SER E 205 17.08 7.87 -93.88
N SER E 206 17.43 6.61 -93.67
CA SER E 206 16.96 5.52 -94.53
C SER E 206 15.53 5.17 -94.13
N SER E 207 14.56 5.87 -94.73
CA SER E 207 13.15 5.62 -94.44
C SER E 207 12.29 5.97 -95.65
N LEU E 208 12.75 5.59 -96.84
CA LEU E 208 11.95 5.83 -98.04
C LEU E 208 10.63 5.10 -97.96
N GLY E 209 10.65 3.85 -97.48
CA GLY E 209 9.45 3.11 -97.12
C GLY E 209 8.33 3.09 -98.15
N THR E 210 7.25 3.85 -97.95
CA THR E 210 7.12 4.81 -96.84
C THR E 210 6.87 4.16 -95.48
N GLN E 211 7.81 4.36 -94.57
CA GLN E 211 7.69 3.91 -93.19
C GLN E 211 6.76 4.89 -92.49
N THR E 212 5.46 4.63 -92.61
CA THR E 212 4.44 5.61 -92.26
C THR E 212 4.62 6.13 -90.84
N TYR E 213 4.77 7.45 -90.73
CA TYR E 213 4.82 8.14 -89.44
C TYR E 213 3.55 8.98 -89.33
N ILE E 214 2.67 8.61 -88.41
CA ILE E 214 1.39 9.27 -88.21
C ILE E 214 1.28 9.60 -86.72
N CYS E 215 1.37 10.88 -86.38
CA CYS E 215 1.28 11.32 -85.00
C CYS E 215 -0.19 11.51 -84.62
N ASN E 216 -0.58 10.91 -83.48
CA ASN E 216 -1.96 10.90 -83.02
C ASN E 216 -2.09 11.86 -81.85
N VAL E 217 -2.82 12.95 -82.05
CA VAL E 217 -3.05 13.94 -81.01
C VAL E 217 -4.46 13.76 -80.46
N ASN E 218 -4.60 13.88 -79.14
CA ASN E 218 -5.90 13.81 -78.49
C ASN E 218 -6.02 14.94 -77.49
N HIS E 219 -7.10 15.71 -77.60
CA HIS E 219 -7.37 16.85 -76.74
C HIS E 219 -8.74 16.62 -76.11
N LYS E 220 -8.76 16.30 -74.82
CA LYS E 220 -9.96 15.82 -74.16
C LYS E 220 -10.95 16.95 -73.88
N PRO E 221 -10.50 18.12 -73.41
CA PRO E 221 -11.45 19.21 -73.17
C PRO E 221 -12.27 19.58 -74.40
N SER E 222 -11.73 19.39 -75.60
CA SER E 222 -12.46 19.61 -76.84
C SER E 222 -12.68 18.32 -77.61
N ASN E 223 -12.44 17.16 -76.99
CA ASN E 223 -12.63 15.85 -77.60
C ASN E 223 -12.14 15.82 -79.04
N THR E 224 -11.01 16.45 -79.32
CA THR E 224 -10.44 16.51 -80.65
C THR E 224 -9.35 15.44 -80.78
N LYS E 225 -9.53 14.52 -81.73
CA LYS E 225 -8.53 13.49 -82.02
C LYS E 225 -8.17 13.60 -83.50
N VAL E 226 -6.93 13.99 -83.77
CA VAL E 226 -6.44 14.19 -85.13
C VAL E 226 -5.23 13.29 -85.34
N ASP E 227 -5.25 12.53 -86.44
CA ASP E 227 -4.14 11.66 -86.84
C ASP E 227 -3.51 12.27 -88.07
N LYS E 228 -2.29 12.80 -87.92
CA LYS E 228 -1.61 13.53 -88.98
C LYS E 228 -0.47 12.68 -89.54
N ARG E 229 -0.51 12.42 -90.84
CA ARG E 229 0.54 11.69 -91.52
C ARG E 229 1.57 12.67 -92.06
N VAL E 230 2.83 12.47 -91.68
CA VAL E 230 3.93 13.32 -92.10
C VAL E 230 4.77 12.59 -93.13
N GLU E 231 5.13 13.28 -94.21
CA GLU E 231 5.98 12.73 -95.24
C GLU E 231 6.83 13.87 -95.81
N PRO E 232 8.12 13.63 -96.09
CA PRO E 232 8.96 14.68 -96.69
C PRO E 232 8.40 15.18 -98.01
N THR F 3 14.53 27.04 -51.48
CA THR F 3 15.87 26.87 -50.92
C THR F 3 16.66 25.87 -51.74
N PHE F 4 17.98 26.06 -51.80
CA PHE F 4 18.85 25.31 -52.69
C PHE F 4 20.04 24.77 -51.93
N VAL F 5 20.45 23.55 -52.27
CA VAL F 5 21.53 22.84 -51.58
C VAL F 5 22.46 22.26 -52.64
N SER F 6 23.73 22.65 -52.59
CA SER F 6 24.74 22.22 -53.54
C SER F 6 25.69 21.23 -52.86
N VAL F 7 25.80 20.03 -53.43
CA VAL F 7 26.67 18.99 -52.88
C VAL F 7 27.23 18.18 -54.03
N ALA F 8 28.50 17.80 -53.92
CA ALA F 8 29.15 17.02 -54.96
C ALA F 8 28.64 15.59 -54.96
N PRO F 9 28.80 14.87 -56.07
CA PRO F 9 28.27 13.50 -56.14
C PRO F 9 29.11 12.53 -55.34
N GLY F 10 28.43 11.53 -54.77
CA GLY F 10 29.10 10.52 -53.96
C GLY F 10 29.45 10.99 -52.57
N GLN F 11 28.56 11.72 -51.92
CA GLN F 11 28.84 12.33 -50.62
C GLN F 11 27.60 12.29 -49.74
N THR F 12 27.45 13.26 -48.84
CA THR F 12 26.29 13.35 -47.96
C THR F 12 25.62 14.70 -48.16
N ALA F 13 24.33 14.67 -48.48
CA ALA F 13 23.51 15.87 -48.59
C ALA F 13 22.62 15.99 -47.37
N ARG F 14 22.21 17.22 -47.08
CA ARG F 14 21.39 17.51 -45.91
C ARG F 14 20.34 18.55 -46.25
N ILE F 15 19.07 18.21 -46.00
CA ILE F 15 17.95 19.06 -46.34
C ILE F 15 17.17 19.38 -45.07
N THR F 16 16.90 20.66 -44.85
CA THR F 16 16.09 21.11 -43.74
C THR F 16 14.68 21.45 -44.23
N CYS F 17 13.68 21.09 -43.43
CA CYS F 17 12.30 21.35 -43.80
C CYS F 17 11.45 21.45 -42.54
N GLY F 18 10.47 22.35 -42.58
CA GLY F 18 9.47 22.45 -41.55
C GLY F 18 9.88 23.33 -40.37
N GLU F 19 8.88 23.66 -39.56
CA GLU F 19 9.06 24.44 -38.35
C GLU F 19 9.95 23.67 -37.35
N GLU F 20 10.40 24.39 -36.32
CA GLU F 20 11.08 23.74 -35.22
C GLU F 20 10.16 22.75 -34.52
N SER F 21 10.76 21.69 -33.97
CA SER F 21 9.99 20.68 -33.28
C SER F 21 9.53 21.19 -31.92
N LEU F 22 8.30 20.83 -31.56
CA LEU F 22 7.72 21.19 -30.27
C LEU F 22 7.38 19.99 -29.40
N GLY F 23 7.08 18.84 -30.01
CA GLY F 23 6.84 17.61 -29.27
C GLY F 23 7.43 16.42 -29.99
N SER F 24 6.90 15.22 -29.73
CA SER F 24 7.35 14.04 -30.45
C SER F 24 6.76 14.06 -31.87
N ARG F 25 7.63 13.97 -32.86
CA ARG F 25 7.23 14.17 -34.25
C ARG F 25 7.45 12.92 -35.08
N SER F 26 6.67 12.81 -36.16
CA SER F 26 6.75 11.70 -37.11
C SER F 26 6.76 12.30 -38.52
N VAL F 27 7.87 12.94 -38.87
CA VAL F 27 7.96 13.64 -40.15
C VAL F 27 7.92 12.63 -41.28
N ILE F 28 7.13 12.92 -42.31
CA ILE F 28 7.03 12.10 -43.52
C ILE F 28 7.72 12.86 -44.64
N TRP F 29 8.65 12.20 -45.32
CA TRP F 29 9.43 12.82 -46.38
C TRP F 29 8.95 12.37 -47.76
N TYR F 30 9.03 13.28 -48.72
CA TYR F 30 8.57 13.02 -50.08
C TYR F 30 9.59 13.55 -51.08
N GLN F 31 9.66 12.89 -52.23
CA GLN F 31 10.57 13.23 -53.31
C GLN F 31 9.76 13.52 -54.56
N GLN F 32 9.88 14.74 -55.08
CA GLN F 32 9.16 15.18 -56.27
C GLN F 32 10.16 15.28 -57.42
N ARG F 33 10.12 14.30 -58.32
CA ARG F 33 10.92 14.38 -59.52
C ARG F 33 10.36 15.45 -60.45
N PRO F 34 11.20 16.11 -61.25
CA PRO F 34 10.71 17.20 -62.10
C PRO F 34 9.71 16.70 -63.12
N GLY F 35 8.48 17.20 -63.03
CA GLY F 35 7.43 16.84 -63.95
C GLY F 35 6.75 15.52 -63.65
N GLN F 36 6.98 14.94 -62.48
CA GLN F 36 6.39 13.65 -62.12
C GLN F 36 5.56 13.81 -60.84
N ALA F 37 5.15 12.67 -60.28
CA ALA F 37 4.40 12.67 -59.03
C ALA F 37 5.32 12.38 -57.86
N PRO F 38 5.08 12.98 -56.70
CA PRO F 38 5.93 12.70 -55.53
C PRO F 38 6.01 11.22 -55.22
N SER F 39 7.18 10.78 -54.77
CA SER F 39 7.41 9.40 -54.36
C SER F 39 7.83 9.37 -52.90
N LEU F 40 7.45 8.28 -52.23
CA LEU F 40 7.73 8.14 -50.80
C LEU F 40 9.15 7.62 -50.59
N ILE F 41 9.85 8.20 -49.62
CA ILE F 41 11.21 7.81 -49.25
C ILE F 41 11.30 7.37 -47.79
N ILE F 42 10.75 8.16 -46.89
CA ILE F 42 10.80 7.90 -45.45
C ILE F 42 9.40 8.10 -44.89
N TYR F 43 8.87 7.08 -44.20
CA TYR F 43 7.49 7.08 -43.76
C TYR F 43 7.32 7.16 -42.25
N ASN F 44 8.40 7.25 -41.49
CA ASN F 44 8.26 7.45 -40.04
C ASN F 44 9.53 8.02 -39.44
N ASN F 45 10.02 9.12 -40.00
CA ASN F 45 11.15 9.85 -39.44
C ASN F 45 12.33 8.91 -39.23
N ASN F 46 12.77 8.32 -40.35
CA ASN F 46 13.99 7.52 -40.47
C ASN F 46 13.65 6.04 -40.65
N ASP F 47 12.48 5.75 -41.21
CA ASP F 47 12.10 4.39 -41.57
C ASP F 47 11.81 4.37 -43.07
N ARG F 48 12.62 3.61 -43.82
CA ARG F 48 12.43 3.53 -45.25
C ARG F 48 11.53 2.34 -45.60
N PRO F 49 10.61 2.48 -46.55
CA PRO F 49 9.84 1.33 -47.01
C PRO F 49 10.68 0.50 -47.98
N SER F 50 10.06 -0.55 -48.52
CA SER F 50 10.75 -1.42 -49.46
C SER F 50 10.99 -0.70 -50.78
N GLY F 51 12.25 -0.68 -51.23
CA GLY F 51 12.62 -0.10 -52.49
C GLY F 51 13.49 1.15 -52.40
N ILE F 52 13.65 1.71 -51.21
CA ILE F 52 14.43 2.94 -51.02
C ILE F 52 15.82 2.53 -50.53
N PRO F 53 16.89 3.02 -51.16
CA PRO F 53 18.23 2.60 -50.76
C PRO F 53 18.74 3.37 -49.54
N ASP F 54 19.82 2.85 -48.97
CA ASP F 54 20.51 3.50 -47.86
C ASP F 54 21.66 4.35 -48.39
N ARG F 55 22.21 5.22 -47.54
CA ARG F 55 21.67 5.55 -46.21
C ARG F 55 20.84 6.82 -46.29
N PHE F 56 19.56 6.68 -46.62
CA PHE F 56 18.61 7.78 -46.59
C PHE F 56 18.02 7.84 -45.18
N SER F 57 18.39 8.86 -44.42
CA SER F 57 18.10 8.92 -43.00
C SER F 57 17.54 10.29 -42.62
N GLY F 58 16.64 10.29 -41.64
CA GLY F 58 16.14 11.52 -41.06
C GLY F 58 16.48 11.62 -39.58
N SER F 59 16.44 12.83 -39.04
CA SER F 59 16.77 13.04 -37.63
C SER F 59 15.68 12.46 -36.74
N PRO F 60 16.04 11.74 -35.68
CA PRO F 60 15.02 11.03 -34.88
C PRO F 60 13.96 11.97 -34.35
N GLY F 61 12.72 11.47 -34.31
CA GLY F 61 11.58 12.25 -33.86
C GLY F 61 11.38 12.24 -32.37
N SER F 62 12.49 12.22 -31.62
CA SER F 62 12.46 12.31 -30.17
C SER F 62 13.15 13.56 -29.64
N THR F 63 13.87 14.30 -30.49
CA THR F 63 14.51 15.52 -30.06
C THR F 63 13.53 16.68 -30.13
N PHE F 64 13.47 17.47 -29.07
CA PHE F 64 12.54 18.58 -28.95
C PHE F 64 13.31 19.88 -29.10
N GLY F 65 12.93 20.69 -30.08
CA GLY F 65 13.56 21.96 -30.33
C GLY F 65 14.47 22.04 -31.54
N THR F 66 14.40 21.08 -32.45
CA THR F 66 15.20 21.09 -33.67
C THR F 66 14.29 20.91 -34.87
N THR F 67 14.82 21.26 -36.04
CA THR F 67 14.07 21.11 -37.29
C THR F 67 14.39 19.78 -37.95
N ALA F 68 13.47 19.34 -38.80
CA ALA F 68 13.63 18.05 -39.47
C ALA F 68 14.73 18.13 -40.52
N THR F 69 15.76 17.30 -40.36
CA THR F 69 16.89 17.26 -41.28
C THR F 69 16.93 15.89 -41.95
N LEU F 70 17.24 15.90 -43.25
CA LEU F 70 17.28 14.68 -44.06
C LEU F 70 18.69 14.50 -44.60
N THR F 71 19.36 13.44 -44.15
CA THR F 71 20.69 13.11 -44.63
C THR F 71 20.57 12.10 -45.77
N ILE F 72 21.28 12.37 -46.87
CA ILE F 72 21.29 11.50 -48.04
C ILE F 72 22.74 11.15 -48.32
N THR F 73 23.16 9.96 -47.90
CA THR F 73 24.53 9.52 -48.15
C THR F 73 24.64 8.95 -49.56
N SER F 74 25.83 9.08 -50.13
CA SER F 74 26.09 8.66 -51.51
C SER F 74 25.12 9.37 -52.46
N VAL F 75 25.23 10.69 -52.51
CA VAL F 75 24.33 11.50 -53.32
C VAL F 75 24.68 11.30 -54.79
N GLU F 76 23.65 11.02 -55.59
CA GLU F 76 23.80 10.79 -57.02
C GLU F 76 23.06 11.87 -57.79
N ALA F 77 23.26 11.89 -59.11
CA ALA F 77 22.57 12.85 -59.95
C ALA F 77 21.09 12.50 -60.09
N GLY F 78 20.75 11.21 -59.97
CA GLY F 78 19.36 10.79 -60.08
C GLY F 78 18.49 11.22 -58.92
N ASP F 79 19.09 11.52 -57.77
CA ASP F 79 18.36 12.03 -56.62
C ASP F 79 18.10 13.52 -56.69
N GLU F 80 18.61 14.20 -57.71
CA GLU F 80 18.39 15.63 -57.89
C GLU F 80 16.91 15.87 -58.16
N ALA F 81 16.20 16.42 -57.17
CA ALA F 81 14.77 16.62 -57.26
C ALA F 81 14.33 17.47 -56.09
N ASP F 82 13.04 17.84 -56.10
CA ASP F 82 12.47 18.58 -54.98
C ASP F 82 12.13 17.63 -53.85
N TYR F 83 12.11 18.16 -52.63
CA TYR F 83 11.87 17.35 -51.44
C TYR F 83 10.95 18.11 -50.50
N TYR F 84 9.80 17.52 -50.21
CA TYR F 84 8.80 18.10 -49.33
C TYR F 84 8.71 17.28 -48.04
N CYS F 85 8.13 17.89 -47.01
CA CYS F 85 8.02 17.27 -45.70
C CYS F 85 6.63 17.47 -45.13
N HIS F 86 6.14 16.46 -44.42
CA HIS F 86 4.85 16.54 -43.72
C HIS F 86 5.16 16.41 -42.23
N ILE F 87 5.12 17.53 -41.51
CA ILE F 87 5.47 17.54 -40.10
C ILE F 87 4.26 17.06 -39.28
N TRP F 88 4.51 16.15 -38.35
CA TRP F 88 3.47 15.59 -37.49
C TRP F 88 3.87 15.87 -36.03
N ASP F 89 3.55 17.06 -35.56
CA ASP F 89 3.96 17.52 -34.24
C ASP F 89 2.82 17.30 -33.25
N SER F 90 3.15 16.74 -32.08
CA SER F 90 2.13 16.42 -31.09
C SER F 90 1.48 17.64 -30.50
N ARG F 91 2.11 18.82 -30.60
CA ARG F 91 1.58 20.04 -30.01
C ARG F 91 0.80 20.90 -31.00
N ARG F 92 0.93 20.63 -32.30
CA ARG F 92 0.32 21.45 -33.33
C ARG F 92 -0.85 20.72 -33.97
N PRO F 93 -1.90 21.44 -34.39
CA PRO F 93 -2.97 20.79 -35.16
C PRO F 93 -2.43 20.09 -36.39
N THR F 94 -3.32 19.46 -37.16
CA THR F 94 -2.89 18.72 -38.34
C THR F 94 -2.49 19.68 -39.45
N ASN F 95 -1.33 19.41 -40.05
CA ASN F 95 -0.83 20.23 -41.16
C ASN F 95 -1.38 19.66 -42.47
N TRP F 96 -2.27 20.42 -43.10
CA TRP F 96 -2.83 20.03 -44.39
C TRP F 96 -2.04 20.56 -45.57
N VAL F 97 -0.89 21.19 -45.31
CA VAL F 97 -0.04 21.77 -46.35
C VAL F 97 1.38 21.32 -46.08
N PHE F 98 1.99 20.67 -47.07
CA PHE F 98 3.37 20.23 -46.92
C PHE F 98 4.29 21.44 -46.77
N GLY F 99 5.42 21.22 -46.09
CA GLY F 99 6.40 22.28 -45.99
C GLY F 99 6.94 22.68 -47.35
N GLU F 100 7.48 23.90 -47.41
CA GLU F 100 8.03 24.40 -48.66
C GLU F 100 9.20 23.53 -49.09
N GLY F 101 9.13 23.02 -50.32
CA GLY F 101 10.10 22.04 -50.77
C GLY F 101 11.50 22.62 -50.91
N THR F 102 12.48 21.72 -50.89
CA THR F 102 13.89 22.05 -51.00
C THR F 102 14.45 21.36 -52.22
N THR F 103 15.04 22.14 -53.13
CA THR F 103 15.57 21.60 -54.38
C THR F 103 17.02 21.19 -54.18
N LEU F 104 17.35 19.97 -54.59
CA LEU F 104 18.71 19.45 -54.48
C LEU F 104 19.48 19.75 -55.75
N ILE F 105 20.69 20.27 -55.61
CA ILE F 105 21.58 20.54 -56.73
C ILE F 105 22.80 19.63 -56.59
N VAL F 106 22.98 18.73 -57.56
CA VAL F 106 24.15 17.88 -57.62
C VAL F 106 25.17 18.54 -58.54
N LEU F 107 26.36 18.81 -58.01
CA LEU F 107 27.35 19.62 -58.70
C LEU F 107 28.10 18.81 -59.76
N SER F 108 28.90 19.53 -60.54
CA SER F 108 29.76 18.94 -61.55
C SER F 108 28.96 18.06 -62.51
N GLN F 109 27.81 18.58 -62.95
CA GLN F 109 27.06 17.92 -63.99
C GLN F 109 27.87 17.94 -65.29
N PRO F 110 27.62 16.98 -66.19
CA PRO F 110 28.54 16.81 -67.34
C PRO F 110 28.92 18.09 -68.05
N LYS F 111 27.95 18.96 -68.36
CA LYS F 111 28.06 20.09 -69.30
C LYS F 111 27.60 19.60 -70.66
N ALA F 112 26.86 20.43 -71.39
CA ALA F 112 26.23 19.98 -72.63
C ALA F 112 26.12 21.12 -73.63
N ALA F 113 26.64 20.88 -74.83
CA ALA F 113 26.43 21.81 -75.94
C ALA F 113 24.99 21.68 -76.42
N PRO F 114 24.28 22.79 -76.63
CA PRO F 114 22.85 22.68 -76.96
C PRO F 114 22.63 22.05 -78.33
N SER F 115 21.68 21.12 -78.38
CA SER F 115 21.24 20.52 -79.63
C SER F 115 20.06 21.34 -80.14
N VAL F 116 20.31 22.22 -81.10
CA VAL F 116 19.30 23.10 -81.67
C VAL F 116 18.81 22.50 -82.97
N THR F 117 17.54 22.73 -83.27
CA THR F 117 16.92 22.23 -84.50
C THR F 117 15.90 23.25 -84.97
N LEU F 118 16.04 23.73 -86.20
CA LEU F 118 15.19 24.77 -86.75
C LEU F 118 14.27 24.15 -87.82
N PHE F 119 12.96 24.31 -87.63
CA PHE F 119 11.96 23.79 -88.56
C PHE F 119 11.23 24.95 -89.22
N PRO F 120 11.09 24.95 -90.54
CA PRO F 120 10.33 26.02 -91.21
C PRO F 120 8.84 25.79 -91.10
N PRO F 121 8.02 26.67 -91.66
CA PRO F 121 6.57 26.46 -91.63
C PRO F 121 6.11 25.45 -92.66
N SER F 122 5.07 24.70 -92.29
CA SER F 122 4.54 23.65 -93.15
C SER F 122 3.76 24.26 -94.32
N SER F 123 3.55 23.44 -95.35
CA SER F 123 2.83 23.89 -96.54
C SER F 123 1.34 24.03 -96.25
N GLU F 124 0.78 23.13 -95.44
CA GLU F 124 -0.63 23.21 -95.11
C GLU F 124 -0.94 24.43 -94.25
N GLU F 125 0.05 24.91 -93.49
CA GLU F 125 -0.14 26.13 -92.72
C GLU F 125 -0.06 27.37 -93.59
N LEU F 126 0.83 27.35 -94.59
CA LEU F 126 0.88 28.44 -95.57
C LEU F 126 -0.45 28.56 -96.31
N GLN F 127 -1.06 27.43 -96.66
CA GLN F 127 -2.39 27.45 -97.24
C GLN F 127 -3.42 27.99 -96.25
N ALA F 128 -3.13 27.94 -94.95
CA ALA F 128 -3.98 28.52 -93.93
C ALA F 128 -3.57 29.95 -93.56
N ASN F 129 -2.70 30.57 -94.37
CA ASN F 129 -2.32 31.97 -94.17
C ASN F 129 -1.57 32.17 -92.85
N LYS F 130 -0.77 31.18 -92.47
CA LYS F 130 0.01 31.26 -91.24
C LYS F 130 1.42 30.77 -91.51
N ALA F 131 2.36 31.26 -90.70
CA ALA F 131 3.74 30.79 -90.74
C ALA F 131 4.33 30.91 -89.34
N THR F 132 5.11 29.90 -88.96
CA THR F 132 5.76 29.90 -87.65
C THR F 132 7.07 29.12 -87.74
N LEU F 133 8.18 29.82 -87.53
CA LEU F 133 9.47 29.16 -87.39
C LEU F 133 9.63 28.64 -85.97
N VAL F 134 10.18 27.43 -85.84
CA VAL F 134 10.37 26.78 -84.55
C VAL F 134 11.81 26.31 -84.47
N CYS F 135 12.56 26.84 -83.51
CA CYS F 135 13.85 26.24 -83.12
C CYS F 135 13.67 25.57 -81.77
N LEU F 136 13.90 24.26 -81.73
CA LEU F 136 13.78 23.46 -80.52
C LEU F 136 15.17 23.15 -79.99
N ILE F 137 15.38 23.43 -78.71
CA ILE F 137 16.70 23.32 -78.08
C ILE F 137 16.60 22.26 -76.99
N SER F 138 17.50 21.29 -77.01
CA SER F 138 17.48 20.23 -76.03
C SER F 138 18.90 19.77 -75.74
N ASP F 139 19.04 19.03 -74.65
CA ASP F 139 20.32 18.44 -74.24
C ASP F 139 21.37 19.52 -74.00
N PHE F 140 20.99 20.57 -73.30
CA PHE F 140 21.91 21.65 -72.94
C PHE F 140 21.89 21.84 -71.43
N TYR F 141 23.07 22.11 -70.86
CA TYR F 141 23.22 22.27 -69.42
C TYR F 141 24.23 23.36 -69.13
N PRO F 142 23.97 24.23 -68.14
CA PRO F 142 22.74 24.34 -67.34
C PRO F 142 21.61 25.03 -68.10
N GLY F 143 20.41 25.02 -67.53
CA GLY F 143 19.27 25.65 -68.16
C GLY F 143 19.31 27.16 -68.11
N ALA F 144 20.07 27.77 -69.02
CA ALA F 144 20.17 29.23 -69.07
C ALA F 144 20.60 29.61 -70.49
N VAL F 145 19.60 29.88 -71.34
CA VAL F 145 19.83 30.18 -72.75
C VAL F 145 19.05 31.44 -73.10
N THR F 146 19.52 32.12 -74.15
CA THR F 146 18.85 33.31 -74.66
C THR F 146 18.79 33.22 -76.18
N VAL F 147 17.58 33.32 -76.72
CA VAL F 147 17.33 33.15 -78.15
C VAL F 147 17.18 34.52 -78.80
N ALA F 148 17.76 34.65 -79.99
CA ALA F 148 17.63 35.87 -80.79
C ALA F 148 17.39 35.47 -82.23
N TRP F 149 16.36 36.04 -82.84
CA TRP F 149 16.04 35.76 -84.23
C TRP F 149 16.68 36.79 -85.14
N LYS F 150 16.91 36.39 -86.39
CA LYS F 150 17.55 37.24 -87.38
C LYS F 150 16.90 37.01 -88.73
N ALA F 151 16.76 38.08 -89.51
CA ALA F 151 16.21 38.04 -90.86
C ALA F 151 17.37 38.32 -91.81
N ASP F 152 18.11 37.26 -92.15
CA ASP F 152 19.31 37.36 -92.99
C ASP F 152 20.10 38.62 -92.68
N SER F 153 20.58 38.71 -91.44
CA SER F 153 21.40 39.79 -90.92
C SER F 153 20.57 40.98 -90.44
N SER F 154 19.24 40.86 -90.40
CA SER F 154 18.38 41.86 -89.81
C SER F 154 17.74 41.31 -88.54
N PRO F 155 17.79 42.03 -87.42
CA PRO F 155 17.25 41.47 -86.18
C PRO F 155 15.73 41.55 -86.12
N VAL F 156 15.14 40.53 -85.50
CA VAL F 156 13.70 40.45 -85.30
C VAL F 156 13.40 40.83 -83.86
N LYS F 157 12.62 41.89 -83.68
CA LYS F 157 12.33 42.43 -82.35
C LYS F 157 11.11 41.76 -81.72
N ALA F 158 9.98 41.82 -82.41
CA ALA F 158 8.71 41.31 -81.88
C ALA F 158 8.29 40.04 -82.59
N GLY F 159 7.25 39.41 -82.06
CA GLY F 159 6.75 38.15 -82.59
C GLY F 159 7.40 36.92 -82.02
N VAL F 160 8.39 37.07 -81.14
CA VAL F 160 9.15 35.95 -80.61
C VAL F 160 8.48 35.48 -79.33
N GLU F 161 8.13 34.19 -79.28
CA GLU F 161 7.53 33.57 -78.10
C GLU F 161 8.40 32.40 -77.69
N THR F 162 8.97 32.48 -76.48
CA THR F 162 9.99 31.54 -76.03
C THR F 162 9.62 30.98 -74.67
N THR F 163 9.80 29.66 -74.50
CA THR F 163 9.56 29.01 -73.23
C THR F 163 10.75 29.21 -72.29
N THR F 164 10.53 28.88 -71.01
CA THR F 164 11.62 28.91 -70.05
C THR F 164 12.28 27.53 -69.95
N PRO F 165 13.60 27.47 -69.74
CA PRO F 165 14.26 26.17 -69.67
C PRO F 165 13.55 25.23 -68.70
N SER F 166 13.59 23.94 -69.02
CA SER F 166 12.84 22.95 -68.26
C SER F 166 13.55 21.60 -68.37
N LYS F 167 14.16 21.15 -67.28
CA LYS F 167 14.79 19.85 -67.25
C LYS F 167 13.74 18.75 -67.47
N GLN F 168 14.20 17.62 -68.01
CA GLN F 168 13.29 16.53 -68.39
C GLN F 168 13.93 15.19 -67.99
N SER F 169 13.62 14.74 -66.77
CA SER F 169 14.02 13.43 -66.28
C SER F 169 15.42 13.04 -66.74
N ASN F 170 16.35 14.00 -66.65
CA ASN F 170 17.71 13.81 -67.13
C ASN F 170 18.45 15.12 -66.92
N ASN F 171 19.70 15.22 -67.37
CA ASN F 171 20.36 16.52 -67.45
C ASN F 171 19.87 17.35 -68.63
N LYS F 172 18.99 16.78 -69.45
CA LYS F 172 18.48 17.44 -70.65
C LYS F 172 17.43 18.48 -70.28
N TYR F 173 17.71 19.73 -70.63
CA TYR F 173 16.72 20.80 -70.56
C TYR F 173 16.05 20.97 -71.91
N ALA F 174 14.87 21.60 -71.90
CA ALA F 174 14.09 21.79 -73.11
C ALA F 174 13.66 23.24 -73.24
N ALA F 175 13.61 23.71 -74.49
CA ALA F 175 13.19 25.08 -74.77
C ALA F 175 12.71 25.16 -76.21
N SER F 176 11.58 25.82 -76.42
CA SER F 176 10.97 25.97 -77.73
C SER F 176 10.78 27.44 -78.02
N SER F 177 11.33 27.91 -79.13
CA SER F 177 11.19 29.30 -79.55
C SER F 177 10.40 29.34 -80.85
N TYR F 178 9.27 30.04 -80.82
CA TYR F 178 8.42 30.20 -81.99
C TYR F 178 8.52 31.63 -82.50
N LEU F 179 8.48 31.79 -83.82
CA LEU F 179 8.46 33.11 -84.45
C LEU F 179 7.33 33.13 -85.46
N SER F 180 6.36 34.01 -85.24
CA SER F 180 5.15 34.05 -86.04
C SER F 180 5.32 35.01 -87.21
N LEU F 181 5.05 34.52 -88.43
CA LEU F 181 5.18 35.31 -89.64
C LEU F 181 3.98 35.05 -90.54
N THR F 182 3.92 35.82 -91.63
CA THR F 182 2.89 35.69 -92.66
C THR F 182 3.48 35.05 -93.92
N PRO F 183 2.67 34.36 -94.72
CA PRO F 183 3.22 33.64 -95.89
C PRO F 183 4.08 34.49 -96.81
N GLU F 184 3.82 35.79 -96.90
CA GLU F 184 4.65 36.65 -97.74
C GLU F 184 5.99 36.98 -97.08
N GLN F 185 5.99 37.13 -95.75
CA GLN F 185 7.21 37.50 -95.05
C GLN F 185 8.27 36.41 -95.15
N TRP F 186 7.86 35.14 -95.19
CA TRP F 186 8.81 34.06 -95.34
C TRP F 186 9.54 34.16 -96.69
N LYS F 187 8.77 34.17 -97.79
CA LYS F 187 9.37 34.24 -99.11
C LYS F 187 10.12 35.55 -99.33
N SER F 188 9.79 36.60 -98.58
CA SER F 188 10.40 37.90 -98.78
C SER F 188 11.91 37.82 -98.56
N HIS F 189 12.33 37.77 -97.30
CA HIS F 189 13.75 37.73 -96.99
C HIS F 189 14.39 36.45 -97.52
N LYS F 190 15.71 36.49 -97.66
CA LYS F 190 16.43 35.39 -98.27
C LYS F 190 16.51 34.18 -97.35
N SER F 191 16.72 34.41 -96.05
CA SER F 191 16.79 33.32 -95.09
C SER F 191 16.61 33.87 -93.69
N TYR F 192 16.21 33.00 -92.78
CA TYR F 192 15.98 33.34 -91.39
C TYR F 192 16.86 32.47 -90.50
N SER F 193 17.29 33.04 -89.37
CA SER F 193 18.22 32.38 -88.47
C SER F 193 17.74 32.46 -87.03
N CYS F 194 17.95 31.38 -86.28
CA CYS F 194 17.70 31.32 -84.85
C CYS F 194 19.06 31.18 -84.15
N GLN F 195 19.43 32.19 -83.37
CA GLN F 195 20.69 32.18 -82.64
C GLN F 195 20.41 31.90 -81.17
N VAL F 196 20.90 30.76 -80.68
CA VAL F 196 20.78 30.39 -79.28
C VAL F 196 22.11 30.68 -78.60
N THR F 197 22.11 31.66 -77.70
CA THR F 197 23.30 32.02 -76.95
C THR F 197 23.30 31.22 -75.64
N HIS F 198 24.25 30.31 -75.51
CA HIS F 198 24.35 29.43 -74.36
C HIS F 198 25.78 29.47 -73.83
N GLU F 199 25.94 29.95 -72.60
CA GLU F 199 27.24 29.96 -71.92
C GLU F 199 28.35 30.49 -72.82
N GLY F 200 28.31 31.81 -73.06
CA GLY F 200 29.37 32.47 -73.79
C GLY F 200 29.47 32.12 -75.27
N SER F 201 28.99 30.94 -75.65
CA SER F 201 28.99 30.50 -77.04
C SER F 201 27.61 30.74 -77.65
N THR F 202 27.57 30.70 -78.98
CA THR F 202 26.35 31.01 -79.72
C THR F 202 26.23 30.05 -80.90
N VAL F 203 25.17 29.25 -80.92
CA VAL F 203 24.89 28.33 -82.01
C VAL F 203 23.78 28.94 -82.86
N GLU F 204 24.00 29.00 -84.18
CA GLU F 204 23.05 29.56 -85.11
C GLU F 204 22.63 28.49 -86.11
N LYS F 205 21.33 28.48 -86.44
CA LYS F 205 20.82 27.61 -87.50
C LYS F 205 19.87 28.40 -88.38
N THR F 206 19.99 28.20 -89.68
CA THR F 206 19.34 29.02 -90.69
C THR F 206 18.42 28.18 -91.57
N VAL F 207 17.49 28.85 -92.23
CA VAL F 207 16.55 28.20 -93.14
C VAL F 207 16.22 29.17 -94.27
N ALA F 208 16.14 28.65 -95.49
CA ALA F 208 15.89 29.47 -96.66
C ALA F 208 14.62 29.00 -97.40
N PRO F 209 13.89 29.91 -98.04
CA PRO F 209 12.70 29.49 -98.79
C PRO F 209 13.07 28.75 -100.06
N THR F 210 12.07 28.02 -100.57
CA THR F 210 12.23 27.26 -101.81
C THR F 210 11.39 27.87 -102.92
#